data_8QCM
#
_entry.id   8QCM
#
_cell.length_a   1.00
_cell.length_b   1.00
_cell.length_c   1.00
_cell.angle_alpha   90.00
_cell.angle_beta   90.00
_cell.angle_gamma   90.00
#
_symmetry.space_group_name_H-M   'P 1'
#
loop_
_entity.id
_entity.type
_entity.pdbx_description
1 polymer 'Broad substrate specificity ATP-binding cassette transporter ABCG2'
2 polymer '5D3(Fab) light chain variable domain'
3 polymer '5D3(Fab) heavy chain variable domain'
4 branched 2-acetamido-2-deoxy-beta-D-glucopyranose-(1-4)-2-acetamido-2-deoxy-beta-D-glucopyranose
5 non-polymer (2~{S},5~{S},8~{S})-14-methoxy-2-(2-methylpropyl)-5-(phenylmethyl)-3,6,17-triazatetracyclo[8.7.0.0^{3,8}.0^{11,16}]heptadeca-1(10),11,13,15-tetraene-4,7-dione
6 non-polymer CHOLESTEROL
7 water water
#
loop_
_entity_poly.entity_id
_entity_poly.type
_entity_poly.pdbx_seq_one_letter_code
_entity_poly.pdbx_strand_id
1 'polypeptide(L)'
;MDYKDDDDKGSSSSNVEVFIPVSQGNTNGFPATASNDLKAFTEGAVLSFHNICYRVKLKSGFLPCRKPVEKEILSNINGI
MKPGLNAILGPTGGGKSSLLDVLAARKDPSGLSGDVLINGAPRPANFKCNSGYVVQDDVVMGTLTVRENLQFSAALRLAT
TMTNHEKNERINRVIQELGLDKVADSKVGTQFIRGVSGGERKRTSIGMELITDPSILFLDEPTTGLDSSTANAVLLLLKR
MSKQGRTIIFSIHQPRYSIFKLFDSLTLLASGRLMFHGPAQEALGYFESAGYHCEAYNNPADFFLDIINGDSTAVALNRE
EDFKATEIIEPSKQDKPLIEKLAEIYVNSSFYKETKAELHQLSGGEKKKKITVFKEISYTTSFCHQLRWVSKRSFKNLLG
NPQASIAQIIVTVVLGLVIGAIYFGLKNDSTGIQNRAGVLFFLTTNQCFSSVSAVELFVVEKKLFIHEYISGYYRVSSYF
LGKLLSDLLPMRMLPSIIFTCIVYFMLGLKPKADAFFVMMFTLMMVAYSASSMALAIAAGQSVVSVATLLMTICFVFMMI
FSGLLVNLTTIASWLSWLQYFSIPRYGFTALQHNEFLGQNFCPGLNATGNNPCNYATCTGEEYLVKQGIDLSPWGLWKNH
VALACMIVIFLTIAYLKLLFLKKYS
;
A,B
2 'polypeptide(L)'
;DIVLTQSPSSFSVSLGDRVTISCKASGYILNRLAWYQQKPGNAPRLLISGATSLETGFPSRFSGTGSGKDYTLSISSLQT
EDVGTYYCQQYWSTPWTFGGGTKLEIRRADAAPTVSIFPPSSEQLTSGGASVVCFLNNFYPKDINVKWKIDGSERQNGVL
NSWTDQDSKDSTYSMSSTLTLTKDEYERHNSYTCEATHKTSTSPIVKSFNRNEC
;
C,E
3 'polypeptide(L)'
;QVQLQESGPGLVKPSQSLSLTCTVTGFSITSDYAWNWIRQFPGKKLEWMGYINFDGGTTYNPSLRGRISITRDTSKNQFF
LQLRSVTPEDTATYYCATFYGAKGTLDYWGQGTSVTVSSAKTTPPSVYPLAPVCGDTSGSSVTLGCLVKGYFPEPVTLTW
NSGSLSSGVHTFPAVLQSDLYTLSSSVTVTSSTWPSQSITCNVAHPASSTKVDKKIEPRGP
;
D,F
#
loop_
_chem_comp.id
_chem_comp.type
_chem_comp.name
_chem_comp.formula
CLR non-polymer CHOLESTEROL 'C27 H46 O'
NAG D-saccharide, beta linking 2-acetamido-2-deoxy-beta-D-glucopyranose 'C8 H15 N O6'
V0U non-polymer (2~{S},5~{S},8~{S})-14-methoxy-2-(2-methylpropyl)-5-(phenylmethyl)-3,6,17-triazatetracyclo[8.7.0.0^{3,8}.0^{11,16}]heptadeca-1(10),11,13,15-tetraene-4,7-dione 'C26 H29 N3 O3'
#
# COMPACT_ATOMS: atom_id res chain seq x y z
N GLY A 44 19.62 -57.44 -6.72
CA GLY A 44 19.35 -56.12 -7.26
C GLY A 44 20.51 -55.16 -7.09
N ALA A 45 20.25 -54.03 -6.46
CA ALA A 45 21.24 -52.98 -6.25
C ALA A 45 21.56 -52.88 -4.77
N VAL A 46 22.86 -52.89 -4.45
CA VAL A 46 23.33 -52.88 -3.07
C VAL A 46 24.05 -51.57 -2.83
N LEU A 47 23.52 -50.76 -1.93
CA LEU A 47 24.12 -49.48 -1.56
C LEU A 47 24.91 -49.67 -0.28
N SER A 48 26.19 -49.36 -0.33
CA SER A 48 27.09 -49.53 0.81
C SER A 48 27.77 -48.20 1.11
N PHE A 49 27.80 -47.83 2.39
CA PHE A 49 28.45 -46.62 2.83
C PHE A 49 29.47 -46.97 3.90
N HIS A 50 30.70 -46.47 3.76
CA HIS A 50 31.81 -46.85 4.61
C HIS A 50 32.48 -45.62 5.19
N ASN A 51 32.51 -45.55 6.53
CA ASN A 51 33.27 -44.53 7.25
C ASN A 51 32.86 -43.13 6.82
N ILE A 52 31.55 -42.89 6.79
CA ILE A 52 31.03 -41.58 6.40
C ILE A 52 31.24 -40.59 7.52
N CYS A 53 31.72 -39.40 7.16
CA CYS A 53 31.81 -38.28 8.08
C CYS A 53 31.29 -37.04 7.38
N TYR A 54 30.34 -36.35 8.00
CA TYR A 54 29.77 -35.13 7.43
C TYR A 54 29.94 -33.98 8.42
N ARG A 55 30.62 -32.93 7.99
CA ARG A 55 30.80 -31.72 8.77
C ARG A 55 30.28 -30.53 7.97
N VAL A 56 29.56 -29.64 8.66
CA VAL A 56 29.04 -28.44 8.03
C VAL A 56 29.59 -27.20 8.71
N GLU A 70 32.86 -25.31 11.61
CA GLU A 70 32.53 -26.52 10.86
C GLU A 70 32.12 -27.65 11.80
N LYS A 71 30.91 -27.54 12.35
CA LYS A 71 30.38 -28.57 13.21
C LYS A 71 30.18 -29.88 12.45
N GLU A 72 30.36 -30.99 13.15
CA GLU A 72 30.13 -32.32 12.60
C GLU A 72 28.76 -32.80 13.06
N ILE A 73 27.90 -33.15 12.11
CA ILE A 73 26.57 -33.64 12.43
C ILE A 73 26.43 -35.14 12.15
N LEU A 74 27.37 -35.74 11.44
CA LEU A 74 27.36 -37.17 11.16
C LEU A 74 28.75 -37.73 11.42
N SER A 75 28.91 -38.43 12.54
CA SER A 75 30.19 -39.00 12.92
C SER A 75 30.41 -40.29 12.14
N ASN A 76 31.41 -41.08 12.54
CA ASN A 76 31.73 -42.30 11.81
C ASN A 76 30.52 -43.21 11.74
N ILE A 77 30.01 -43.42 10.52
CA ILE A 77 28.83 -44.25 10.28
C ILE A 77 29.09 -45.10 9.05
N ASN A 78 28.75 -46.39 9.14
CA ASN A 78 28.93 -47.28 8.01
C ASN A 78 27.92 -48.41 8.10
N GLY A 79 27.57 -48.94 6.93
CA GLY A 79 26.56 -49.98 6.85
C GLY A 79 26.35 -50.38 5.41
N ILE A 80 25.39 -51.28 5.22
CA ILE A 80 25.02 -51.77 3.89
C ILE A 80 23.50 -51.89 3.83
N MET A 81 22.92 -51.46 2.71
CA MET A 81 21.48 -51.50 2.51
C MET A 81 21.18 -52.33 1.27
N LYS A 82 20.61 -53.50 1.46
CA LYS A 82 20.30 -54.43 0.38
C LYS A 82 18.87 -54.24 -0.11
N PRO A 83 18.45 -54.97 -1.16
CA PRO A 83 17.03 -54.94 -1.56
C PRO A 83 16.08 -55.21 -0.40
N GLY A 84 14.86 -54.70 -0.51
CA GLY A 84 13.90 -54.79 0.58
C GLY A 84 13.86 -53.54 1.42
N LEU A 85 12.94 -53.54 2.39
CA LEU A 85 12.69 -52.36 3.21
C LEU A 85 13.85 -52.11 4.17
N ASN A 86 14.51 -50.98 4.01
CA ASN A 86 15.59 -50.55 4.89
C ASN A 86 15.17 -49.26 5.57
N ALA A 87 15.18 -49.26 6.90
CA ALA A 87 14.64 -48.16 7.66
C ALA A 87 15.73 -47.50 8.50
N ILE A 88 15.54 -46.21 8.75
CA ILE A 88 16.45 -45.43 9.57
C ILE A 88 15.63 -44.74 10.65
N LEU A 89 16.04 -44.91 11.90
CA LEU A 89 15.27 -44.44 13.04
C LEU A 89 16.15 -43.56 13.93
N GLY A 90 15.50 -42.87 14.86
CA GLY A 90 16.20 -42.04 15.80
C GLY A 90 15.44 -40.79 16.19
N PRO A 91 16.05 -39.94 17.00
CA PRO A 91 15.41 -38.67 17.36
C PRO A 91 15.33 -37.73 16.17
N THR A 92 14.53 -36.68 16.33
CA THR A 92 14.27 -35.75 15.23
C THR A 92 15.57 -35.12 14.72
N GLY A 93 16.42 -34.66 15.63
CA GLY A 93 17.69 -34.11 15.24
C GLY A 93 18.83 -35.11 15.23
N GLY A 94 18.54 -36.40 15.39
CA GLY A 94 19.60 -37.39 15.54
C GLY A 94 20.49 -37.52 14.31
N GLY A 95 19.88 -37.54 13.13
CA GLY A 95 20.66 -37.68 11.91
C GLY A 95 20.13 -38.69 10.92
N LYS A 96 18.90 -39.16 11.13
CA LYS A 96 18.28 -40.05 10.14
C LYS A 96 18.05 -39.32 8.83
N SER A 97 17.57 -38.08 8.89
CA SER A 97 17.34 -37.30 7.69
C SER A 97 18.65 -36.92 7.01
N SER A 98 19.66 -36.54 7.81
CA SER A 98 20.94 -36.19 7.22
C SER A 98 21.58 -37.37 6.51
N LEU A 99 21.51 -38.56 7.11
CA LEU A 99 22.03 -39.74 6.45
C LEU A 99 21.27 -40.03 5.17
N LEU A 100 19.95 -39.86 5.20
CA LEU A 100 19.16 -40.11 3.99
C LEU A 100 19.55 -39.16 2.86
N ASP A 101 19.76 -37.88 3.18
CA ASP A 101 20.20 -36.93 2.16
C ASP A 101 21.59 -37.27 1.65
N VAL A 102 22.50 -37.66 2.54
CA VAL A 102 23.86 -37.99 2.11
C VAL A 102 23.85 -39.19 1.16
N LEU A 103 23.07 -40.22 1.51
CA LEU A 103 23.04 -41.40 0.66
C LEU A 103 22.37 -41.14 -0.68
N ALA A 104 21.48 -40.14 -0.74
CA ALA A 104 20.76 -39.81 -1.96
C ALA A 104 21.49 -38.79 -2.82
N ALA A 105 22.63 -38.28 -2.36
CA ALA A 105 23.40 -37.24 -3.04
C ALA A 105 22.67 -35.90 -3.08
N ARG A 106 21.76 -35.68 -2.13
CA ARG A 106 21.04 -34.42 -2.01
C ARG A 106 21.76 -33.42 -1.12
N LYS A 107 23.07 -33.58 -0.93
CA LYS A 107 23.84 -32.68 -0.08
C LYS A 107 25.13 -32.32 -0.78
N ASP A 108 25.67 -31.16 -0.42
CA ASP A 108 26.89 -30.67 -1.04
C ASP A 108 28.05 -31.58 -0.70
N PRO A 109 28.84 -32.01 -1.70
CA PRO A 109 29.94 -32.97 -1.42
C PRO A 109 31.08 -32.38 -0.62
N SER A 110 31.00 -31.13 -0.17
CA SER A 110 32.07 -30.57 0.64
C SER A 110 32.19 -31.29 1.97
N GLY A 111 31.08 -31.39 2.70
CA GLY A 111 31.12 -31.98 4.02
C GLY A 111 31.35 -33.48 4.04
N LEU A 112 31.05 -34.16 2.93
CA LEU A 112 31.18 -35.60 2.89
C LEU A 112 32.65 -36.01 3.00
N SER A 113 32.91 -37.04 3.81
CA SER A 113 34.26 -37.53 4.02
C SER A 113 34.32 -39.05 4.03
N GLY A 114 33.45 -39.71 3.28
CA GLY A 114 33.42 -41.15 3.28
C GLY A 114 33.37 -41.75 1.89
N ASP A 115 32.94 -43.01 1.80
CA ASP A 115 32.82 -43.72 0.53
C ASP A 115 31.42 -44.29 0.40
N VAL A 116 30.79 -44.05 -0.74
CA VAL A 116 29.48 -44.61 -1.07
C VAL A 116 29.62 -45.38 -2.36
N LEU A 117 29.15 -46.63 -2.36
CA LEU A 117 29.25 -47.48 -3.54
C LEU A 117 27.92 -48.17 -3.77
N ILE A 118 27.58 -48.34 -5.04
CA ILE A 118 26.40 -49.10 -5.45
C ILE A 118 26.88 -50.30 -6.24
N ASN A 119 26.55 -51.50 -5.76
CA ASN A 119 27.04 -52.74 -6.33
C ASN A 119 28.56 -52.75 -6.42
N GLY A 120 29.23 -52.11 -5.48
CA GLY A 120 30.67 -52.11 -5.41
C GLY A 120 31.37 -51.12 -6.30
N ALA A 121 30.67 -50.16 -6.88
CA ALA A 121 31.27 -49.14 -7.72
C ALA A 121 30.85 -47.76 -7.26
N PRO A 122 31.69 -46.74 -7.45
CA PRO A 122 31.33 -45.39 -7.00
C PRO A 122 30.11 -44.87 -7.74
N ARG A 123 29.41 -43.94 -7.09
CA ARG A 123 28.19 -43.38 -7.66
C ARG A 123 28.50 -42.59 -8.92
N PRO A 124 27.89 -42.93 -10.05
CA PRO A 124 28.15 -42.18 -11.29
C PRO A 124 27.54 -40.77 -11.23
N ALA A 125 27.84 -39.99 -12.27
CA ALA A 125 27.41 -38.60 -12.30
C ALA A 125 25.89 -38.49 -12.38
N ASN A 126 25.25 -39.36 -13.18
CA ASN A 126 23.81 -39.30 -13.39
C ASN A 126 23.04 -40.09 -12.34
N PHE A 127 23.59 -40.26 -11.14
CA PHE A 127 22.92 -41.05 -10.11
C PHE A 127 21.59 -40.44 -9.72
N LYS A 128 21.54 -39.12 -9.51
CA LYS A 128 20.29 -38.48 -9.09
C LYS A 128 19.21 -38.65 -10.13
N CYS A 129 19.59 -38.77 -11.40
CA CYS A 129 18.59 -38.97 -12.45
C CYS A 129 18.05 -40.38 -12.48
N ASN A 130 18.83 -41.36 -12.02
CA ASN A 130 18.43 -42.76 -12.09
C ASN A 130 17.88 -43.30 -10.78
N SER A 131 17.74 -42.47 -9.76
CA SER A 131 17.20 -42.90 -8.47
C SER A 131 16.08 -41.97 -8.04
N GLY A 132 14.92 -42.54 -7.75
CA GLY A 132 13.80 -41.77 -7.29
C GLY A 132 13.99 -41.28 -5.86
N TYR A 133 13.37 -40.15 -5.55
CA TYR A 133 13.42 -39.58 -4.22
C TYR A 133 12.07 -38.94 -3.92
N VAL A 134 11.42 -39.38 -2.86
CA VAL A 134 10.08 -38.93 -2.49
C VAL A 134 10.21 -37.99 -1.31
N VAL A 135 9.76 -36.75 -1.49
CA VAL A 135 9.94 -35.72 -0.48
C VAL A 135 8.89 -35.88 0.62
N GLN A 136 9.21 -35.38 1.81
CA GLN A 136 8.26 -35.46 2.92
C GLN A 136 7.00 -34.65 2.62
N ASP A 137 7.15 -33.34 2.47
CA ASP A 137 6.04 -32.49 2.06
C ASP A 137 5.80 -32.69 0.58
N ASP A 138 4.59 -33.13 0.22
CA ASP A 138 4.29 -33.43 -1.17
C ASP A 138 4.38 -32.16 -2.01
N VAL A 139 4.89 -32.33 -3.24
CA VAL A 139 5.03 -31.24 -4.18
C VAL A 139 4.22 -31.47 -5.44
N VAL A 140 3.25 -32.39 -5.40
CA VAL A 140 2.39 -32.60 -6.55
C VAL A 140 1.53 -31.36 -6.77
N MET A 141 1.28 -31.04 -8.03
CA MET A 141 0.46 -29.89 -8.37
C MET A 141 -0.99 -30.22 -8.07
N GLY A 142 -1.59 -29.46 -7.16
CA GLY A 142 -2.96 -29.76 -6.76
C GLY A 142 -3.96 -29.55 -7.87
N THR A 143 -3.78 -28.51 -8.67
CA THR A 143 -4.75 -28.17 -9.70
C THR A 143 -4.75 -29.17 -10.85
N LEU A 144 -3.80 -30.09 -10.89
CA LEU A 144 -3.78 -31.11 -11.93
C LEU A 144 -4.39 -32.41 -11.42
N THR A 145 -4.62 -33.34 -12.33
CA THR A 145 -5.09 -34.66 -11.97
C THR A 145 -3.90 -35.61 -11.81
N VAL A 146 -4.20 -36.82 -11.31
CA VAL A 146 -3.15 -37.82 -11.13
C VAL A 146 -2.47 -38.13 -12.46
N ARG A 147 -3.27 -38.38 -13.50
CA ARG A 147 -2.68 -38.69 -14.80
C ARG A 147 -1.93 -37.50 -15.36
N GLU A 148 -2.38 -36.28 -15.07
CA GLU A 148 -1.69 -35.10 -15.58
C GLU A 148 -0.32 -34.93 -14.95
N ASN A 149 -0.23 -35.12 -13.63
CA ASN A 149 1.07 -35.05 -12.95
C ASN A 149 2.00 -36.12 -13.49
N LEU A 150 1.50 -37.34 -13.65
CA LEU A 150 2.34 -38.40 -14.19
C LEU A 150 2.77 -38.11 -15.62
N GLN A 151 1.90 -37.50 -16.41
CA GLN A 151 2.25 -37.18 -17.79
C GLN A 151 3.34 -36.11 -17.84
N PHE A 152 3.24 -35.10 -16.99
CA PHE A 152 4.30 -34.08 -16.92
C PHE A 152 5.63 -34.72 -16.54
N SER A 153 5.63 -35.55 -15.50
CA SER A 153 6.86 -36.20 -15.07
C SER A 153 7.42 -37.11 -16.17
N ALA A 154 6.55 -37.89 -16.82
CA ALA A 154 7.00 -38.78 -17.88
C ALA A 154 7.54 -38.00 -19.06
N ALA A 155 6.92 -36.87 -19.38
CA ALA A 155 7.35 -36.07 -20.53
C ALA A 155 8.73 -35.48 -20.30
N LEU A 156 9.04 -35.09 -19.08
CA LEU A 156 10.33 -34.45 -18.85
C LEU A 156 11.43 -35.40 -18.41
N ARG A 157 11.12 -36.59 -17.91
CA ARG A 157 12.14 -37.48 -17.41
C ARG A 157 12.47 -38.63 -18.36
N LEU A 158 11.46 -39.23 -19.00
CA LEU A 158 11.75 -40.25 -19.99
C LEU A 158 12.34 -39.63 -21.24
N ALA A 159 13.12 -40.42 -21.96
CA ALA A 159 13.73 -39.93 -23.19
C ALA A 159 12.65 -39.65 -24.23
N THR A 160 12.90 -38.64 -25.06
CA THR A 160 11.93 -38.21 -26.05
C THR A 160 11.81 -39.17 -27.23
N THR A 161 12.72 -40.13 -27.36
CA THR A 161 12.63 -41.10 -28.44
C THR A 161 11.37 -41.96 -28.31
N MET A 162 11.00 -42.30 -27.08
CA MET A 162 9.79 -43.06 -26.85
C MET A 162 8.57 -42.32 -27.38
N THR A 163 7.66 -43.08 -27.99
CA THR A 163 6.43 -42.49 -28.49
C THR A 163 5.50 -42.12 -27.33
N ASN A 164 4.50 -41.31 -27.64
CA ASN A 164 3.50 -40.97 -26.63
C ASN A 164 2.70 -42.19 -26.20
N HIS A 165 2.56 -43.17 -27.09
CA HIS A 165 1.84 -44.39 -26.73
C HIS A 165 2.61 -45.19 -25.68
N GLU A 166 3.92 -45.31 -25.85
CA GLU A 166 4.72 -46.04 -24.87
C GLU A 166 4.69 -45.37 -23.51
N LYS A 167 4.78 -44.04 -23.48
CA LYS A 167 4.70 -43.31 -22.22
C LYS A 167 3.34 -43.50 -21.57
N ASN A 168 2.26 -43.48 -22.37
CA ASN A 168 0.94 -43.69 -21.81
C ASN A 168 0.80 -45.10 -21.24
N GLU A 169 1.37 -46.10 -21.92
CA GLU A 169 1.33 -47.45 -21.39
C GLU A 169 2.09 -47.55 -20.08
N ARG A 170 3.27 -46.93 -19.99
CA ARG A 170 4.02 -46.95 -18.74
C ARG A 170 3.25 -46.28 -17.62
N ILE A 171 2.59 -45.17 -17.90
CA ILE A 171 1.78 -44.50 -16.89
C ILE A 171 0.63 -45.39 -16.46
N ASN A 172 0.02 -46.11 -17.42
CA ASN A 172 -1.04 -47.04 -17.06
C ASN A 172 -0.53 -48.12 -16.11
N ARG A 173 0.66 -48.66 -16.40
CA ARG A 173 1.24 -49.66 -15.52
C ARG A 173 1.47 -49.10 -14.12
N VAL A 174 2.03 -47.89 -14.03
CA VAL A 174 2.30 -47.30 -12.72
C VAL A 174 1.00 -47.04 -11.97
N ILE A 175 -0.04 -46.59 -12.67
CA ILE A 175 -1.32 -46.34 -12.02
C ILE A 175 -1.89 -47.65 -11.47
N GLN A 176 -1.81 -48.72 -12.26
CA GLN A 176 -2.30 -50.02 -11.78
C GLN A 176 -1.52 -50.47 -10.55
N GLU A 177 -0.20 -50.34 -10.59
CA GLU A 177 0.64 -50.84 -9.50
C GLU A 177 0.29 -50.15 -8.17
N LEU A 178 0.07 -48.85 -8.20
CA LEU A 178 -0.21 -48.10 -6.99
C LEU A 178 -1.69 -48.04 -6.64
N GLY A 179 -2.54 -48.66 -7.46
CA GLY A 179 -3.96 -48.67 -7.17
C GLY A 179 -4.59 -47.30 -7.16
N LEU A 180 -4.28 -46.49 -8.17
CA LEU A 180 -4.85 -45.16 -8.31
C LEU A 180 -5.86 -45.08 -9.44
N ASP A 181 -6.29 -46.21 -9.98
CA ASP A 181 -7.18 -46.20 -11.14
C ASP A 181 -8.52 -45.57 -10.81
N LYS A 182 -8.96 -45.63 -9.55
CA LYS A 182 -10.21 -44.99 -9.19
C LYS A 182 -10.12 -43.47 -9.33
N VAL A 183 -9.00 -42.88 -8.94
CA VAL A 183 -8.84 -41.44 -8.95
C VAL A 183 -7.90 -40.99 -10.06
N ALA A 184 -7.77 -41.78 -11.13
CA ALA A 184 -6.82 -41.45 -12.19
C ALA A 184 -7.12 -40.12 -12.86
N ASP A 185 -8.35 -39.62 -12.76
CA ASP A 185 -8.74 -38.37 -13.41
C ASP A 185 -9.42 -37.44 -12.42
N SER A 186 -8.82 -37.24 -11.25
CA SER A 186 -9.36 -36.34 -10.24
C SER A 186 -8.30 -35.34 -9.82
N LYS A 187 -8.73 -34.11 -9.55
CA LYS A 187 -7.80 -33.09 -9.08
C LYS A 187 -7.23 -33.48 -7.73
N VAL A 188 -5.91 -33.45 -7.61
CA VAL A 188 -5.26 -33.92 -6.39
C VAL A 188 -5.09 -32.77 -5.40
N GLY A 189 -6.18 -32.35 -4.76
CA GLY A 189 -6.05 -31.46 -3.63
C GLY A 189 -5.97 -30.02 -4.06
N THR A 190 -6.99 -29.21 -3.86
CA THR A 190 -6.95 -27.84 -4.38
C THR A 190 -7.00 -26.77 -3.30
N GLN A 191 -7.66 -27.03 -2.16
CA GLN A 191 -7.87 -26.08 -1.08
C GLN A 191 -8.88 -25.00 -1.48
N PHE A 192 -9.29 -25.01 -2.75
CA PHE A 192 -10.52 -24.36 -3.18
C PHE A 192 -11.50 -25.36 -3.78
N ILE A 193 -11.02 -26.53 -4.20
CA ILE A 193 -11.85 -27.66 -4.58
C ILE A 193 -11.38 -28.87 -3.79
N ARG A 194 -12.32 -29.67 -3.32
CA ARG A 194 -11.95 -30.86 -2.56
C ARG A 194 -11.13 -31.80 -3.43
N GLY A 195 -10.12 -32.42 -2.82
CA GLY A 195 -9.26 -33.32 -3.56
C GLY A 195 -9.26 -34.73 -3.01
N VAL A 196 -8.39 -35.57 -3.56
CA VAL A 196 -8.29 -36.97 -3.14
C VAL A 196 -7.67 -37.03 -1.74
N SER A 197 -7.72 -38.21 -1.13
CA SER A 197 -7.25 -38.39 0.24
C SER A 197 -5.73 -38.30 0.31
N GLY A 198 -5.23 -38.08 1.53
CA GLY A 198 -3.80 -37.94 1.73
C GLY A 198 -3.01 -39.15 1.29
N GLY A 199 -3.57 -40.34 1.50
CA GLY A 199 -2.89 -41.54 1.03
C GLY A 199 -2.74 -41.56 -0.48
N GLU A 200 -3.76 -41.10 -1.20
CA GLU A 200 -3.67 -41.03 -2.65
C GLU A 200 -2.68 -39.95 -3.09
N ARG A 201 -2.57 -38.85 -2.36
CA ARG A 201 -1.55 -37.85 -2.66
C ARG A 201 -0.15 -38.43 -2.50
N LYS A 202 0.08 -39.15 -1.40
CA LYS A 202 1.38 -39.78 -1.20
C LYS A 202 1.66 -40.80 -2.29
N ARG A 203 0.66 -41.58 -2.68
CA ARG A 203 0.85 -42.54 -3.76
C ARG A 203 1.17 -41.84 -5.07
N THR A 204 0.59 -40.67 -5.29
CA THR A 204 0.93 -39.90 -6.49
C THR A 204 2.38 -39.45 -6.44
N SER A 205 2.84 -38.98 -5.28
CA SER A 205 4.25 -38.61 -5.15
C SER A 205 5.17 -39.79 -5.44
N ILE A 206 4.81 -40.97 -4.95
CA ILE A 206 5.61 -42.16 -5.23
C ILE A 206 5.56 -42.50 -6.71
N GLY A 207 4.41 -42.30 -7.35
CA GLY A 207 4.29 -42.64 -8.75
C GLY A 207 5.14 -41.78 -9.65
N MET A 208 5.27 -40.49 -9.32
CA MET A 208 6.07 -39.59 -10.15
C MET A 208 7.53 -40.03 -10.17
N GLU A 209 8.04 -40.54 -9.05
CA GLU A 209 9.40 -41.03 -9.00
C GLU A 209 9.56 -42.42 -9.57
N LEU A 210 8.46 -43.16 -9.75
CA LEU A 210 8.53 -44.51 -10.31
C LEU A 210 8.42 -44.54 -11.83
N ILE A 211 8.18 -43.40 -12.48
CA ILE A 211 7.98 -43.38 -13.92
C ILE A 211 9.23 -43.88 -14.63
N THR A 212 10.41 -43.48 -14.16
CA THR A 212 11.65 -43.80 -14.82
C THR A 212 12.18 -45.18 -14.44
N ASP A 213 11.42 -45.94 -13.66
CA ASP A 213 11.80 -47.28 -13.19
C ASP A 213 13.15 -47.24 -12.49
N PRO A 214 13.24 -46.65 -11.30
CA PRO A 214 14.52 -46.59 -10.61
C PRO A 214 14.84 -47.91 -9.91
N SER A 215 16.13 -48.13 -9.69
CA SER A 215 16.56 -49.29 -8.91
C SER A 215 16.58 -49.00 -7.42
N ILE A 216 16.81 -47.76 -7.04
CA ILE A 216 16.87 -47.34 -5.64
C ILE A 216 15.84 -46.24 -5.43
N LEU A 217 15.05 -46.35 -4.37
CA LEU A 217 13.97 -45.43 -4.10
C LEU A 217 14.11 -44.91 -2.67
N PHE A 218 14.30 -43.60 -2.53
CA PHE A 218 14.43 -42.96 -1.23
C PHE A 218 13.12 -42.32 -0.85
N LEU A 219 12.77 -42.37 0.43
CA LEU A 219 11.59 -41.71 0.94
C LEU A 219 11.94 -41.01 2.24
N ASP A 220 11.39 -39.82 2.43
CA ASP A 220 11.64 -39.04 3.64
C ASP A 220 10.34 -38.94 4.42
N GLU A 221 10.29 -39.64 5.56
CA GLU A 221 9.12 -39.66 6.43
C GLU A 221 7.83 -39.98 5.67
N PRO A 222 7.74 -41.15 5.04
CA PRO A 222 6.57 -41.44 4.19
C PRO A 222 5.27 -41.61 4.96
N THR A 223 5.28 -41.50 6.29
CA THR A 223 4.07 -41.70 7.08
C THR A 223 3.69 -40.50 7.92
N THR A 224 4.57 -39.51 8.06
CA THR A 224 4.28 -38.36 8.89
C THR A 224 3.11 -37.59 8.30
N GLY A 225 2.14 -37.25 9.15
CA GLY A 225 0.96 -36.53 8.72
C GLY A 225 -0.18 -37.39 8.22
N LEU A 226 -0.02 -38.71 8.17
CA LEU A 226 -1.06 -39.62 7.74
C LEU A 226 -1.73 -40.30 8.93
N ASP A 227 -2.89 -40.89 8.67
CA ASP A 227 -3.59 -41.70 9.66
C ASP A 227 -2.98 -43.10 9.74
N SER A 228 -3.31 -43.80 10.82
CA SER A 228 -2.71 -45.10 11.08
C SER A 228 -3.08 -46.11 9.98
N SER A 229 -4.36 -46.16 9.61
CA SER A 229 -4.78 -47.07 8.55
C SER A 229 -4.15 -46.68 7.23
N THR A 230 -4.09 -45.38 6.94
CA THR A 230 -3.43 -44.91 5.73
C THR A 230 -1.94 -45.23 5.76
N ALA A 231 -1.30 -45.06 6.92
CA ALA A 231 0.11 -45.38 7.03
C ALA A 231 0.36 -46.87 6.77
N ASN A 232 -0.51 -47.72 7.31
CA ASN A 232 -0.36 -49.15 7.07
C ASN A 232 -0.53 -49.50 5.60
N ALA A 233 -1.50 -48.86 4.93
CA ALA A 233 -1.68 -49.10 3.51
C ALA A 233 -0.46 -48.66 2.71
N VAL A 234 0.10 -47.50 3.06
CA VAL A 234 1.28 -47.00 2.36
C VAL A 234 2.44 -47.98 2.52
N LEU A 235 2.68 -48.42 3.75
CA LEU A 235 3.83 -49.30 3.99
C LEU A 235 3.60 -50.69 3.44
N LEU A 236 2.36 -51.16 3.38
CA LEU A 236 2.10 -52.43 2.71
C LEU A 236 2.37 -52.34 1.22
N LEU A 237 2.01 -51.20 0.61
CA LEU A 237 2.36 -50.98 -0.79
C LEU A 237 3.87 -50.97 -0.98
N LEU A 238 4.60 -50.31 -0.07
CA LEU A 238 6.05 -50.30 -0.15
C LEU A 238 6.61 -51.71 -0.01
N LYS A 239 6.05 -52.51 0.91
CA LYS A 239 6.51 -53.88 1.07
C LYS A 239 6.29 -54.69 -0.19
N ARG A 240 5.12 -54.53 -0.83
CA ARG A 240 4.87 -55.24 -2.08
C ARG A 240 5.87 -54.83 -3.15
N MET A 241 6.18 -53.53 -3.24
CA MET A 241 7.13 -53.07 -4.24
C MET A 241 8.54 -53.57 -3.95
N SER A 242 8.88 -53.77 -2.68
CA SER A 242 10.24 -54.16 -2.33
C SER A 242 10.53 -55.60 -2.72
N LYS A 243 9.51 -56.47 -2.68
CA LYS A 243 9.73 -57.87 -3.00
C LYS A 243 10.08 -58.09 -4.46
N GLN A 244 9.77 -57.12 -5.34
CA GLN A 244 10.06 -57.25 -6.76
C GLN A 244 11.53 -57.06 -7.08
N GLY A 245 12.40 -56.93 -6.09
CA GLY A 245 13.80 -56.64 -6.35
C GLY A 245 14.15 -55.18 -6.36
N ARG A 246 13.38 -54.34 -5.67
CA ARG A 246 13.61 -52.90 -5.65
C ARG A 246 14.12 -52.48 -4.27
N THR A 247 15.23 -51.77 -4.24
CA THR A 247 15.83 -51.33 -3.00
C THR A 247 15.13 -50.06 -2.52
N ILE A 248 14.55 -50.12 -1.32
CA ILE A 248 13.78 -49.03 -0.77
C ILE A 248 14.42 -48.60 0.53
N ILE A 249 14.76 -47.32 0.62
CA ILE A 249 15.41 -46.74 1.79
C ILE A 249 14.55 -45.59 2.28
N PHE A 250 14.24 -45.58 3.57
CA PHE A 250 13.37 -44.54 4.09
C PHE A 250 13.64 -44.33 5.57
N SER A 251 13.32 -43.12 6.03
CA SER A 251 13.39 -42.77 7.43
C SER A 251 11.97 -42.57 7.96
N ILE A 252 11.73 -43.01 9.20
CA ILE A 252 10.40 -42.98 9.79
C ILE A 252 10.47 -42.25 11.12
N HIS A 253 9.30 -41.98 11.67
CA HIS A 253 9.16 -41.27 12.93
C HIS A 253 8.12 -41.99 13.78
N GLN A 254 8.54 -42.43 14.97
CA GLN A 254 7.74 -43.20 15.92
C GLN A 254 6.81 -44.21 15.24
N PRO A 255 7.35 -45.28 14.67
CA PRO A 255 6.49 -46.29 14.05
C PRO A 255 5.78 -47.14 15.09
N ARG A 256 4.84 -47.95 14.60
CA ARG A 256 4.13 -48.94 15.39
C ARG A 256 4.69 -50.33 15.12
N TYR A 257 4.26 -51.30 15.94
CA TYR A 257 4.74 -52.66 15.75
C TYR A 257 4.26 -53.25 14.44
N SER A 258 3.02 -52.94 14.05
CA SER A 258 2.53 -53.40 12.75
C SER A 258 3.40 -52.87 11.63
N ILE A 259 3.84 -51.61 11.74
CA ILE A 259 4.80 -51.06 10.81
C ILE A 259 6.16 -51.73 10.99
N PHE A 260 6.59 -51.86 12.25
CA PHE A 260 7.96 -52.30 12.54
C PHE A 260 8.24 -53.71 12.06
N LYS A 261 7.24 -54.59 12.04
CA LYS A 261 7.48 -55.98 11.69
C LYS A 261 7.83 -56.15 10.21
N LEU A 262 7.58 -55.15 9.38
CA LEU A 262 7.74 -55.29 7.94
C LEU A 262 9.16 -55.02 7.45
N PHE A 263 10.05 -54.56 8.32
CA PHE A 263 11.36 -54.13 7.85
C PHE A 263 12.27 -55.32 7.57
N ASP A 264 13.28 -55.08 6.75
CA ASP A 264 14.34 -56.05 6.50
C ASP A 264 15.68 -55.63 7.07
N SER A 265 15.87 -54.35 7.34
CA SER A 265 17.08 -53.84 7.98
C SER A 265 16.72 -52.64 8.83
N LEU A 266 17.60 -52.32 9.77
CA LEU A 266 17.38 -51.22 10.69
C LEU A 266 18.71 -50.52 10.96
N THR A 267 18.69 -49.20 10.91
CA THR A 267 19.87 -48.38 11.19
C THR A 267 19.45 -47.28 12.16
N LEU A 268 19.86 -47.41 13.41
CA LEU A 268 19.47 -46.48 14.46
C LEU A 268 20.56 -45.44 14.64
N LEU A 269 20.16 -44.17 14.63
CA LEU A 269 21.10 -43.07 14.76
C LEU A 269 20.64 -42.15 15.88
N ALA A 270 21.61 -41.61 16.61
CA ALA A 270 21.32 -40.62 17.64
C ALA A 270 22.54 -39.75 17.84
N SER A 271 22.32 -38.42 17.84
CA SER A 271 23.40 -37.44 17.98
C SER A 271 24.53 -37.69 16.99
N GLY A 272 24.18 -37.99 15.75
CA GLY A 272 25.17 -38.16 14.72
C GLY A 272 25.98 -39.44 14.80
N ARG A 273 25.58 -40.38 15.64
CA ARG A 273 26.33 -41.61 15.85
C ARG A 273 25.44 -42.81 15.61
N LEU A 274 26.08 -43.92 15.24
CA LEU A 274 25.39 -45.15 14.88
C LEU A 274 25.18 -45.99 16.14
N MET A 275 23.95 -46.01 16.63
CA MET A 275 23.63 -46.82 17.81
C MET A 275 23.50 -48.29 17.45
N PHE A 276 22.98 -48.60 16.26
CA PHE A 276 22.80 -49.99 15.85
C PHE A 276 22.55 -50.06 14.36
N HIS A 277 23.19 -51.03 13.70
CA HIS A 277 22.91 -51.34 12.31
C HIS A 277 22.91 -52.85 12.13
N GLY A 278 21.79 -53.39 11.69
CA GLY A 278 21.65 -54.80 11.46
C GLY A 278 20.22 -55.14 11.08
N PRO A 279 19.90 -56.42 11.00
CA PRO A 279 18.51 -56.81 10.73
C PRO A 279 17.57 -56.26 11.79
N ALA A 280 16.35 -55.93 11.35
CA ALA A 280 15.41 -55.24 12.23
C ALA A 280 14.97 -56.13 13.40
N GLN A 281 14.77 -57.43 13.14
CA GLN A 281 14.27 -58.31 14.18
C GLN A 281 15.27 -58.49 15.32
N GLU A 282 16.55 -58.27 15.06
CA GLU A 282 17.59 -58.54 16.04
C GLU A 282 17.91 -57.33 16.92
N ALA A 283 17.25 -56.19 16.69
CA ALA A 283 17.50 -55.02 17.53
C ALA A 283 17.11 -55.28 18.98
N LEU A 284 15.96 -55.93 19.18
CA LEU A 284 15.52 -56.25 20.54
C LEU A 284 16.51 -57.17 21.23
N GLY A 285 16.99 -58.19 20.53
CA GLY A 285 17.99 -59.07 21.11
C GLY A 285 19.27 -58.35 21.47
N TYR A 286 19.74 -57.46 20.59
CA TYR A 286 20.94 -56.70 20.87
C TYR A 286 20.78 -55.86 22.13
N PHE A 287 19.64 -55.18 22.27
CA PHE A 287 19.45 -54.32 23.43
C PHE A 287 19.22 -55.13 24.71
N GLU A 288 18.59 -56.31 24.60
CA GLU A 288 18.49 -57.17 25.77
C GLU A 288 19.87 -57.64 26.23
N SER A 289 20.72 -58.06 25.29
CA SER A 289 22.07 -58.44 25.65
C SER A 289 22.86 -57.27 26.20
N ALA A 290 22.49 -56.04 25.82
CA ALA A 290 23.11 -54.87 26.43
C ALA A 290 22.74 -54.73 27.90
N GLY A 291 21.63 -55.32 28.33
CA GLY A 291 21.23 -55.29 29.73
C GLY A 291 19.94 -54.55 29.99
N TYR A 292 19.11 -54.41 28.97
CA TYR A 292 17.83 -53.70 29.08
C TYR A 292 16.70 -54.70 28.87
N HIS A 293 15.75 -54.71 29.80
CA HIS A 293 14.60 -55.61 29.71
C HIS A 293 13.46 -54.94 28.97
N CYS A 294 12.73 -55.76 28.20
CA CYS A 294 11.57 -55.29 27.46
C CYS A 294 10.31 -55.71 28.21
N GLU A 295 9.48 -54.74 28.56
CA GLU A 295 8.21 -55.03 29.19
C GLU A 295 7.19 -55.43 28.14
N ALA A 296 6.18 -56.17 28.57
CA ALA A 296 5.11 -56.56 27.67
C ALA A 296 4.26 -55.34 27.31
N TYR A 297 3.46 -55.50 26.26
CA TYR A 297 2.59 -54.43 25.76
C TYR A 297 3.37 -53.15 25.45
N ASN A 298 4.61 -53.32 25.00
CA ASN A 298 5.48 -52.19 24.70
C ASN A 298 5.94 -52.28 23.26
N ASN A 299 5.83 -51.18 22.54
CA ASN A 299 6.29 -51.13 21.16
C ASN A 299 7.82 -51.12 21.14
N PRO A 300 8.47 -52.01 20.38
CA PRO A 300 9.94 -52.03 20.38
C PRO A 300 10.57 -50.72 19.96
N ALA A 301 9.97 -50.02 18.98
CA ALA A 301 10.52 -48.73 18.57
C ALA A 301 10.47 -47.72 19.72
N ASP A 302 9.35 -47.67 20.43
CA ASP A 302 9.28 -46.84 21.63
C ASP A 302 10.30 -47.30 22.67
N PHE A 303 10.57 -48.60 22.73
CA PHE A 303 11.58 -49.11 23.65
C PHE A 303 12.96 -48.59 23.30
N PHE A 304 13.32 -48.61 22.01
CA PHE A 304 14.62 -48.13 21.59
C PHE A 304 14.77 -46.64 21.85
N LEU A 305 13.71 -45.87 21.56
CA LEU A 305 13.78 -44.43 21.82
C LEU A 305 13.85 -44.14 23.31
N ASP A 306 13.14 -44.93 24.12
CA ASP A 306 13.23 -44.77 25.57
C ASP A 306 14.64 -45.07 26.07
N ILE A 307 15.28 -46.09 25.50
CA ILE A 307 16.67 -46.38 25.86
C ILE A 307 17.56 -45.19 25.52
N ILE A 308 17.39 -44.64 24.33
CA ILE A 308 18.23 -43.51 23.91
C ILE A 308 18.01 -42.30 24.81
N ASN A 309 16.74 -42.00 25.12
CA ASN A 309 16.46 -40.84 25.95
C ASN A 309 16.88 -41.04 27.40
N GLY A 310 16.72 -42.23 27.94
CA GLY A 310 17.10 -42.50 29.32
C GLY A 310 15.96 -42.39 30.31
N LEU A 338 26.38 -41.01 27.88
CA LEU A 338 25.51 -42.15 27.67
C LEU A 338 25.57 -42.61 26.23
N ILE A 339 25.45 -41.66 25.30
CA ILE A 339 25.44 -41.99 23.87
C ILE A 339 26.77 -42.62 23.46
N GLU A 340 27.89 -42.06 23.93
CA GLU A 340 29.19 -42.64 23.63
C GLU A 340 29.28 -44.08 24.13
N LYS A 341 28.64 -44.36 25.28
CA LYS A 341 28.66 -45.72 25.81
C LYS A 341 27.98 -46.69 24.86
N LEU A 342 26.77 -46.34 24.40
CA LEU A 342 26.05 -47.22 23.48
C LEU A 342 26.77 -47.33 22.15
N ALA A 343 27.42 -46.26 21.71
CA ALA A 343 28.21 -46.31 20.48
C ALA A 343 29.35 -47.32 20.60
N GLU A 344 30.09 -47.26 21.71
CA GLU A 344 31.16 -48.21 21.93
C GLU A 344 30.62 -49.63 22.04
N ILE A 345 29.46 -49.80 22.69
CA ILE A 345 28.87 -51.12 22.82
C ILE A 345 28.55 -51.69 21.44
N TYR A 346 27.98 -50.87 20.56
CA TYR A 346 27.68 -51.36 19.21
C TYR A 346 28.95 -51.72 18.45
N VAL A 347 30.00 -50.90 18.59
CA VAL A 347 31.26 -51.22 17.94
C VAL A 347 31.79 -52.56 18.45
N ASN A 348 31.62 -52.83 19.74
CA ASN A 348 32.06 -54.09 20.34
C ASN A 348 31.10 -55.24 20.08
N SER A 349 30.21 -55.12 19.10
CA SER A 349 29.24 -56.18 18.81
C SER A 349 29.67 -56.98 17.58
N SER A 350 28.97 -58.10 17.36
CA SER A 350 29.27 -58.97 16.23
C SER A 350 28.75 -58.40 14.92
N PHE A 351 27.60 -57.71 14.94
CA PHE A 351 27.06 -57.10 13.74
C PHE A 351 28.03 -56.07 13.17
N TYR A 352 28.67 -55.28 14.05
CA TYR A 352 29.68 -54.34 13.61
C TYR A 352 30.80 -55.04 12.86
N LYS A 353 31.25 -56.19 13.38
CA LYS A 353 32.34 -56.92 12.75
C LYS A 353 31.93 -57.44 11.38
N GLU A 354 30.71 -57.99 11.28
CA GLU A 354 30.25 -58.51 9.99
C GLU A 354 30.14 -57.39 8.96
N THR A 355 29.56 -56.25 9.36
CA THR A 355 29.42 -55.14 8.44
C THR A 355 30.78 -54.63 7.99
N LYS A 356 31.72 -54.46 8.92
CA LYS A 356 33.05 -53.98 8.56
C LYS A 356 33.77 -54.97 7.66
N ALA A 357 33.60 -56.27 7.92
CA ALA A 357 34.21 -57.28 7.07
C ALA A 357 33.68 -57.20 5.64
N GLU A 358 32.36 -57.06 5.50
CA GLU A 358 31.78 -56.93 4.16
C GLU A 358 32.27 -55.67 3.47
N LEU A 359 32.33 -54.55 4.20
CA LEU A 359 32.78 -53.30 3.59
C LEU A 359 34.22 -53.41 3.11
N HIS A 360 35.10 -53.99 3.92
CA HIS A 360 36.48 -54.19 3.49
C HIS A 360 36.57 -55.16 2.32
N GLN A 361 35.67 -56.13 2.26
CA GLN A 361 35.62 -57.04 1.12
C GLN A 361 35.29 -56.27 -0.16
N LEU A 362 34.28 -55.38 -0.08
CA LEU A 362 33.86 -54.66 -1.28
C LEU A 362 34.94 -53.72 -1.80
N SER A 363 35.64 -53.04 -0.89
CA SER A 363 36.67 -52.09 -1.29
C SER A 363 38.02 -52.78 -1.49
N TYR A 379 21.44 -32.66 -21.36
CA TYR A 379 20.14 -33.00 -20.81
C TYR A 379 19.43 -34.03 -21.67
N THR A 380 18.49 -34.75 -21.05
CA THR A 380 17.74 -35.77 -21.78
C THR A 380 16.90 -35.14 -22.88
N THR A 381 16.27 -34.01 -22.61
CA THR A 381 15.35 -33.36 -23.53
C THR A 381 15.90 -32.01 -23.97
N SER A 382 15.25 -31.44 -24.97
CA SER A 382 15.68 -30.19 -25.57
C SER A 382 15.17 -29.00 -24.76
N PHE A 383 15.74 -27.83 -25.05
CA PHE A 383 15.31 -26.61 -24.37
C PHE A 383 13.85 -26.28 -24.67
N CYS A 384 13.47 -26.37 -25.94
CA CYS A 384 12.10 -26.00 -26.32
C CYS A 384 11.08 -26.94 -25.70
N HIS A 385 11.41 -28.23 -25.62
CA HIS A 385 10.50 -29.19 -25.01
C HIS A 385 10.24 -28.85 -23.55
N GLN A 386 11.31 -28.55 -22.80
CA GLN A 386 11.17 -28.19 -21.41
C GLN A 386 10.38 -26.90 -21.24
N LEU A 387 10.67 -25.91 -22.09
CA LEU A 387 9.95 -24.65 -22.02
C LEU A 387 8.46 -24.84 -22.26
N ARG A 388 8.11 -25.64 -23.27
CA ARG A 388 6.71 -25.88 -23.58
C ARG A 388 5.99 -26.54 -22.41
N TRP A 389 6.59 -27.57 -21.82
CA TRP A 389 5.89 -28.31 -20.78
C TRP A 389 5.81 -27.52 -19.48
N VAL A 390 6.86 -26.76 -19.16
CA VAL A 390 6.81 -25.90 -17.97
C VAL A 390 5.70 -24.87 -18.11
N SER A 391 5.60 -24.23 -19.28
CA SER A 391 4.57 -23.23 -19.49
C SER A 391 3.18 -23.84 -19.46
N LYS A 392 3.02 -25.04 -20.03
CA LYS A 392 1.73 -25.70 -20.03
C LYS A 392 1.26 -26.00 -18.60
N ARG A 393 2.13 -26.57 -17.77
CA ARG A 393 1.74 -26.87 -16.40
C ARG A 393 1.45 -25.60 -15.62
N SER A 394 2.27 -24.57 -15.80
CA SER A 394 2.05 -23.32 -15.07
C SER A 394 0.71 -22.69 -15.47
N PHE A 395 0.38 -22.74 -16.76
CA PHE A 395 -0.87 -22.14 -17.20
C PHE A 395 -2.08 -22.92 -16.67
N LYS A 396 -2.00 -24.26 -16.69
CA LYS A 396 -3.09 -25.05 -16.12
C LYS A 396 -3.27 -24.73 -14.65
N ASN A 397 -2.17 -24.56 -13.92
CA ASN A 397 -2.26 -24.20 -12.51
C ASN A 397 -2.88 -22.82 -12.34
N LEU A 398 -2.59 -21.89 -13.24
CA LEU A 398 -3.20 -20.56 -13.15
C LEU A 398 -4.70 -20.62 -13.36
N LEU A 399 -5.15 -21.41 -14.36
CA LEU A 399 -6.58 -21.52 -14.62
C LEU A 399 -7.30 -22.26 -13.50
N GLY A 400 -6.70 -23.33 -12.99
CA GLY A 400 -7.38 -24.18 -12.03
C GLY A 400 -7.48 -23.62 -10.63
N ASN A 401 -6.74 -22.57 -10.32
CA ASN A 401 -6.77 -21.93 -9.01
C ASN A 401 -6.94 -20.43 -9.20
N PRO A 402 -8.11 -20.00 -9.67
CA PRO A 402 -8.27 -18.64 -10.20
C PRO A 402 -8.70 -17.59 -9.18
N GLN A 403 -8.70 -17.89 -7.89
CA GLN A 403 -9.22 -16.93 -6.91
C GLN A 403 -8.45 -15.61 -6.96
N ALA A 404 -7.13 -15.68 -6.91
CA ALA A 404 -6.33 -14.46 -6.87
C ALA A 404 -6.44 -13.66 -8.17
N SER A 405 -6.39 -14.35 -9.32
CA SER A 405 -6.49 -13.66 -10.59
C SER A 405 -7.85 -13.00 -10.77
N ILE A 406 -8.92 -13.70 -10.39
CA ILE A 406 -10.26 -13.14 -10.48
C ILE A 406 -10.38 -11.92 -9.58
N ALA A 407 -9.82 -12.00 -8.37
CA ALA A 407 -9.87 -10.86 -7.46
C ALA A 407 -9.17 -9.65 -8.06
N GLN A 408 -8.00 -9.86 -8.67
CA GLN A 408 -7.27 -8.75 -9.28
C GLN A 408 -8.06 -8.14 -10.44
N ILE A 409 -8.69 -8.97 -11.27
CA ILE A 409 -9.44 -8.45 -12.41
C ILE A 409 -10.67 -7.69 -11.93
N ILE A 410 -11.36 -8.20 -10.92
CA ILE A 410 -12.54 -7.52 -10.41
C ILE A 410 -12.17 -6.16 -9.82
N VAL A 411 -11.08 -6.11 -9.06
CA VAL A 411 -10.63 -4.84 -8.51
C VAL A 411 -10.29 -3.88 -9.63
N THR A 412 -9.64 -4.36 -10.69
CA THR A 412 -9.30 -3.50 -11.81
C THR A 412 -10.54 -2.91 -12.47
N VAL A 413 -11.57 -3.74 -12.70
CA VAL A 413 -12.76 -3.26 -13.38
C VAL A 413 -13.53 -2.27 -12.51
N VAL A 414 -13.62 -2.55 -11.20
CA VAL A 414 -14.32 -1.63 -10.31
C VAL A 414 -13.59 -0.30 -10.23
N LEU A 415 -12.27 -0.33 -10.10
CA LEU A 415 -11.49 0.90 -10.12
C LEU A 415 -11.70 1.66 -11.42
N GLY A 416 -11.71 0.96 -12.54
CA GLY A 416 -11.89 1.63 -13.82
C GLY A 416 -13.23 2.33 -13.93
N LEU A 417 -14.30 1.65 -13.54
CA LEU A 417 -15.63 2.25 -13.64
C LEU A 417 -15.77 3.42 -12.68
N VAL A 418 -15.26 3.30 -11.46
CA VAL A 418 -15.37 4.38 -10.49
C VAL A 418 -14.56 5.59 -10.94
N ILE A 419 -13.37 5.37 -11.49
CA ILE A 419 -12.56 6.46 -12.00
C ILE A 419 -13.22 7.12 -13.20
N GLY A 420 -13.83 6.32 -14.07
CA GLY A 420 -14.55 6.88 -15.19
C GLY A 420 -15.73 7.73 -14.76
N ALA A 421 -16.40 7.36 -13.67
CA ALA A 421 -17.52 8.15 -13.19
C ALA A 421 -17.06 9.42 -12.49
N ILE A 422 -15.98 9.33 -11.71
CA ILE A 422 -15.51 10.49 -10.95
C ILE A 422 -14.97 11.56 -11.90
N TYR A 423 -14.23 11.16 -12.93
CA TYR A 423 -13.58 12.08 -13.83
C TYR A 423 -14.34 12.29 -15.13
N PHE A 424 -15.61 11.90 -15.17
CA PHE A 424 -16.35 11.90 -16.43
C PHE A 424 -16.37 13.28 -17.06
N GLY A 425 -15.97 13.35 -18.33
CA GLY A 425 -16.02 14.58 -19.09
C GLY A 425 -15.02 15.64 -18.70
N LEU A 426 -13.74 15.40 -18.93
CA LEU A 426 -12.72 16.39 -18.63
C LEU A 426 -12.95 17.65 -19.45
N LYS A 427 -12.62 18.79 -18.87
CA LYS A 427 -12.89 20.09 -19.48
C LYS A 427 -11.61 20.87 -19.68
N ASN A 428 -11.66 21.81 -20.63
CA ASN A 428 -10.51 22.65 -20.96
C ASN A 428 -10.64 24.02 -20.28
N ASP A 429 -10.60 23.99 -18.96
CA ASP A 429 -10.74 25.21 -18.17
C ASP A 429 -9.72 25.15 -17.04
N SER A 430 -9.90 26.00 -16.04
CA SER A 430 -8.91 26.17 -14.99
C SER A 430 -8.66 24.87 -14.24
N THR A 431 -9.65 23.99 -14.18
CA THR A 431 -9.52 22.73 -13.47
C THR A 431 -9.10 21.58 -14.36
N GLY A 432 -8.89 21.81 -15.66
CA GLY A 432 -8.54 20.72 -16.56
C GLY A 432 -7.16 20.16 -16.31
N ILE A 433 -6.19 21.03 -16.01
CA ILE A 433 -4.83 20.58 -15.76
C ILE A 433 -4.77 19.70 -14.52
N GLN A 434 -5.41 20.13 -13.44
CA GLN A 434 -5.37 19.38 -12.19
C GLN A 434 -5.99 18.00 -12.36
N ASN A 435 -7.12 17.91 -13.05
CA ASN A 435 -7.79 16.63 -13.22
C ASN A 435 -7.00 15.69 -14.12
N ARG A 436 -6.46 16.20 -15.22
CA ARG A 436 -5.67 15.34 -16.10
C ARG A 436 -4.43 14.82 -15.40
N ALA A 437 -3.70 15.71 -14.72
CA ALA A 437 -2.49 15.28 -14.01
C ALA A 437 -2.83 14.29 -12.90
N GLY A 438 -3.91 14.52 -12.17
CA GLY A 438 -4.27 13.62 -11.09
C GLY A 438 -4.62 12.23 -11.56
N VAL A 439 -5.42 12.12 -12.62
CA VAL A 439 -5.82 10.79 -13.07
C VAL A 439 -4.64 10.03 -13.67
N LEU A 440 -3.77 10.70 -14.41
CA LEU A 440 -2.62 10.01 -14.98
C LEU A 440 -1.64 9.58 -13.90
N PHE A 441 -1.46 10.41 -12.87
CA PHE A 441 -0.62 10.05 -11.74
C PHE A 441 -1.17 8.82 -11.02
N PHE A 442 -2.48 8.77 -10.80
CA PHE A 442 -3.04 7.60 -10.14
C PHE A 442 -2.85 6.34 -10.96
N LEU A 443 -3.07 6.40 -12.27
CA LEU A 443 -2.95 5.20 -13.09
C LEU A 443 -1.53 4.65 -13.04
N THR A 444 -0.52 5.53 -13.14
CA THR A 444 0.85 5.05 -13.13
C THR A 444 1.25 4.45 -11.79
N THR A 445 0.96 5.16 -10.70
CA THR A 445 1.38 4.61 -9.40
C THR A 445 0.56 3.40 -9.01
N ASN A 446 -0.66 3.25 -9.55
CA ASN A 446 -1.40 2.04 -9.31
C ASN A 446 -0.77 0.85 -10.01
N GLN A 447 -0.29 1.04 -11.24
CA GLN A 447 0.44 -0.03 -11.91
C GLN A 447 1.68 -0.44 -11.13
N CYS A 448 2.30 0.49 -10.41
CA CYS A 448 3.46 0.10 -9.61
C CYS A 448 3.05 -0.64 -8.33
N PHE A 449 2.10 -0.09 -7.57
CA PHE A 449 1.77 -0.71 -6.29
C PHE A 449 1.06 -2.04 -6.45
N SER A 450 0.33 -2.25 -7.54
CA SER A 450 -0.34 -3.52 -7.71
C SER A 450 0.58 -4.60 -8.27
N SER A 451 1.86 -4.32 -8.41
CA SER A 451 2.83 -5.30 -8.89
C SER A 451 3.66 -5.91 -7.77
N VAL A 452 3.43 -5.54 -6.51
CA VAL A 452 4.19 -6.12 -5.42
C VAL A 452 3.76 -7.55 -5.14
N SER A 453 2.65 -8.01 -5.70
CA SER A 453 2.25 -9.40 -5.56
C SER A 453 3.04 -10.33 -6.47
N ALA A 454 3.96 -9.80 -7.26
CA ALA A 454 4.83 -10.63 -8.08
C ALA A 454 6.00 -11.20 -7.31
N VAL A 455 6.17 -10.84 -6.03
CA VAL A 455 7.19 -11.47 -5.21
C VAL A 455 6.85 -12.93 -4.94
N GLU A 456 5.60 -13.34 -5.16
CA GLU A 456 5.16 -14.70 -4.91
C GLU A 456 5.32 -15.62 -6.10
N LEU A 457 5.86 -15.15 -7.22
CA LEU A 457 5.96 -16.01 -8.40
C LEU A 457 6.93 -17.14 -8.16
N PHE A 458 8.12 -16.84 -7.63
CA PHE A 458 9.13 -17.85 -7.42
C PHE A 458 9.25 -18.29 -5.97
N VAL A 459 8.69 -17.53 -5.02
CA VAL A 459 8.82 -17.89 -3.61
C VAL A 459 7.92 -19.05 -3.27
N VAL A 460 6.70 -19.07 -3.81
CA VAL A 460 5.72 -20.09 -3.44
C VAL A 460 6.19 -21.47 -3.90
N GLU A 461 6.84 -21.56 -5.06
CA GLU A 461 7.24 -22.83 -5.64
C GLU A 461 8.72 -23.12 -5.49
N LYS A 462 9.37 -22.55 -4.47
CA LYS A 462 10.81 -22.71 -4.35
C LYS A 462 11.20 -24.16 -4.10
N LYS A 463 10.52 -24.83 -3.18
CA LYS A 463 10.87 -26.21 -2.86
C LYS A 463 10.63 -27.14 -4.06
N LEU A 464 9.52 -26.93 -4.76
CA LEU A 464 9.27 -27.70 -5.97
C LEU A 464 10.33 -27.46 -7.02
N PHE A 465 10.77 -26.21 -7.16
CA PHE A 465 11.82 -25.89 -8.14
C PHE A 465 13.12 -26.61 -7.81
N ILE A 466 13.52 -26.56 -6.54
CA ILE A 466 14.79 -27.17 -6.15
C ILE A 466 14.72 -28.69 -6.32
N HIS A 467 13.62 -29.30 -5.89
CA HIS A 467 13.47 -30.74 -6.04
C HIS A 467 13.52 -31.17 -7.50
N GLU A 468 12.81 -30.45 -8.36
CA GLU A 468 12.78 -30.87 -9.77
C GLU A 468 14.06 -30.51 -10.50
N TYR A 469 14.78 -29.47 -10.07
CA TYR A 469 16.06 -29.17 -10.69
C TYR A 469 17.10 -30.22 -10.34
N ILE A 470 17.13 -30.66 -9.08
CA ILE A 470 18.09 -31.70 -8.68
C ILE A 470 17.84 -32.99 -9.45
N SER A 471 16.57 -33.35 -9.61
CA SER A 471 16.21 -34.58 -10.31
C SER A 471 16.44 -34.50 -11.82
N GLY A 472 16.83 -33.35 -12.33
CA GLY A 472 17.12 -33.23 -13.76
C GLY A 472 15.92 -33.06 -14.65
N TYR A 473 14.82 -32.49 -14.14
CA TYR A 473 13.67 -32.23 -14.98
C TYR A 473 13.98 -31.25 -16.09
N TYR A 474 14.67 -30.16 -15.76
CA TYR A 474 14.85 -29.06 -16.69
C TYR A 474 16.03 -28.21 -16.25
N ARG A 475 16.47 -27.34 -17.14
CA ARG A 475 17.46 -26.33 -16.81
C ARG A 475 16.78 -25.14 -16.15
N VAL A 476 17.60 -24.32 -15.49
CA VAL A 476 17.06 -23.13 -14.86
C VAL A 476 16.55 -22.14 -15.90
N SER A 477 17.17 -22.12 -17.08
CA SER A 477 16.75 -21.19 -18.13
C SER A 477 15.33 -21.48 -18.58
N SER A 478 15.02 -22.74 -18.88
CA SER A 478 13.70 -23.07 -19.40
C SER A 478 12.63 -22.91 -18.34
N TYR A 479 12.96 -23.24 -17.09
CA TYR A 479 12.01 -23.01 -15.99
C TYR A 479 11.70 -21.52 -15.84
N PHE A 480 12.75 -20.69 -15.84
CA PHE A 480 12.58 -19.26 -15.68
C PHE A 480 11.74 -18.67 -16.81
N LEU A 481 12.06 -19.03 -18.05
CA LEU A 481 11.32 -18.49 -19.18
C LEU A 481 9.89 -19.00 -19.22
N GLY A 482 9.66 -20.26 -18.89
CA GLY A 482 8.30 -20.77 -18.88
C GLY A 482 7.45 -20.09 -17.83
N LYS A 483 8.01 -19.85 -16.65
CA LYS A 483 7.29 -19.13 -15.61
C LYS A 483 6.96 -17.70 -16.04
N LEU A 484 7.92 -17.02 -16.67
CA LEU A 484 7.64 -15.68 -17.18
C LEU A 484 6.56 -15.69 -18.24
N LEU A 485 6.63 -16.65 -19.15
CA LEU A 485 5.72 -16.67 -20.29
C LEU A 485 4.30 -17.03 -19.88
N SER A 486 4.12 -17.76 -18.79
CA SER A 486 2.80 -18.22 -18.41
C SER A 486 2.13 -17.35 -17.36
N ASP A 487 2.83 -16.94 -16.32
CA ASP A 487 2.22 -16.22 -15.21
C ASP A 487 2.42 -14.71 -15.31
N LEU A 488 3.64 -14.26 -15.60
CA LEU A 488 3.90 -12.82 -15.63
C LEU A 488 3.27 -12.17 -16.85
N LEU A 489 3.45 -12.77 -18.03
CA LEU A 489 3.12 -12.08 -19.27
C LEU A 489 1.65 -11.71 -19.40
N PRO A 490 0.68 -12.63 -19.25
CA PRO A 490 -0.71 -12.22 -19.46
C PRO A 490 -1.33 -11.46 -18.29
N MET A 491 -0.97 -11.84 -17.06
CA MET A 491 -1.61 -11.24 -15.90
C MET A 491 -1.20 -9.79 -15.69
N ARG A 492 0.00 -9.41 -16.11
CA ARG A 492 0.39 -8.02 -16.05
C ARG A 492 0.01 -7.26 -17.31
N MET A 493 -0.55 -7.93 -18.30
CA MET A 493 -0.99 -7.27 -19.52
C MET A 493 -2.47 -6.94 -19.48
N LEU A 494 -3.29 -7.77 -18.83
CA LEU A 494 -4.73 -7.54 -18.83
C LEU A 494 -5.15 -6.22 -18.17
N PRO A 495 -4.68 -5.86 -16.98
CA PRO A 495 -5.15 -4.62 -16.35
C PRO A 495 -4.90 -3.38 -17.18
N SER A 496 -3.80 -3.31 -17.93
CA SER A 496 -3.53 -2.14 -18.74
C SER A 496 -4.58 -1.97 -19.84
N ILE A 497 -4.89 -3.06 -20.55
CA ILE A 497 -5.90 -3.00 -21.60
C ILE A 497 -7.26 -2.64 -21.02
N ILE A 498 -7.62 -3.27 -19.89
CA ILE A 498 -8.93 -2.99 -19.29
C ILE A 498 -9.03 -1.54 -18.86
N PHE A 499 -7.98 -1.03 -18.21
CA PHE A 499 -8.01 0.34 -17.72
C PHE A 499 -8.16 1.33 -18.86
N THR A 500 -7.34 1.21 -19.91
CA THR A 500 -7.45 2.19 -21.00
C THR A 500 -8.79 2.07 -21.70
N CYS A 501 -9.23 0.86 -22.00
CA CYS A 501 -10.49 0.69 -22.72
C CYS A 501 -11.65 1.27 -21.96
N ILE A 502 -11.67 1.11 -20.63
CA ILE A 502 -12.79 1.63 -19.84
C ILE A 502 -12.70 3.14 -19.73
N VAL A 503 -11.57 3.68 -19.30
CA VAL A 503 -11.53 5.08 -18.90
C VAL A 503 -11.28 6.06 -20.03
N TYR A 504 -10.71 5.61 -21.15
CA TYR A 504 -10.22 6.56 -22.15
C TYR A 504 -11.34 7.42 -22.71
N PHE A 505 -12.49 6.81 -23.01
CA PHE A 505 -13.57 7.56 -23.64
C PHE A 505 -14.63 8.06 -22.67
N MET A 506 -14.68 7.51 -21.46
CA MET A 506 -15.47 8.15 -20.41
C MET A 506 -14.83 9.49 -20.01
N LEU A 507 -13.51 9.50 -19.84
CA LEU A 507 -12.82 10.73 -19.48
C LEU A 507 -12.81 11.72 -20.64
N GLY A 508 -12.59 11.23 -21.85
CA GLY A 508 -12.47 12.12 -22.97
C GLY A 508 -11.05 12.57 -23.18
N LEU A 509 -10.10 11.64 -23.06
CA LEU A 509 -8.72 11.93 -23.38
C LEU A 509 -8.57 12.10 -24.88
N LYS A 510 -7.35 12.38 -25.33
CA LYS A 510 -7.12 12.82 -26.70
C LYS A 510 -7.67 11.81 -27.70
N PRO A 511 -8.54 12.23 -28.61
CA PRO A 511 -9.36 11.28 -29.38
C PRO A 511 -8.70 10.68 -30.62
N LYS A 512 -7.39 10.69 -30.71
CA LYS A 512 -6.71 10.02 -31.81
C LYS A 512 -6.40 8.57 -31.45
N ALA A 513 -6.15 7.76 -32.48
CA ALA A 513 -5.85 6.35 -32.27
C ALA A 513 -4.43 6.16 -31.74
N ASP A 514 -3.49 6.95 -32.25
CA ASP A 514 -2.11 6.87 -31.77
C ASP A 514 -2.02 7.16 -30.28
N ALA A 515 -2.73 8.17 -29.80
CA ALA A 515 -2.71 8.49 -28.39
C ALA A 515 -3.27 7.35 -27.55
N PHE A 516 -4.36 6.74 -28.02
CA PHE A 516 -4.95 5.61 -27.31
C PHE A 516 -3.96 4.47 -27.16
N PHE A 517 -3.28 4.12 -28.25
CA PHE A 517 -2.39 2.97 -28.17
C PHE A 517 -1.08 3.29 -27.45
N VAL A 518 -0.61 4.54 -27.53
CA VAL A 518 0.56 4.92 -26.75
C VAL A 518 0.25 4.82 -25.26
N MET A 519 -0.95 5.23 -24.86
CA MET A 519 -1.33 5.11 -23.45
C MET A 519 -1.36 3.66 -23.00
N MET A 520 -1.97 2.79 -23.81
CA MET A 520 -2.03 1.37 -23.45
C MET A 520 -0.65 0.76 -23.34
N PHE A 521 0.22 1.04 -24.31
CA PHE A 521 1.57 0.50 -24.32
C PHE A 521 2.39 1.01 -23.15
N THR A 522 2.26 2.28 -22.81
CA THR A 522 3.00 2.85 -21.68
C THR A 522 2.60 2.20 -20.36
N LEU A 523 1.30 1.99 -20.15
CA LEU A 523 0.87 1.34 -18.92
C LEU A 523 1.39 -0.10 -18.85
N MET A 524 1.42 -0.79 -19.98
CA MET A 524 2.00 -2.13 -20.01
C MET A 524 3.47 -2.12 -19.60
N MET A 525 4.24 -1.17 -20.14
CA MET A 525 5.66 -1.12 -19.82
C MET A 525 5.91 -0.81 -18.36
N VAL A 526 5.10 0.06 -17.77
CA VAL A 526 5.25 0.34 -16.34
C VAL A 526 4.97 -0.90 -15.52
N ALA A 527 3.92 -1.65 -15.87
CA ALA A 527 3.60 -2.87 -15.14
C ALA A 527 4.73 -3.88 -15.23
N TYR A 528 5.30 -4.05 -16.42
CA TYR A 528 6.39 -5.02 -16.59
C TYR A 528 7.64 -4.60 -15.84
N SER A 529 7.98 -3.31 -15.85
CA SER A 529 9.17 -2.87 -15.12
C SER A 529 9.01 -3.07 -13.62
N ALA A 530 7.86 -2.71 -13.07
CA ALA A 530 7.66 -2.89 -11.63
C ALA A 530 7.67 -4.36 -11.26
N SER A 531 7.05 -5.22 -12.07
CA SER A 531 7.06 -6.64 -11.80
C SER A 531 8.47 -7.23 -11.88
N SER A 532 9.26 -6.79 -12.85
CA SER A 532 10.63 -7.27 -12.96
C SER A 532 11.46 -6.87 -11.75
N MET A 533 11.26 -5.65 -11.25
CA MET A 533 11.98 -5.25 -10.05
C MET A 533 11.58 -6.11 -8.85
N ALA A 534 10.29 -6.43 -8.74
CA ALA A 534 9.84 -7.31 -7.67
C ALA A 534 10.48 -8.69 -7.78
N LEU A 535 10.57 -9.22 -9.00
CA LEU A 535 11.23 -10.51 -9.19
C LEU A 535 12.70 -10.46 -8.81
N ALA A 536 13.40 -9.42 -9.23
CA ALA A 536 14.83 -9.31 -8.93
C ALA A 536 15.07 -9.24 -7.43
N ILE A 537 14.19 -8.57 -6.70
CA ILE A 537 14.37 -8.47 -5.25
C ILE A 537 14.00 -9.78 -4.57
N ALA A 538 12.98 -10.47 -5.04
CA ALA A 538 12.43 -11.60 -4.31
C ALA A 538 12.91 -12.97 -4.77
N ALA A 539 13.59 -13.08 -5.91
CA ALA A 539 13.93 -14.39 -6.44
C ALA A 539 14.95 -15.10 -5.54
N GLY A 540 14.73 -16.39 -5.34
CA GLY A 540 15.65 -17.20 -4.55
C GLY A 540 15.54 -17.04 -3.06
N GLN A 541 14.36 -16.71 -2.54
CA GLN A 541 14.15 -16.54 -1.12
C GLN A 541 12.97 -17.39 -0.68
N SER A 542 12.89 -17.63 0.62
CA SER A 542 11.87 -18.51 1.19
C SER A 542 10.68 -17.76 1.76
N VAL A 543 10.89 -16.55 2.27
CA VAL A 543 9.83 -15.78 2.89
C VAL A 543 9.77 -14.41 2.23
N VAL A 544 8.58 -13.83 2.17
CA VAL A 544 8.34 -12.61 1.40
C VAL A 544 8.23 -11.36 2.25
N SER A 545 8.36 -11.46 3.57
CA SER A 545 8.10 -10.30 4.42
C SER A 545 9.09 -9.17 4.15
N VAL A 546 10.39 -9.48 4.20
CA VAL A 546 11.40 -8.44 3.98
C VAL A 546 11.36 -7.95 2.55
N ALA A 547 11.12 -8.85 1.60
CA ALA A 547 11.01 -8.44 0.21
C ALA A 547 9.85 -7.49 0.00
N THR A 548 8.70 -7.79 0.60
CA THR A 548 7.53 -6.93 0.47
C THR A 548 7.78 -5.56 1.10
N LEU A 549 8.43 -5.54 2.26
CA LEU A 549 8.74 -4.25 2.89
C LEU A 549 9.67 -3.41 2.02
N LEU A 550 10.71 -4.03 1.45
CA LEU A 550 11.62 -3.29 0.59
C LEU A 550 10.93 -2.79 -0.67
N MET A 551 10.09 -3.64 -1.28
CA MET A 551 9.36 -3.22 -2.46
C MET A 551 8.49 -2.01 -2.18
N THR A 552 7.74 -2.05 -1.08
CA THR A 552 6.83 -0.96 -0.77
C THR A 552 7.57 0.33 -0.49
N ILE A 553 8.67 0.27 0.26
CA ILE A 553 9.43 1.49 0.55
C ILE A 553 10.02 2.07 -0.74
N CYS A 554 10.56 1.22 -1.60
CA CYS A 554 11.13 1.70 -2.85
C CYS A 554 10.06 2.35 -3.72
N PHE A 555 8.88 1.75 -3.79
CA PHE A 555 7.82 2.33 -4.62
C PHE A 555 7.30 3.64 -4.04
N VAL A 556 7.28 3.78 -2.72
CA VAL A 556 6.87 5.05 -2.12
C VAL A 556 7.89 6.14 -2.46
N PHE A 557 9.17 5.81 -2.43
CA PHE A 557 10.18 6.81 -2.80
C PHE A 557 10.14 7.13 -4.29
N MET A 558 9.86 6.14 -5.12
CA MET A 558 9.74 6.39 -6.56
C MET A 558 8.53 7.26 -6.86
N MET A 559 7.45 7.08 -6.09
CA MET A 559 6.23 7.86 -6.32
C MET A 559 6.46 9.34 -6.02
N ILE A 560 7.28 9.64 -5.02
CA ILE A 560 7.58 11.03 -4.69
C ILE A 560 8.38 11.69 -5.80
N PHE A 561 9.16 10.93 -6.56
CA PHE A 561 9.98 11.47 -7.64
C PHE A 561 9.30 11.39 -9.00
N SER A 562 7.99 11.14 -9.05
CA SER A 562 7.31 10.99 -10.33
C SER A 562 7.15 12.31 -11.05
N GLY A 563 6.85 13.37 -10.32
CA GLY A 563 6.71 14.67 -10.94
C GLY A 563 5.43 15.41 -10.63
N LEU A 564 4.60 14.88 -9.74
CA LEU A 564 3.42 15.59 -9.31
C LEU A 564 3.54 16.17 -7.91
N LEU A 565 4.19 15.47 -6.99
CA LEU A 565 4.21 15.92 -5.62
C LEU A 565 5.35 16.89 -5.31
N VAL A 566 6.38 16.98 -6.14
CA VAL A 566 7.52 17.80 -5.75
C VAL A 566 8.11 18.71 -6.82
N ASN A 567 7.73 18.56 -8.09
CA ASN A 567 8.31 19.43 -9.12
C ASN A 567 9.82 19.29 -9.26
N LEU A 568 10.25 18.24 -9.93
CA LEU A 568 11.65 17.84 -10.10
C LEU A 568 12.65 18.94 -10.45
N THR A 569 12.22 20.05 -11.05
CA THR A 569 13.21 21.09 -11.39
C THR A 569 13.67 21.88 -10.16
N THR A 570 13.05 21.72 -9.01
CA THR A 570 13.35 22.50 -7.83
C THR A 570 14.24 21.77 -6.84
N ILE A 571 14.59 20.52 -7.09
CA ILE A 571 15.35 19.74 -6.12
C ILE A 571 16.83 20.07 -6.24
N ALA A 572 17.54 20.02 -5.11
CA ALA A 572 18.95 20.34 -5.08
C ALA A 572 19.76 19.34 -5.88
N SER A 573 20.89 19.80 -6.42
CA SER A 573 21.65 19.00 -7.38
C SER A 573 22.21 17.73 -6.77
N TRP A 574 22.64 17.76 -5.51
CA TRP A 574 23.20 16.57 -4.91
C TRP A 574 22.17 15.50 -4.65
N LEU A 575 20.88 15.82 -4.78
CA LEU A 575 19.80 14.85 -4.67
C LEU A 575 19.07 14.60 -5.97
N SER A 576 19.16 15.52 -6.93
CA SER A 576 18.27 15.49 -8.08
C SER A 576 18.49 14.27 -8.95
N TRP A 577 19.70 13.72 -8.97
CA TRP A 577 20.02 12.58 -9.81
C TRP A 577 19.21 11.34 -9.45
N LEU A 578 18.62 11.30 -8.26
CA LEU A 578 17.84 10.14 -7.84
C LEU A 578 16.57 9.95 -8.66
N GLN A 579 16.16 10.95 -9.44
CA GLN A 579 14.96 10.83 -10.24
C GLN A 579 15.11 9.87 -11.41
N TYR A 580 16.34 9.47 -11.74
CA TYR A 580 16.55 8.56 -12.85
C TYR A 580 16.33 7.11 -12.47
N PHE A 581 16.07 6.83 -11.19
CA PHE A 581 15.77 5.49 -10.73
C PHE A 581 14.29 5.26 -10.54
N SER A 582 13.44 6.17 -11.01
CA SER A 582 12.01 6.15 -10.70
C SER A 582 11.24 5.54 -11.87
N ILE A 583 10.71 4.33 -11.66
CA ILE A 583 9.85 3.72 -12.68
C ILE A 583 8.59 4.51 -12.93
N PRO A 584 7.83 4.96 -11.90
CA PRO A 584 6.64 5.75 -12.20
C PRO A 584 6.93 7.04 -12.92
N ARG A 585 8.11 7.61 -12.76
CA ARG A 585 8.42 8.89 -13.40
C ARG A 585 8.43 8.77 -14.92
N TYR A 586 9.02 7.69 -15.45
CA TYR A 586 9.05 7.51 -16.89
C TYR A 586 7.65 7.31 -17.47
N GLY A 587 6.83 6.50 -16.80
CA GLY A 587 5.47 6.31 -17.28
C GLY A 587 4.63 7.57 -17.18
N PHE A 588 4.73 8.28 -16.06
CA PHE A 588 3.97 9.51 -15.89
C PHE A 588 4.40 10.58 -16.89
N THR A 589 5.70 10.68 -17.15
CA THR A 589 6.19 11.63 -18.14
C THR A 589 5.65 11.30 -19.53
N ALA A 590 5.66 10.01 -19.90
CA ALA A 590 5.14 9.63 -21.21
C ALA A 590 3.65 9.91 -21.33
N LEU A 591 2.87 9.60 -20.29
CA LEU A 591 1.44 9.85 -20.36
C LEU A 591 1.12 11.34 -20.44
N GLN A 592 1.84 12.16 -19.69
CA GLN A 592 1.63 13.60 -19.76
C GLN A 592 2.01 14.16 -21.11
N HIS A 593 3.14 13.70 -21.66
CA HIS A 593 3.54 14.12 -22.99
C HIS A 593 2.48 13.75 -24.01
N ASN A 594 1.93 12.54 -23.89
CA ASN A 594 0.92 12.06 -24.82
C ASN A 594 -0.37 12.88 -24.74
N GLU A 595 -0.75 13.31 -23.54
CA GLU A 595 -2.04 13.96 -23.34
C GLU A 595 -2.01 15.48 -23.51
N PHE A 596 -1.03 16.16 -22.93
CA PHE A 596 -1.10 17.61 -22.79
C PHE A 596 -0.70 18.38 -24.04
N LEU A 597 -0.03 17.75 -25.00
CA LEU A 597 0.49 18.50 -26.14
C LEU A 597 -0.66 19.00 -27.02
N GLY A 598 -0.69 20.31 -27.25
CA GLY A 598 -1.66 20.92 -28.13
C GLY A 598 -2.98 21.34 -27.51
N GLN A 599 -3.05 21.47 -26.19
CA GLN A 599 -4.30 21.79 -25.51
C GLN A 599 -4.29 23.20 -24.95
N ASN A 600 -5.47 23.76 -24.78
CA ASN A 600 -5.67 25.09 -24.21
C ASN A 600 -6.51 24.97 -22.94
N PHE A 601 -6.26 25.86 -21.99
CA PHE A 601 -6.93 25.76 -20.70
C PHE A 601 -7.42 27.08 -20.14
N CYS A 602 -7.38 28.16 -20.91
CA CYS A 602 -7.85 29.48 -20.46
C CYS A 602 -8.93 29.94 -21.43
N PRO A 603 -10.19 29.61 -21.18
CA PRO A 603 -11.23 29.96 -22.15
C PRO A 603 -11.34 31.46 -22.38
N GLY A 604 -11.55 31.83 -23.64
CA GLY A 604 -11.57 33.21 -24.04
C GLY A 604 -10.21 33.83 -24.26
N LEU A 605 -9.16 33.27 -23.69
CA LEU A 605 -7.81 33.82 -23.78
C LEU A 605 -6.99 32.92 -24.69
N ASN A 606 -6.53 33.48 -25.79
CA ASN A 606 -5.74 32.74 -26.76
C ASN A 606 -4.27 33.03 -26.51
N ALA A 607 -3.59 32.09 -25.86
CA ALA A 607 -2.19 32.26 -25.47
C ALA A 607 -1.24 31.49 -26.38
N THR A 608 -1.75 30.82 -27.41
CA THR A 608 -0.89 30.15 -28.37
C THR A 608 0.08 31.12 -29.03
N GLY A 609 -0.42 32.27 -29.45
CA GLY A 609 0.45 33.30 -29.99
C GLY A 609 1.37 33.85 -28.93
N ASN A 610 0.81 34.58 -27.97
CA ASN A 610 1.58 35.07 -26.83
C ASN A 610 0.72 34.95 -25.58
N ASN A 611 1.36 34.83 -24.42
CA ASN A 611 0.63 34.86 -23.17
C ASN A 611 0.59 36.29 -22.65
N PRO A 612 -0.61 36.88 -22.49
CA PRO A 612 -0.66 38.27 -22.02
C PRO A 612 -0.07 38.48 -20.65
N CYS A 613 -0.48 37.70 -19.65
CA CYS A 613 0.08 37.82 -18.32
C CYS A 613 1.01 36.66 -18.03
N ASN A 614 2.07 36.97 -17.30
CA ASN A 614 3.26 36.16 -17.17
C ASN A 614 3.05 34.89 -16.36
N TYR A 615 1.98 34.79 -15.57
CA TYR A 615 1.85 33.73 -14.57
C TYR A 615 0.65 32.82 -14.81
N ALA A 616 0.14 32.72 -16.04
CA ALA A 616 -1.19 32.17 -16.24
C ALA A 616 -1.21 30.65 -16.43
N THR A 617 -0.27 30.07 -17.17
CA THR A 617 -0.27 28.64 -17.51
C THR A 617 -1.51 28.23 -18.30
N CYS A 618 -1.55 28.70 -19.55
CA CYS A 618 -2.73 28.56 -20.37
C CYS A 618 -2.64 27.48 -21.45
N THR A 619 -1.50 26.83 -21.63
CA THR A 619 -1.38 25.80 -22.65
C THR A 619 -0.73 24.55 -22.06
N GLY A 620 -0.88 23.45 -22.78
CA GLY A 620 -0.26 22.21 -22.37
C GLY A 620 1.25 22.25 -22.46
N GLU A 621 1.78 22.98 -23.44
CA GLU A 621 3.23 23.14 -23.55
C GLU A 621 3.82 23.87 -22.36
N GLU A 622 3.16 24.93 -21.89
CA GLU A 622 3.64 25.65 -20.72
C GLU A 622 3.67 24.74 -19.49
N TYR A 623 2.62 23.95 -19.32
CA TYR A 623 2.59 23.03 -18.19
C TYR A 623 3.68 21.98 -18.29
N LEU A 624 3.91 21.44 -19.49
CA LEU A 624 4.93 20.41 -19.64
C LEU A 624 6.32 20.96 -19.36
N VAL A 625 6.62 22.16 -19.85
CA VAL A 625 7.95 22.72 -19.64
C VAL A 625 8.15 23.09 -18.17
N LYS A 626 7.11 23.58 -17.50
CA LYS A 626 7.22 23.87 -16.08
C LYS A 626 7.52 22.64 -15.24
N GLN A 627 7.14 21.46 -15.70
CA GLN A 627 7.45 20.22 -15.00
C GLN A 627 8.80 19.64 -15.39
N GLY A 628 9.48 20.23 -16.36
CA GLY A 628 10.78 19.75 -16.79
C GLY A 628 10.77 18.74 -17.91
N ILE A 629 9.70 18.71 -18.70
CA ILE A 629 9.49 17.67 -19.70
C ILE A 629 9.85 18.22 -21.08
N ASP A 630 10.58 17.43 -21.85
CA ASP A 630 11.01 17.81 -23.19
C ASP A 630 9.86 17.72 -24.18
N LEU A 631 9.79 18.69 -25.10
CA LEU A 631 8.68 18.80 -26.03
C LEU A 631 8.89 18.06 -27.35
N SER A 632 10.08 17.56 -27.61
CA SER A 632 10.37 16.88 -28.86
C SER A 632 9.84 15.44 -28.81
N PRO A 633 9.68 14.80 -29.97
CA PRO A 633 9.25 13.38 -29.97
C PRO A 633 10.20 12.45 -29.24
N TRP A 634 11.50 12.75 -29.23
CA TRP A 634 12.41 11.96 -28.41
C TRP A 634 12.08 12.10 -26.93
N GLY A 635 11.56 13.25 -26.52
CA GLY A 635 11.14 13.45 -25.15
C GLY A 635 10.00 12.54 -24.74
N LEU A 636 9.33 11.91 -25.70
CA LEU A 636 8.34 10.89 -25.41
C LEU A 636 8.95 9.50 -25.35
N TRP A 637 9.77 9.15 -26.34
CA TRP A 637 10.20 7.77 -26.51
C TRP A 637 11.41 7.39 -25.68
N LYS A 638 12.16 8.35 -25.16
CA LYS A 638 13.25 7.97 -24.27
C LYS A 638 12.73 7.36 -22.98
N ASN A 639 11.48 7.68 -22.62
CA ASN A 639 10.87 7.04 -21.45
C ASN A 639 10.68 5.56 -21.67
N HIS A 640 10.26 5.16 -22.87
CA HIS A 640 10.09 3.75 -23.17
C HIS A 640 11.43 3.04 -23.32
N VAL A 641 12.45 3.74 -23.83
CA VAL A 641 13.78 3.16 -23.84
C VAL A 641 14.27 2.87 -22.43
N ALA A 642 14.06 3.82 -21.52
CA ALA A 642 14.47 3.61 -20.13
C ALA A 642 13.74 2.45 -19.49
N LEU A 643 12.42 2.35 -19.73
CA LEU A 643 11.66 1.25 -19.14
C LEU A 643 12.10 -0.11 -19.71
N ALA A 644 12.40 -0.17 -21.01
CA ALA A 644 12.86 -1.42 -21.59
C ALA A 644 14.21 -1.85 -21.02
N CYS A 645 15.13 -0.90 -20.85
CA CYS A 645 16.41 -1.25 -20.26
C CYS A 645 16.26 -1.73 -18.82
N MET A 646 15.36 -1.10 -18.06
CA MET A 646 15.10 -1.56 -16.70
C MET A 646 14.56 -2.98 -16.70
N ILE A 647 13.66 -3.30 -17.62
CA ILE A 647 13.11 -4.66 -17.68
C ILE A 647 14.23 -5.66 -17.92
N VAL A 648 15.11 -5.38 -18.88
CA VAL A 648 16.17 -6.32 -19.20
C VAL A 648 17.10 -6.51 -18.01
N ILE A 649 17.50 -5.42 -17.36
CA ILE A 649 18.45 -5.51 -16.25
C ILE A 649 17.85 -6.30 -15.10
N PHE A 650 16.61 -6.00 -14.74
CA PHE A 650 16.00 -6.68 -13.59
C PHE A 650 15.75 -8.15 -13.87
N LEU A 651 15.35 -8.50 -15.09
CA LEU A 651 15.15 -9.91 -15.41
C LEU A 651 16.47 -10.66 -15.40
N THR A 652 17.55 -10.02 -15.85
CA THR A 652 18.85 -10.66 -15.79
C THR A 652 19.29 -10.89 -14.35
N ILE A 653 19.06 -9.93 -13.47
CA ILE A 653 19.41 -10.11 -12.06
C ILE A 653 18.62 -11.26 -11.46
N ALA A 654 17.31 -11.34 -11.78
CA ALA A 654 16.50 -12.43 -11.26
C ALA A 654 17.00 -13.78 -11.76
N TYR A 655 17.36 -13.87 -13.03
CA TYR A 655 17.88 -15.11 -13.57
C TYR A 655 19.18 -15.51 -12.88
N LEU A 656 20.09 -14.56 -12.67
CA LEU A 656 21.35 -14.87 -12.03
C LEU A 656 21.15 -15.32 -10.59
N LYS A 657 20.22 -14.70 -9.88
CA LYS A 657 19.94 -15.12 -8.51
C LYS A 657 19.35 -16.52 -8.47
N LEU A 658 18.61 -16.92 -9.51
CA LEU A 658 18.14 -18.30 -9.56
C LEU A 658 19.28 -19.26 -9.93
N LEU A 659 20.22 -18.80 -10.75
CA LEU A 659 21.28 -19.67 -11.24
C LEU A 659 22.28 -20.00 -10.13
N PHE A 660 22.69 -19.01 -9.36
CA PHE A 660 23.68 -19.19 -8.30
C PHE A 660 23.04 -19.49 -6.96
N LEU A 661 21.76 -19.82 -6.94
CA LEU A 661 21.12 -20.26 -5.71
C LEU A 661 21.68 -21.61 -5.30
N LYS A 662 21.97 -21.76 -4.01
CA LYS A 662 22.41 -23.05 -3.50
C LYS A 662 21.25 -24.02 -3.53
N LYS A 663 21.34 -25.03 -4.39
CA LYS A 663 20.25 -25.96 -4.63
C LYS A 663 20.68 -27.31 -4.12
N TYR A 664 20.52 -27.52 -2.81
CA TYR A 664 20.99 -28.71 -2.13
C TYR A 664 20.24 -28.94 -0.83
N ASP B 1 -24.72 26.94 -7.92
CA ASP B 1 -24.07 28.10 -8.50
C ASP B 1 -23.97 29.21 -7.46
N ILE B 2 -23.41 30.35 -7.86
CA ILE B 2 -23.25 31.48 -6.95
C ILE B 2 -24.37 32.48 -7.21
N VAL B 3 -25.14 32.78 -6.17
CA VAL B 3 -26.27 33.68 -6.25
C VAL B 3 -25.81 35.05 -5.80
N LEU B 4 -26.17 36.08 -6.57
CA LEU B 4 -25.83 37.46 -6.24
C LEU B 4 -27.11 38.21 -5.87
N THR B 5 -27.05 38.93 -4.75
CA THR B 5 -28.23 39.62 -4.22
C THR B 5 -27.89 41.09 -4.05
N GLN B 6 -28.69 41.95 -4.68
CA GLN B 6 -28.61 43.38 -4.45
C GLN B 6 -29.69 43.78 -3.47
N SER B 7 -29.33 44.59 -2.47
CA SER B 7 -30.26 44.87 -1.38
C SER B 7 -31.46 45.67 -1.84
N PRO B 8 -31.32 46.89 -2.37
CA PRO B 8 -32.51 47.60 -2.85
C PRO B 8 -32.80 47.33 -4.31
N SER B 9 -34.06 47.03 -4.63
CA SER B 9 -34.47 46.95 -6.02
C SER B 9 -34.71 48.33 -6.63
N SER B 10 -34.88 49.35 -5.81
CA SER B 10 -35.09 50.71 -6.27
C SER B 10 -34.56 51.67 -5.22
N PHE B 11 -34.27 52.90 -5.65
CA PHE B 11 -33.60 53.85 -4.78
C PHE B 11 -33.86 55.26 -5.27
N SER B 12 -34.49 56.08 -4.43
CA SER B 12 -34.84 57.45 -4.78
C SER B 12 -33.79 58.40 -4.21
N VAL B 13 -33.32 59.33 -5.04
CA VAL B 13 -32.25 60.25 -4.66
C VAL B 13 -32.49 61.59 -5.34
N SER B 14 -31.66 62.56 -4.99
CA SER B 14 -31.71 63.90 -5.59
C SER B 14 -30.33 64.25 -6.15
N LEU B 15 -30.31 65.24 -7.03
CA LEU B 15 -29.07 65.62 -7.69
C LEU B 15 -28.04 66.12 -6.69
N GLY B 16 -26.78 65.76 -6.94
CA GLY B 16 -25.69 66.11 -6.05
C GLY B 16 -25.54 65.21 -4.84
N ASP B 17 -26.51 64.32 -4.60
CA ASP B 17 -26.47 63.43 -3.45
C ASP B 17 -25.41 62.35 -3.64
N ARG B 18 -25.28 61.50 -2.62
CA ARG B 18 -24.35 60.38 -2.64
C ARG B 18 -25.15 59.08 -2.57
N VAL B 19 -24.82 58.14 -3.45
CA VAL B 19 -25.55 56.89 -3.58
C VAL B 19 -24.61 55.73 -3.34
N THR B 20 -25.12 54.68 -2.69
CA THR B 20 -24.35 53.47 -2.43
C THR B 20 -25.23 52.27 -2.72
N ILE B 21 -24.73 51.35 -3.54
CA ILE B 21 -25.45 50.15 -3.94
C ILE B 21 -24.64 48.95 -3.48
N SER B 22 -25.32 47.96 -2.92
CA SER B 22 -24.68 46.83 -2.25
C SER B 22 -25.01 45.53 -2.97
N CYS B 23 -24.00 44.66 -3.08
CA CYS B 23 -24.14 43.35 -3.67
C CYS B 23 -23.57 42.31 -2.71
N LYS B 24 -24.30 41.23 -2.49
CA LYS B 24 -23.84 40.14 -1.63
C LYS B 24 -23.74 38.87 -2.45
N ALA B 25 -22.60 38.20 -2.38
CA ALA B 25 -22.40 36.92 -3.04
C ALA B 25 -22.61 35.81 -2.03
N SER B 26 -23.17 34.69 -2.51
CA SER B 26 -23.36 33.55 -1.63
C SER B 26 -22.08 32.77 -1.38
N GLY B 27 -21.03 33.01 -2.17
CA GLY B 27 -19.75 32.39 -1.95
C GLY B 27 -18.64 33.41 -2.10
N TYR B 28 -17.43 32.97 -1.79
CA TYR B 28 -16.27 33.84 -1.96
C TYR B 28 -15.99 34.07 -3.43
N ILE B 29 -15.72 35.33 -3.78
CA ILE B 29 -15.71 35.77 -5.17
C ILE B 29 -14.33 36.33 -5.49
N LEU B 30 -13.63 36.82 -4.47
CA LEU B 30 -12.24 37.26 -4.58
C LEU B 30 -12.05 38.36 -5.61
N ASN B 31 -12.91 39.37 -5.53
CA ASN B 31 -12.84 40.58 -6.36
C ASN B 31 -13.12 40.30 -7.82
N ARG B 32 -13.65 39.14 -8.15
CA ARG B 32 -14.07 38.87 -9.53
C ARG B 32 -15.51 39.35 -9.73
N LEU B 33 -15.67 40.66 -9.61
CA LEU B 33 -16.98 41.30 -9.66
C LEU B 33 -16.95 42.46 -10.62
N ALA B 34 -18.05 42.64 -11.35
CA ALA B 34 -18.18 43.74 -12.30
C ALA B 34 -19.50 44.45 -12.09
N TRP B 35 -19.55 45.72 -12.49
CA TRP B 35 -20.77 46.52 -12.44
C TRP B 35 -21.11 46.99 -13.85
N TYR B 36 -22.39 46.91 -14.19
CA TYR B 36 -22.91 47.34 -15.48
C TYR B 36 -23.98 48.39 -15.29
N GLN B 37 -24.00 49.38 -16.16
CA GLN B 37 -25.03 50.41 -16.18
C GLN B 37 -25.86 50.27 -17.45
N GLN B 38 -27.18 50.22 -17.31
CA GLN B 38 -28.07 50.07 -18.45
C GLN B 38 -29.08 51.20 -18.47
N LYS B 39 -29.04 52.01 -19.52
CA LYS B 39 -30.11 52.95 -19.80
C LYS B 39 -31.26 52.25 -20.48
N PRO B 40 -32.46 52.83 -20.46
CA PRO B 40 -33.58 52.22 -21.19
C PRO B 40 -33.31 52.20 -22.69
N GLY B 41 -33.61 51.06 -23.30
CA GLY B 41 -33.42 50.89 -24.73
C GLY B 41 -31.99 50.67 -25.18
N ASN B 42 -31.10 50.21 -24.30
CA ASN B 42 -29.72 49.99 -24.66
C ASN B 42 -29.21 48.73 -23.97
N ALA B 43 -28.09 48.23 -24.47
CA ALA B 43 -27.43 47.11 -23.85
C ALA B 43 -26.69 47.55 -22.59
N PRO B 44 -26.47 46.63 -21.66
CA PRO B 44 -25.66 46.96 -20.48
C PRO B 44 -24.26 47.38 -20.89
N ARG B 45 -23.67 48.28 -20.11
CA ARG B 45 -22.37 48.84 -20.41
C ARG B 45 -21.45 48.65 -19.21
N LEU B 46 -20.28 48.10 -19.46
CA LEU B 46 -19.36 47.79 -18.36
C LEU B 46 -18.85 49.07 -17.71
N LEU B 47 -18.89 49.10 -16.39
CA LEU B 47 -18.54 50.27 -15.60
C LEU B 47 -17.33 50.04 -14.72
N ILE B 48 -17.29 48.93 -13.99
CA ILE B 48 -16.19 48.60 -13.09
C ILE B 48 -15.85 47.13 -13.26
N SER B 49 -14.56 46.81 -13.26
CA SER B 49 -14.10 45.44 -13.29
C SER B 49 -13.11 45.22 -12.16
N GLY B 50 -12.97 43.97 -11.73
CA GLY B 50 -12.09 43.68 -10.61
C GLY B 50 -12.52 44.29 -9.31
N ALA B 51 -13.77 44.74 -9.21
CA ALA B 51 -14.40 45.30 -8.03
C ALA B 51 -13.90 46.70 -7.69
N THR B 52 -12.81 47.13 -8.30
CA THR B 52 -12.27 48.45 -8.01
C THR B 52 -11.92 49.26 -9.25
N SER B 53 -11.45 48.62 -10.31
CA SER B 53 -10.94 49.35 -11.47
C SER B 53 -12.06 49.98 -12.28
N LEU B 54 -11.93 51.26 -12.55
CA LEU B 54 -12.93 52.00 -13.29
C LEU B 54 -12.58 51.97 -14.78
N GLU B 55 -13.60 51.84 -15.61
CA GLU B 55 -13.40 51.79 -17.06
C GLU B 55 -13.20 53.19 -17.61
N THR B 56 -12.31 53.30 -18.59
CA THR B 56 -12.12 54.56 -19.27
C THR B 56 -13.40 54.97 -19.99
N GLY B 57 -13.72 56.25 -19.94
CA GLY B 57 -14.98 56.74 -20.45
C GLY B 57 -16.03 57.00 -19.40
N PHE B 58 -15.69 56.86 -18.12
CA PHE B 58 -16.59 57.18 -17.02
C PHE B 58 -15.91 58.15 -16.07
N PRO B 59 -16.67 59.06 -15.47
CA PRO B 59 -16.07 60.04 -14.57
C PRO B 59 -15.58 59.39 -13.28
N SER B 60 -14.70 60.10 -12.58
CA SER B 60 -14.19 59.62 -11.30
C SER B 60 -15.22 59.68 -10.19
N ARG B 61 -16.46 60.08 -10.47
CA ARG B 61 -17.50 60.06 -9.47
C ARG B 61 -17.86 58.63 -9.06
N PHE B 62 -17.59 57.66 -9.93
CA PHE B 62 -17.86 56.26 -9.63
C PHE B 62 -16.66 55.60 -8.98
N SER B 63 -16.91 54.78 -7.97
CA SER B 63 -15.87 54.00 -7.35
C SER B 63 -16.47 52.73 -6.77
N GLY B 64 -15.67 51.69 -6.71
CA GLY B 64 -16.11 50.42 -6.15
C GLY B 64 -15.15 49.91 -5.12
N THR B 65 -15.69 49.30 -4.08
CA THR B 65 -14.91 48.71 -3.01
C THR B 65 -15.55 47.41 -2.58
N GLY B 66 -14.77 46.56 -1.93
CA GLY B 66 -15.30 45.37 -1.32
C GLY B 66 -14.26 44.30 -1.18
N SER B 67 -14.63 43.26 -0.45
CA SER B 67 -13.77 42.10 -0.29
C SER B 67 -14.59 40.98 0.32
N GLY B 68 -14.24 39.74 -0.03
CA GLY B 68 -14.90 38.59 0.56
C GLY B 68 -16.20 38.27 -0.14
N LYS B 69 -17.31 38.65 0.47
CA LYS B 69 -18.63 38.43 -0.12
C LYS B 69 -19.45 39.70 -0.27
N ASP B 70 -18.95 40.84 0.18
CA ASP B 70 -19.73 42.09 0.18
C ASP B 70 -19.01 43.14 -0.64
N TYR B 71 -19.72 43.70 -1.62
CA TYR B 71 -19.16 44.69 -2.52
C TYR B 71 -20.14 45.84 -2.67
N THR B 72 -19.60 47.03 -2.91
CA THR B 72 -20.44 48.22 -3.03
C THR B 72 -20.00 49.06 -4.20
N LEU B 73 -20.96 49.70 -4.84
CA LEU B 73 -20.72 50.70 -5.87
C LEU B 73 -21.13 52.06 -5.30
N SER B 74 -20.25 53.04 -5.43
CA SER B 74 -20.42 54.33 -4.79
C SER B 74 -20.42 55.45 -5.82
N ILE B 75 -21.47 56.28 -5.79
CA ILE B 75 -21.56 57.46 -6.64
C ILE B 75 -21.59 58.68 -5.74
N SER B 76 -20.64 59.58 -5.91
CA SER B 76 -20.61 60.84 -5.19
C SER B 76 -21.05 61.94 -6.15
N SER B 77 -21.98 62.77 -5.69
CA SER B 77 -22.55 63.87 -6.49
C SER B 77 -23.25 63.33 -7.74
N LEU B 78 -24.39 62.68 -7.49
CA LEU B 78 -25.21 62.15 -8.57
C LEU B 78 -25.63 63.25 -9.54
N GLN B 79 -25.60 62.93 -10.83
CA GLN B 79 -26.00 63.83 -11.89
C GLN B 79 -27.14 63.22 -12.69
N THR B 80 -27.66 63.98 -13.66
CA THR B 80 -28.82 63.52 -14.41
C THR B 80 -28.48 62.34 -15.31
N GLU B 81 -27.28 62.32 -15.87
CA GLU B 81 -26.90 61.25 -16.79
C GLU B 81 -26.67 59.91 -16.08
N ASP B 82 -26.71 59.89 -14.75
CA ASP B 82 -26.43 58.67 -13.99
C ASP B 82 -27.67 57.88 -13.63
N VAL B 83 -28.85 58.31 -14.05
CA VAL B 83 -30.07 57.59 -13.71
C VAL B 83 -30.21 56.39 -14.64
N GLY B 84 -30.51 55.23 -14.06
CA GLY B 84 -30.59 54.00 -14.82
C GLY B 84 -30.68 52.83 -13.88
N THR B 85 -30.26 51.67 -14.39
CA THR B 85 -30.24 50.43 -13.62
C THR B 85 -28.82 49.91 -13.55
N TYR B 86 -28.45 49.35 -12.41
CA TYR B 86 -27.10 48.88 -12.16
C TYR B 86 -27.14 47.42 -11.76
N TYR B 87 -26.26 46.62 -12.35
CA TYR B 87 -26.18 45.19 -12.10
C TYR B 87 -24.78 44.82 -11.66
N CYS B 88 -24.69 43.94 -10.67
CA CYS B 88 -23.42 43.30 -10.36
C CYS B 88 -23.37 41.94 -11.04
N GLN B 89 -22.16 41.50 -11.38
CA GLN B 89 -21.95 40.21 -12.00
C GLN B 89 -20.69 39.59 -11.45
N GLN B 90 -20.75 38.30 -11.11
CA GLN B 90 -19.56 37.56 -10.73
C GLN B 90 -19.07 36.77 -11.92
N TYR B 91 -17.76 36.74 -12.10
CA TYR B 91 -17.14 35.92 -13.11
C TYR B 91 -16.05 35.04 -12.50
N TRP B 92 -16.29 34.59 -11.28
CA TRP B 92 -15.38 33.66 -10.63
C TRP B 92 -15.62 32.22 -11.06
N SER B 93 -16.87 31.82 -11.25
CA SER B 93 -17.23 30.46 -11.59
C SER B 93 -18.08 30.43 -12.85
N THR B 94 -17.98 29.31 -13.58
CA THR B 94 -18.32 29.31 -15.01
C THR B 94 -19.78 29.55 -15.33
N PRO B 95 -20.76 29.22 -14.48
CA PRO B 95 -22.11 29.77 -14.70
C PRO B 95 -22.19 31.20 -14.20
N TRP B 96 -21.78 32.17 -15.02
CA TRP B 96 -21.76 33.55 -14.59
C TRP B 96 -23.17 34.04 -14.28
N THR B 97 -23.32 34.73 -13.17
CA THR B 97 -24.63 35.13 -12.68
C THR B 97 -24.66 36.62 -12.39
N PHE B 98 -25.80 37.23 -12.67
CA PHE B 98 -26.02 38.65 -12.43
C PHE B 98 -26.84 38.87 -11.18
N GLY B 99 -26.71 40.06 -10.62
CA GLY B 99 -27.62 40.50 -9.59
C GLY B 99 -28.93 40.97 -10.19
N GLY B 100 -29.90 41.21 -9.31
CA GLY B 100 -31.23 41.55 -9.78
C GLY B 100 -31.37 42.93 -10.37
N GLY B 101 -30.47 43.83 -10.04
CA GLY B 101 -30.53 45.17 -10.57
C GLY B 101 -31.12 46.16 -9.58
N THR B 102 -30.59 47.39 -9.61
CA THR B 102 -31.04 48.46 -8.75
C THR B 102 -31.35 49.67 -9.61
N LYS B 103 -32.61 50.09 -9.61
CA LYS B 103 -33.09 51.17 -10.47
C LYS B 103 -33.06 52.49 -9.70
N LEU B 104 -32.17 53.38 -10.11
CA LEU B 104 -32.11 54.71 -9.52
C LEU B 104 -33.24 55.58 -10.04
N GLU B 105 -33.79 56.42 -9.16
CA GLU B 105 -34.89 57.30 -9.51
C GLU B 105 -34.64 58.68 -8.90
N ILE B 106 -35.26 59.69 -9.51
CA ILE B 106 -35.10 61.08 -9.10
C ILE B 106 -36.34 61.51 -8.34
N ARG B 107 -36.14 62.10 -7.16
CA ARG B 107 -37.23 62.73 -6.42
C ARG B 107 -37.33 64.20 -6.77
N VAL C 2 -15.51 43.48 -31.69
CA VAL C 2 -15.40 44.93 -31.67
C VAL C 2 -16.71 45.58 -32.12
N GLN C 3 -17.38 45.00 -33.10
CA GLN C 3 -18.72 45.43 -33.47
C GLN C 3 -19.57 44.21 -33.77
N LEU C 4 -20.69 44.09 -33.08
CA LEU C 4 -21.53 42.90 -33.13
C LEU C 4 -22.96 43.32 -33.49
N GLN C 5 -23.69 42.41 -34.14
CA GLN C 5 -25.06 42.71 -34.50
C GLN C 5 -25.86 41.43 -34.60
N GLU C 6 -26.96 41.35 -33.86
CA GLU C 6 -27.85 40.20 -33.93
C GLU C 6 -28.84 40.37 -35.07
N SER C 7 -29.40 39.23 -35.50
CA SER C 7 -30.46 39.22 -36.49
C SER C 7 -31.17 37.89 -36.40
N GLY C 8 -32.43 37.87 -36.83
CA GLY C 8 -33.20 36.65 -36.83
C GLY C 8 -34.68 36.90 -36.71
N PRO C 9 -35.48 35.84 -36.81
CA PRO C 9 -36.93 35.99 -36.72
C PRO C 9 -37.35 36.45 -35.33
N GLY C 10 -38.26 37.42 -35.31
CA GLY C 10 -38.77 37.99 -34.08
C GLY C 10 -39.97 37.30 -33.48
N LEU C 11 -40.44 36.22 -34.09
CA LEU C 11 -41.63 35.52 -33.62
C LEU C 11 -41.42 34.03 -33.80
N VAL C 12 -41.76 33.26 -32.77
CA VAL C 12 -41.57 31.82 -32.77
C VAL C 12 -42.82 31.18 -32.17
N LYS C 13 -43.26 30.09 -32.76
CA LYS C 13 -44.37 29.34 -32.21
C LYS C 13 -43.88 28.32 -31.19
N PRO C 14 -44.67 28.01 -30.17
CA PRO C 14 -44.20 27.09 -29.13
C PRO C 14 -43.86 25.73 -29.69
N SER C 15 -42.88 25.09 -29.05
CA SER C 15 -42.30 23.80 -29.39
C SER C 15 -41.39 23.85 -30.61
N GLN C 16 -41.27 24.99 -31.27
CA GLN C 16 -40.40 25.14 -32.41
C GLN C 16 -38.97 25.38 -31.94
N SER C 17 -38.11 25.82 -32.86
CA SER C 17 -36.72 26.11 -32.55
C SER C 17 -36.43 27.57 -32.87
N LEU C 18 -35.73 28.24 -31.97
CA LEU C 18 -35.34 29.63 -32.15
C LEU C 18 -33.92 29.68 -32.68
N SER C 19 -33.69 30.52 -33.68
CA SER C 19 -32.39 30.62 -34.32
C SER C 19 -32.03 32.09 -34.47
N LEU C 20 -30.81 32.46 -34.06
CA LEU C 20 -30.34 33.82 -34.16
C LEU C 20 -28.90 33.82 -34.65
N THR C 21 -28.48 34.96 -35.20
CA THR C 21 -27.17 35.09 -35.82
C THR C 21 -26.53 36.39 -35.34
N CYS C 22 -25.23 36.33 -35.02
CA CYS C 22 -24.44 37.50 -34.69
C CYS C 22 -23.33 37.61 -35.71
N THR C 23 -23.21 38.77 -36.35
CA THR C 23 -22.19 39.04 -37.35
C THR C 23 -21.15 39.98 -36.76
N VAL C 24 -19.90 39.56 -36.79
CA VAL C 24 -18.81 40.28 -36.16
C VAL C 24 -17.98 40.97 -37.23
N THR C 25 -17.70 42.25 -37.04
CA THR C 25 -16.83 43.01 -37.93
C THR C 25 -15.76 43.71 -37.10
N GLY C 26 -14.56 43.81 -37.66
CA GLY C 26 -13.46 44.46 -37.00
C GLY C 26 -12.58 43.55 -36.18
N PHE C 27 -12.86 42.25 -36.17
CA PHE C 27 -12.11 41.28 -35.38
C PHE C 27 -12.49 39.91 -35.90
N SER C 28 -11.55 38.97 -35.81
CA SER C 28 -11.78 37.62 -36.29
C SER C 28 -12.22 36.73 -35.14
N ILE C 29 -13.38 36.10 -35.28
CA ILE C 29 -13.90 35.28 -34.19
C ILE C 29 -13.05 34.04 -33.95
N THR C 30 -12.16 33.72 -34.87
CA THR C 30 -11.24 32.61 -34.68
C THR C 30 -9.93 33.04 -34.06
N SER C 31 -9.79 34.32 -33.72
CA SER C 31 -8.51 34.86 -33.32
C SER C 31 -8.30 34.83 -31.82
N ASP C 32 -9.14 35.52 -31.03
CA ASP C 32 -8.82 35.61 -29.61
C ASP C 32 -9.88 35.20 -28.59
N TYR C 33 -11.09 35.74 -28.68
CA TYR C 33 -11.94 35.85 -27.50
C TYR C 33 -12.88 34.66 -27.32
N ALA C 34 -13.87 34.82 -26.44
CA ALA C 34 -15.02 33.93 -26.36
C ALA C 34 -16.27 34.73 -26.71
N TRP C 35 -17.26 34.05 -27.28
CA TRP C 35 -18.39 34.72 -27.94
C TRP C 35 -19.69 34.22 -27.35
N ASN C 36 -20.43 35.10 -26.69
CA ASN C 36 -21.46 34.76 -25.73
C ASN C 36 -22.86 35.12 -26.21
N TRP C 37 -23.85 34.45 -25.62
CA TRP C 37 -25.26 34.79 -25.76
C TRP C 37 -25.84 35.07 -24.39
N ILE C 38 -26.54 36.20 -24.25
CA ILE C 38 -27.15 36.63 -23.00
C ILE C 38 -28.55 37.10 -23.30
N ARG C 39 -29.50 36.82 -22.41
CA ARG C 39 -30.87 37.26 -22.61
C ARG C 39 -31.40 37.98 -21.38
N GLN C 40 -32.31 38.91 -21.62
CA GLN C 40 -32.92 39.72 -20.57
C GLN C 40 -34.43 39.57 -20.64
N PHE C 41 -35.02 39.05 -19.57
CA PHE C 41 -36.46 38.85 -19.52
C PHE C 41 -37.19 40.17 -19.30
N PRO C 42 -38.47 40.23 -19.67
CA PRO C 42 -39.29 41.36 -19.21
C PRO C 42 -39.45 41.30 -17.69
N GLY C 43 -39.40 42.45 -17.05
CA GLY C 43 -39.12 42.42 -15.63
C GLY C 43 -37.64 42.16 -15.48
N LYS C 44 -36.85 43.16 -15.88
CA LYS C 44 -35.47 43.01 -16.33
C LYS C 44 -34.64 42.14 -15.41
N LYS C 45 -34.22 40.99 -15.95
CA LYS C 45 -33.27 40.11 -15.28
C LYS C 45 -32.41 39.49 -16.36
N LEU C 46 -31.11 39.38 -16.08
CA LEU C 46 -30.14 38.95 -17.06
C LEU C 46 -29.75 37.51 -16.80
N GLU C 47 -29.59 36.73 -17.86
CA GLU C 47 -29.15 35.35 -17.77
C GLU C 47 -28.12 35.07 -18.84
N TRP C 48 -26.95 34.58 -18.41
CA TRP C 48 -25.94 34.12 -19.34
C TRP C 48 -26.28 32.74 -19.83
N MET C 49 -26.17 32.51 -21.14
CA MET C 49 -26.58 31.25 -21.74
C MET C 49 -25.39 30.36 -22.11
N GLY C 50 -24.38 30.90 -22.76
CA GLY C 50 -23.21 30.12 -23.10
C GLY C 50 -22.30 30.90 -24.02
N TYR C 51 -21.19 30.27 -24.37
CA TYR C 51 -20.25 30.86 -25.32
C TYR C 51 -19.67 29.78 -26.21
N ILE C 52 -19.05 30.23 -27.30
CA ILE C 52 -18.17 29.40 -28.12
C ILE C 52 -16.79 30.03 -28.10
N ASN C 53 -15.77 29.23 -27.83
CA ASN C 53 -14.42 29.73 -27.67
C ASN C 53 -13.80 30.02 -29.04
N PHE C 54 -12.67 30.74 -29.02
CA PHE C 54 -11.98 31.07 -30.26
C PHE C 54 -11.50 29.84 -31.01
N ASP C 55 -11.38 28.69 -30.35
CA ASP C 55 -10.96 27.47 -31.00
C ASP C 55 -12.08 26.47 -31.22
N GLY C 56 -13.34 26.83 -30.95
CA GLY C 56 -14.46 25.99 -31.27
C GLY C 56 -15.11 25.27 -30.11
N GLY C 57 -14.50 25.26 -28.93
CA GLY C 57 -15.14 24.66 -27.78
C GLY C 57 -16.29 25.51 -27.25
N THR C 58 -17.22 24.84 -26.59
CA THR C 58 -18.42 25.50 -26.09
C THR C 58 -18.62 25.19 -24.61
N THR C 59 -19.36 26.07 -23.94
CA THR C 59 -19.76 25.87 -22.55
C THR C 59 -21.13 26.50 -22.38
N TYR C 60 -22.06 25.77 -21.78
CA TYR C 60 -23.45 26.20 -21.69
C TYR C 60 -23.88 26.33 -20.23
N ASN C 61 -24.88 27.16 -20.02
CA ASN C 61 -25.51 27.28 -18.71
C ASN C 61 -26.24 25.98 -18.38
N PRO C 62 -26.01 25.40 -17.20
CA PRO C 62 -26.69 24.13 -16.87
C PRO C 62 -28.20 24.24 -16.82
N SER C 63 -28.77 25.42 -16.62
CA SER C 63 -30.21 25.55 -16.58
C SER C 63 -30.86 25.35 -17.94
N LEU C 64 -30.08 25.32 -19.00
CA LEU C 64 -30.56 25.00 -20.34
C LEU C 64 -29.89 23.69 -20.74
N ARG C 65 -30.49 22.58 -20.34
CA ARG C 65 -29.91 21.26 -20.57
C ARG C 65 -30.37 20.73 -21.92
N GLY C 66 -29.42 20.50 -22.81
CA GLY C 66 -29.71 19.92 -24.10
C GLY C 66 -30.50 20.79 -25.04
N ARG C 67 -31.05 21.91 -24.58
CA ARG C 67 -31.89 22.74 -25.42
C ARG C 67 -31.12 23.77 -26.23
N ILE C 68 -29.83 23.96 -25.95
CA ILE C 68 -29.08 25.06 -26.54
C ILE C 68 -27.88 24.50 -27.29
N SER C 69 -27.62 25.05 -28.47
CA SER C 69 -26.40 24.79 -29.22
C SER C 69 -25.87 26.10 -29.77
N ILE C 70 -24.56 26.25 -29.76
CA ILE C 70 -23.89 27.41 -30.34
C ILE C 70 -22.88 26.89 -31.35
N THR C 71 -22.95 27.41 -32.57
CA THR C 71 -22.07 27.00 -33.66
C THR C 71 -21.49 28.24 -34.30
N ARG C 72 -20.57 28.05 -35.24
CA ARG C 72 -19.93 29.17 -35.89
C ARG C 72 -19.66 28.85 -37.35
N ASP C 73 -19.38 29.91 -38.12
CA ASP C 73 -19.06 29.83 -39.54
C ASP C 73 -17.93 30.83 -39.78
N THR C 74 -16.69 30.35 -39.72
CA THR C 74 -15.55 31.24 -39.68
C THR C 74 -15.31 31.96 -41.01
N SER C 75 -15.83 31.43 -42.12
CA SER C 75 -15.60 32.08 -43.41
C SER C 75 -16.25 33.45 -43.47
N LYS C 76 -17.45 33.60 -42.92
CA LYS C 76 -18.15 34.87 -42.91
C LYS C 76 -18.19 35.53 -41.54
N ASN C 77 -17.47 34.98 -40.55
CA ASN C 77 -17.29 35.60 -39.24
C ASN C 77 -18.63 35.72 -38.49
N GLN C 78 -19.29 34.58 -38.30
CA GLN C 78 -20.59 34.54 -37.66
C GLN C 78 -20.65 33.39 -36.66
N PHE C 79 -21.44 33.58 -35.61
CA PHE C 79 -21.77 32.49 -34.71
C PHE C 79 -23.26 32.53 -34.41
N PHE C 80 -23.82 31.37 -34.09
CA PHE C 80 -25.26 31.15 -34.13
C PHE C 80 -25.77 30.59 -32.79
N LEU C 81 -27.03 30.89 -32.51
CA LEU C 81 -27.73 30.35 -31.35
C LEU C 81 -28.92 29.54 -31.82
N GLN C 82 -29.07 28.34 -31.26
CA GLN C 82 -30.26 27.53 -31.50
C GLN C 82 -30.82 27.08 -30.16
N LEU C 83 -32.05 27.49 -29.87
CA LEU C 83 -32.75 27.11 -28.65
C LEU C 83 -34.00 26.35 -29.05
N ARG C 84 -34.05 25.07 -28.71
CA ARG C 84 -35.08 24.17 -29.24
C ARG C 84 -36.13 23.87 -28.19
N SER C 85 -37.32 23.50 -28.69
CA SER C 85 -38.50 23.23 -27.87
C SER C 85 -38.85 24.44 -27.00
N VAL C 86 -39.13 25.56 -27.67
CA VAL C 86 -39.31 26.82 -26.98
C VAL C 86 -40.70 26.89 -26.35
N THR C 87 -40.82 27.73 -25.32
CA THR C 87 -42.05 27.97 -24.57
C THR C 87 -42.22 29.47 -24.41
N PRO C 88 -43.43 29.93 -24.05
CA PRO C 88 -43.62 31.38 -23.91
C PRO C 88 -42.80 32.00 -22.78
N GLU C 89 -42.17 31.18 -21.95
CA GLU C 89 -41.26 31.69 -20.94
C GLU C 89 -39.90 32.04 -21.50
N ASP C 90 -39.63 31.73 -22.77
CA ASP C 90 -38.40 32.13 -23.43
C ASP C 90 -38.54 33.43 -24.17
N THR C 91 -39.50 34.26 -23.80
CA THR C 91 -39.66 35.59 -24.38
C THR C 91 -38.67 36.52 -23.70
N ALA C 92 -37.82 37.16 -24.49
CA ALA C 92 -36.75 37.98 -23.92
C ALA C 92 -36.09 38.77 -25.03
N THR C 93 -35.19 39.67 -24.64
CA THR C 93 -34.26 40.31 -25.55
C THR C 93 -32.95 39.55 -25.51
N TYR C 94 -32.41 39.25 -26.68
CA TYR C 94 -31.21 38.43 -26.80
C TYR C 94 -30.05 39.28 -27.29
N TYR C 95 -28.92 39.16 -26.59
CA TYR C 95 -27.70 39.90 -26.91
C TYR C 95 -26.56 38.94 -27.20
N CYS C 96 -25.69 39.32 -28.12
CA CYS C 96 -24.38 38.69 -28.22
C CYS C 96 -23.34 39.60 -27.59
N ALA C 97 -22.35 39.00 -26.95
CA ALA C 97 -21.35 39.76 -26.21
C ALA C 97 -20.02 39.06 -26.30
N THR C 98 -18.96 39.81 -26.00
CA THR C 98 -17.59 39.32 -26.11
C THR C 98 -16.95 39.27 -24.73
N PHE C 99 -16.10 38.27 -24.52
CA PHE C 99 -15.44 38.04 -23.25
C PHE C 99 -13.96 37.88 -23.52
N TYR C 100 -13.12 38.70 -22.87
CA TYR C 100 -11.70 38.60 -23.14
C TYR C 100 -11.06 37.43 -22.40
N GLY C 101 -11.07 37.44 -21.08
CA GLY C 101 -10.50 36.29 -20.41
C GLY C 101 -9.24 36.59 -19.65
N ALA C 102 -8.34 37.38 -20.23
CA ALA C 102 -7.29 37.98 -19.42
C ALA C 102 -7.86 38.99 -18.45
N LYS C 103 -8.97 39.62 -18.81
CA LYS C 103 -9.66 40.59 -17.99
C LYS C 103 -10.86 39.98 -17.26
N GLY C 104 -11.70 39.24 -17.96
CA GLY C 104 -12.77 38.50 -17.36
C GLY C 104 -14.17 39.06 -17.54
N THR C 105 -14.32 40.24 -18.11
CA THR C 105 -15.61 40.90 -18.20
C THR C 105 -16.18 40.84 -19.61
N LEU C 106 -17.45 41.19 -19.72
CA LEU C 106 -18.14 41.26 -21.00
C LEU C 106 -18.00 42.68 -21.52
N ASP C 107 -17.10 42.86 -22.48
CA ASP C 107 -16.67 44.20 -22.91
C ASP C 107 -17.54 44.78 -24.01
N TYR C 108 -17.82 44.03 -25.07
CA TYR C 108 -18.58 44.52 -26.20
C TYR C 108 -19.88 43.75 -26.28
N TRP C 109 -20.97 44.47 -26.49
CA TRP C 109 -22.30 43.89 -26.58
C TRP C 109 -22.89 44.21 -27.94
N GLY C 110 -23.88 43.42 -28.34
CA GLY C 110 -24.67 43.73 -29.50
C GLY C 110 -25.78 44.72 -29.17
N GLN C 111 -26.64 44.93 -30.16
CA GLN C 111 -27.76 45.85 -29.96
C GLN C 111 -28.90 45.19 -29.21
N GLY C 112 -29.11 43.90 -29.41
CA GLY C 112 -30.23 43.19 -28.81
C GLY C 112 -31.37 43.03 -29.77
N THR C 113 -32.01 41.87 -29.76
CA THR C 113 -33.17 41.60 -30.60
C THR C 113 -34.26 40.94 -29.77
N SER C 114 -35.49 41.39 -29.97
CA SER C 114 -36.63 40.88 -29.22
C SER C 114 -37.20 39.64 -29.90
N VAL C 115 -37.51 38.64 -29.09
CA VAL C 115 -38.11 37.39 -29.56
C VAL C 115 -39.34 37.13 -28.72
N THR C 116 -40.48 36.91 -29.37
CA THR C 116 -41.73 36.59 -28.71
C THR C 116 -42.13 35.17 -29.07
N VAL C 117 -42.57 34.41 -28.08
CA VAL C 117 -43.02 33.04 -28.28
C VAL C 117 -44.51 33.00 -27.99
N SER C 118 -45.32 32.97 -29.04
CA SER C 118 -46.77 33.02 -28.89
C SER C 118 -47.41 32.24 -30.04
N SER C 119 -48.73 32.37 -30.16
CA SER C 119 -49.48 31.63 -31.17
C SER C 119 -50.73 32.39 -31.59
N ASP D 1 21.32 26.19 -14.97
CA ASP D 1 20.55 27.35 -15.40
C ASP D 1 20.40 27.37 -16.91
N ILE D 2 19.74 28.39 -17.44
CA ILE D 2 19.51 28.50 -18.87
C ILE D 2 20.55 29.46 -19.45
N VAL D 3 21.31 28.98 -20.42
CA VAL D 3 22.37 29.76 -21.05
C VAL D 3 21.82 30.33 -22.34
N LEU D 4 22.06 31.62 -22.56
CA LEU D 4 21.63 32.31 -23.77
C LEU D 4 22.85 32.65 -24.60
N THR D 5 22.78 32.36 -25.89
CA THR D 5 23.90 32.54 -26.80
C THR D 5 23.46 33.40 -27.97
N GLN D 6 24.16 34.50 -28.18
CA GLN D 6 23.97 35.32 -29.37
C GLN D 6 25.06 34.98 -30.37
N SER D 7 24.66 34.79 -31.62
CA SER D 7 25.59 34.26 -32.62
C SER D 7 26.71 35.24 -32.92
N PRO D 8 26.45 36.46 -33.43
CA PRO D 8 27.56 37.38 -33.66
C PRO D 8 27.83 38.28 -32.45
N SER D 9 29.09 38.40 -32.08
CA SER D 9 29.47 39.38 -31.07
C SER D 9 29.57 40.79 -31.64
N SER D 10 29.69 40.91 -32.96
CA SER D 10 29.77 42.21 -33.62
C SER D 10 29.20 42.07 -35.02
N PHE D 11 28.79 43.19 -35.60
CA PHE D 11 28.08 43.16 -36.86
C PHE D 11 28.21 44.51 -37.54
N SER D 12 28.80 44.53 -38.74
CA SER D 12 29.01 45.75 -39.51
C SER D 12 27.92 45.91 -40.54
N VAL D 13 27.35 47.11 -40.62
CA VAL D 13 26.23 47.38 -41.50
C VAL D 13 26.33 48.81 -42.01
N SER D 14 25.43 49.17 -42.93
CA SER D 14 25.34 50.51 -43.47
C SER D 14 23.94 51.05 -43.29
N LEU D 15 23.80 52.37 -43.40
CA LEU D 15 22.51 53.01 -43.16
C LEU D 15 21.48 52.55 -44.18
N GLY D 16 20.24 52.38 -43.71
CA GLY D 16 19.16 51.89 -44.53
C GLY D 16 19.13 50.39 -44.70
N ASP D 17 20.17 49.68 -44.28
CA ASP D 17 20.24 48.23 -44.43
C ASP D 17 19.27 47.54 -43.48
N ARG D 18 19.23 46.22 -43.57
CA ARG D 18 18.41 45.38 -42.71
C ARG D 18 19.31 44.50 -41.86
N VAL D 19 19.03 44.45 -40.56
CA VAL D 19 19.86 43.75 -39.59
C VAL D 19 19.02 42.70 -38.89
N THR D 20 19.64 41.55 -38.61
CA THR D 20 18.98 40.48 -37.89
C THR D 20 19.94 39.92 -36.85
N ILE D 21 19.49 39.84 -35.61
CA ILE D 21 20.29 39.36 -34.48
C ILE D 21 19.60 38.14 -33.92
N SER D 22 20.38 37.11 -33.60
CA SER D 22 19.85 35.81 -33.23
C SER D 22 20.26 35.44 -31.82
N CYS D 23 19.33 34.85 -31.08
CA CYS D 23 19.54 34.38 -29.72
C CYS D 23 19.10 32.93 -29.63
N LYS D 24 19.92 32.07 -29.02
CA LYS D 24 19.58 30.68 -28.82
C LYS D 24 19.56 30.38 -27.32
N ALA D 25 18.47 29.77 -26.86
CA ALA D 25 18.36 29.35 -25.48
C ALA D 25 18.70 27.88 -25.36
N SER D 26 19.32 27.49 -24.25
CA SER D 26 19.64 26.09 -24.04
C SER D 26 18.44 25.27 -23.61
N GLY D 27 17.35 25.93 -23.20
CA GLY D 27 16.12 25.24 -22.86
C GLY D 27 14.93 25.97 -23.45
N TYR D 28 13.76 25.34 -23.30
CA TYR D 28 12.54 25.97 -23.77
C TYR D 28 12.19 27.17 -22.91
N ILE D 29 11.82 28.26 -23.57
CA ILE D 29 11.72 29.56 -22.93
C ILE D 29 10.29 30.06 -23.06
N LEU D 30 9.58 29.62 -24.09
CA LEU D 30 8.15 29.88 -24.28
C LEU D 30 7.85 31.37 -24.34
N ASN D 31 8.62 32.07 -25.17
CA ASN D 31 8.44 33.49 -25.47
C ASN D 31 8.67 34.39 -24.26
N ARG D 32 9.29 33.87 -23.21
CA ARG D 32 9.69 34.70 -22.08
C ARG D 32 11.07 35.29 -22.35
N LEU D 33 11.13 36.13 -23.37
CA LEU D 33 12.38 36.70 -23.84
C LEU D 33 12.23 38.20 -24.02
N ALA D 34 13.28 38.93 -23.68
CA ALA D 34 13.29 40.39 -23.81
C ALA D 34 14.56 40.83 -24.52
N TRP D 35 14.49 41.99 -25.16
CA TRP D 35 15.63 42.62 -25.82
C TRP D 35 15.90 43.98 -25.19
N TYR D 36 17.16 44.27 -24.94
CA TYR D 36 17.60 45.55 -24.37
C TYR D 36 18.58 46.21 -25.31
N GLN D 37 18.50 47.53 -25.41
CA GLN D 37 19.45 48.32 -26.18
C GLN D 37 20.23 49.21 -25.23
N GLN D 38 21.56 49.18 -25.34
CA GLN D 38 22.42 49.98 -24.47
C GLN D 38 23.34 50.84 -25.32
N LYS D 39 23.19 52.15 -25.17
CA LYS D 39 24.17 53.10 -25.69
C LYS D 39 25.36 53.20 -24.75
N PRO D 40 26.50 53.66 -25.22
CA PRO D 40 27.64 53.87 -24.32
C PRO D 40 27.33 54.92 -23.26
N GLY D 41 27.69 54.59 -22.02
CA GLY D 41 27.47 55.49 -20.91
C GLY D 41 26.06 55.56 -20.38
N ASN D 42 25.24 54.54 -20.63
CA ASN D 42 23.86 54.52 -20.17
C ASN D 42 23.47 53.13 -19.72
N ALA D 43 22.39 53.05 -18.98
CA ALA D 43 21.84 51.77 -18.57
C ALA D 43 21.12 51.11 -19.73
N PRO D 44 21.00 49.78 -19.72
CA PRO D 44 20.21 49.11 -20.74
C PRO D 44 18.76 49.57 -20.71
N ARG D 45 18.14 49.58 -21.87
CA ARG D 45 16.78 50.08 -22.02
C ARG D 45 15.92 49.02 -22.69
N LEU D 46 14.78 48.71 -22.08
CA LEU D 46 13.93 47.64 -22.58
C LEU D 46 13.35 48.01 -23.93
N LEU D 47 13.43 47.08 -24.87
CA LEU D 47 13.01 47.30 -26.25
C LEU D 47 11.86 46.39 -26.65
N ILE D 48 11.93 45.10 -26.36
CA ILE D 48 10.88 44.14 -26.70
C ILE D 48 10.67 43.22 -25.51
N SER D 49 9.41 42.90 -25.23
CA SER D 49 9.06 41.93 -24.21
C SER D 49 8.12 40.90 -24.80
N GLY D 50 8.10 39.72 -24.20
CA GLY D 50 7.28 38.65 -24.73
C GLY D 50 7.70 38.16 -26.10
N ALA D 51 8.92 38.49 -26.52
CA ALA D 51 9.54 38.08 -27.77
C ALA D 51 8.93 38.75 -28.99
N THR D 52 7.80 39.40 -28.85
CA THR D 52 7.16 40.06 -29.98
C THR D 52 6.71 41.48 -29.68
N SER D 53 6.25 41.78 -28.47
CA SER D 53 5.65 43.06 -28.17
C SER D 53 6.69 44.17 -28.11
N LEU D 54 6.44 45.24 -28.84
CA LEU D 54 7.36 46.37 -28.89
C LEU D 54 6.96 47.40 -27.84
N GLU D 55 7.96 47.98 -27.19
CA GLU D 55 7.71 48.97 -26.16
C GLU D 55 7.38 50.33 -26.77
N THR D 56 6.45 51.03 -26.14
CA THR D 56 6.14 52.39 -26.58
C THR D 56 7.36 53.27 -26.41
N GLY D 57 7.57 54.15 -27.38
CA GLY D 57 8.77 54.95 -27.43
C GLY D 57 9.83 54.46 -28.38
N PHE D 58 9.55 53.41 -29.15
CA PHE D 58 10.45 52.91 -30.17
C PHE D 58 9.73 52.85 -31.51
N PRO D 59 10.42 53.10 -32.61
CA PRO D 59 9.78 53.08 -33.92
C PRO D 59 9.39 51.67 -34.32
N SER D 60 8.49 51.58 -35.29
CA SER D 60 8.06 50.29 -35.81
C SER D 60 9.12 49.60 -36.66
N ARG D 61 10.31 50.19 -36.80
CA ARG D 61 11.38 49.52 -37.51
C ARG D 61 11.87 48.28 -36.78
N PHE D 62 11.65 48.21 -35.47
CA PHE D 62 12.05 47.07 -34.68
C PHE D 62 10.92 46.04 -34.61
N SER D 63 11.28 44.77 -34.73
CA SER D 63 10.31 43.69 -34.55
C SER D 63 11.05 42.46 -34.06
N GLY D 64 10.33 41.62 -33.33
CA GLY D 64 10.89 40.39 -32.81
C GLY D 64 10.01 39.22 -33.12
N THR D 65 10.64 38.08 -33.42
CA THR D 65 9.94 36.85 -33.72
C THR D 65 10.70 35.69 -33.10
N GLY D 66 10.00 34.58 -32.91
CA GLY D 66 10.67 33.37 -32.50
C GLY D 66 9.71 32.45 -31.79
N SER D 67 10.18 31.23 -31.55
CA SER D 67 9.44 30.24 -30.80
C SER D 67 10.36 29.09 -30.44
N GLY D 68 10.10 28.47 -29.30
CA GLY D 68 10.88 27.32 -28.90
C GLY D 68 12.17 27.70 -28.22
N LYS D 69 13.27 27.62 -28.96
CA LYS D 69 14.58 27.98 -28.44
C LYS D 69 15.29 29.04 -29.28
N ASP D 70 14.72 29.47 -30.40
CA ASP D 70 15.38 30.37 -31.32
C ASP D 70 14.55 31.64 -31.49
N TYR D 71 15.18 32.78 -31.25
CA TYR D 71 14.50 34.07 -31.31
C TYR D 71 15.39 35.04 -32.07
N THR D 72 14.75 36.00 -32.74
CA THR D 72 15.49 36.97 -33.55
C THR D 72 14.93 38.36 -33.32
N LEU D 73 15.83 39.34 -33.37
CA LEU D 73 15.47 40.75 -33.38
C LEU D 73 15.78 41.31 -34.76
N SER D 74 14.83 42.01 -35.34
CA SER D 74 14.91 42.44 -36.74
C SER D 74 14.80 43.96 -36.81
N ILE D 75 15.75 44.59 -37.48
CA ILE D 75 15.73 46.02 -37.74
C ILE D 75 15.70 46.21 -39.25
N SER D 76 14.66 46.88 -39.74
CA SER D 76 14.55 47.23 -41.14
C SER D 76 14.87 48.72 -41.30
N SER D 77 15.75 49.04 -42.24
CA SER D 77 16.19 50.42 -42.49
C SER D 77 16.90 50.99 -41.27
N LEU D 78 18.09 50.47 -41.01
CA LEU D 78 18.93 50.94 -39.92
C LEU D 78 19.21 52.43 -40.05
N GLN D 79 19.16 53.13 -38.92
CA GLN D 79 19.46 54.56 -38.86
C GLN D 79 20.62 54.80 -37.90
N THR D 80 21.04 56.06 -37.79
CA THR D 80 22.20 56.39 -36.99
C THR D 80 21.93 56.19 -35.51
N GLU D 81 20.72 56.49 -35.06
CA GLU D 81 20.40 56.37 -33.64
C GLU D 81 20.30 54.93 -33.16
N ASP D 82 20.39 53.95 -34.06
CA ASP D 82 20.24 52.54 -33.71
C ASP D 82 21.55 51.85 -33.42
N VAL D 83 22.67 52.54 -33.49
CA VAL D 83 23.96 51.89 -33.24
C VAL D 83 24.17 51.76 -31.75
N GLY D 84 24.58 50.57 -31.32
CA GLY D 84 24.74 50.27 -29.91
C GLY D 84 24.95 48.79 -29.72
N THR D 85 24.61 48.33 -28.52
CA THR D 85 24.73 46.91 -28.16
C THR D 85 23.35 46.39 -27.77
N TYR D 86 23.06 45.15 -28.15
CA TYR D 86 21.76 44.55 -27.93
C TYR D 86 21.93 43.25 -27.16
N TYR D 87 21.11 43.06 -26.14
CA TYR D 87 21.15 41.89 -25.29
C TYR D 87 19.80 41.20 -25.28
N CYS D 88 19.81 39.88 -25.32
CA CYS D 88 18.61 39.11 -25.03
C CYS D 88 18.65 38.66 -23.57
N GLN D 89 17.47 38.50 -22.98
CA GLN D 89 17.35 38.04 -21.61
C GLN D 89 16.15 37.11 -21.50
N GLN D 90 16.33 35.99 -20.83
CA GLN D 90 15.23 35.11 -20.51
C GLN D 90 14.76 35.39 -19.10
N TYR D 91 13.45 35.39 -18.91
CA TYR D 91 12.86 35.50 -17.59
C TYR D 91 11.87 34.38 -17.33
N TRP D 92 12.18 33.20 -17.86
CA TRP D 92 11.38 32.01 -17.61
C TRP D 92 11.73 31.35 -16.28
N SER D 93 13.00 31.32 -15.91
CA SER D 93 13.45 30.66 -14.70
C SER D 93 14.26 31.61 -13.83
N THR D 94 14.22 31.37 -12.53
CA THR D 94 14.51 32.41 -11.56
C THR D 94 15.95 32.93 -11.55
N PRO D 95 16.97 32.17 -11.95
CA PRO D 95 18.26 32.82 -12.23
C PRO D 95 18.24 33.45 -13.61
N TRP D 96 17.73 34.66 -13.72
CA TRP D 96 17.61 35.31 -15.02
C TRP D 96 18.98 35.53 -15.63
N THR D 97 19.12 35.22 -16.91
CA THR D 97 20.41 35.24 -17.58
C THR D 97 20.33 36.07 -18.85
N PHE D 98 21.41 36.78 -19.15
CA PHE D 98 21.51 37.61 -20.33
C PHE D 98 22.35 36.92 -21.40
N GLY D 99 22.15 37.33 -22.64
CA GLY D 99 23.05 36.96 -23.70
C GLY D 99 24.29 37.82 -23.67
N GLY D 100 25.28 37.43 -24.48
CA GLY D 100 26.56 38.10 -24.45
C GLY D 100 26.56 39.49 -25.04
N GLY D 101 25.60 39.81 -25.88
CA GLY D 101 25.53 41.12 -26.50
C GLY D 101 26.07 41.13 -27.91
N THR D 102 25.45 41.96 -28.74
CA THR D 102 25.83 42.11 -30.14
C THR D 102 26.02 43.59 -30.43
N LYS D 103 27.24 43.98 -30.76
CA LYS D 103 27.60 45.38 -30.96
C LYS D 103 27.48 45.73 -32.45
N LEU D 104 26.51 46.58 -32.78
CA LEU D 104 26.36 47.06 -34.15
C LEU D 104 27.41 48.13 -34.45
N GLU D 105 27.91 48.11 -35.68
CA GLU D 105 28.93 49.06 -36.12
C GLU D 105 28.59 49.55 -37.52
N ILE D 106 29.11 50.73 -37.85
CA ILE D 106 28.84 51.38 -39.13
C ILE D 106 30.07 51.23 -40.02
N ARG D 107 29.86 50.77 -41.25
CA ARG D 107 30.91 50.76 -42.26
C ARG D 107 30.88 52.04 -43.08
N VAL E 2 9.89 53.95 -10.19
CA VAL E 2 9.67 54.93 -11.24
C VAL E 2 10.90 55.81 -11.45
N GLN E 3 11.58 56.17 -10.37
CA GLN E 3 12.87 56.85 -10.46
C GLN E 3 13.79 56.30 -9.39
N LEU E 4 14.95 55.81 -9.82
CA LEU E 4 15.87 55.11 -8.95
C LEU E 4 17.25 55.77 -9.05
N GLN E 5 18.01 55.68 -7.97
CA GLN E 5 19.36 56.26 -7.97
C GLN E 5 20.25 55.52 -6.99
N GLU E 6 21.38 55.02 -7.48
CA GLU E 6 22.35 54.36 -6.63
C GLU E 6 23.28 55.38 -5.99
N SER E 7 23.91 54.96 -4.89
CA SER E 7 24.93 55.76 -4.24
C SER E 7 25.75 54.84 -3.35
N GLY E 8 26.99 55.24 -3.07
CA GLY E 8 27.84 54.47 -2.22
C GLY E 8 29.31 54.68 -2.53
N PRO E 9 30.18 54.09 -1.71
CA PRO E 9 31.61 54.25 -1.92
C PRO E 9 32.06 53.60 -3.23
N GLY E 10 32.88 54.32 -3.97
CA GLY E 10 33.40 53.87 -5.25
C GLY E 10 34.67 53.07 -5.20
N LEU E 11 35.21 52.81 -4.00
CA LEU E 11 36.46 52.08 -3.86
C LEU E 11 36.37 51.18 -2.65
N VAL E 12 36.80 49.93 -2.82
CA VAL E 12 36.73 48.92 -1.77
C VAL E 12 38.04 48.16 -1.75
N LYS E 13 38.54 47.87 -0.56
CA LYS E 13 39.74 47.06 -0.45
C LYS E 13 39.37 45.58 -0.39
N PRO E 14 40.23 44.69 -0.90
CA PRO E 14 39.88 43.27 -0.94
C PRO E 14 39.62 42.71 0.44
N SER E 15 38.72 41.72 0.49
CA SER E 15 38.22 41.03 1.68
C SER E 15 37.26 41.88 2.50
N GLN E 16 37.03 43.13 2.13
CA GLN E 16 36.11 43.98 2.85
C GLN E 16 34.67 43.68 2.39
N SER E 17 33.76 44.57 2.73
CA SER E 17 32.36 44.43 2.35
C SER E 17 31.94 45.64 1.52
N LEU E 18 31.23 45.39 0.44
CA LEU E 18 30.72 46.45 -0.43
C LEU E 18 29.28 46.74 -0.06
N SER E 19 28.94 48.02 0.03
CA SER E 19 27.61 48.45 0.43
C SER E 19 27.13 49.54 -0.51
N LEU E 20 25.91 49.38 -1.03
CA LEU E 20 25.33 50.36 -1.93
C LEU E 20 23.88 50.59 -1.54
N THR E 21 23.34 51.73 -1.99
CA THR E 21 22.01 52.16 -1.62
C THR E 21 21.28 52.64 -2.86
N CYS E 22 20.01 52.27 -2.99
CA CYS E 22 19.15 52.77 -4.06
C CYS E 22 17.97 53.49 -3.40
N THR E 23 17.75 54.73 -3.80
CA THR E 23 16.67 55.56 -3.26
C THR E 23 15.59 55.68 -4.32
N VAL E 24 14.36 55.33 -3.96
CA VAL E 24 13.25 55.27 -4.89
C VAL E 24 12.32 56.44 -4.62
N THR E 25 11.96 57.16 -5.67
CA THR E 25 10.99 58.25 -5.58
C THR E 25 9.90 58.05 -6.62
N GLY E 26 8.68 58.42 -6.27
CA GLY E 26 7.56 58.29 -7.17
C GLY E 26 6.79 57.00 -7.05
N PHE E 27 7.17 56.13 -6.13
CA PHE E 27 6.53 54.83 -5.95
C PHE E 27 7.00 54.29 -4.61
N SER E 28 6.14 53.51 -3.97
CA SER E 28 6.45 52.94 -2.67
C SER E 28 7.01 51.54 -2.84
N ILE E 29 8.21 51.31 -2.31
CA ILE E 29 8.84 50.00 -2.48
C ILE E 29 8.11 48.91 -1.73
N THR E 30 7.20 49.27 -0.84
CA THR E 30 6.39 48.29 -0.14
C THR E 30 5.07 48.03 -0.85
N SER E 31 4.84 48.66 -1.99
CA SER E 31 3.53 48.63 -2.63
C SER E 31 3.39 47.49 -3.64
N ASP E 32 4.20 47.48 -4.70
CA ASP E 32 3.93 46.49 -5.73
C ASP E 32 5.07 45.56 -6.18
N TYR E 33 6.23 46.10 -6.54
CA TYR E 33 7.11 45.40 -7.46
C TYR E 33 8.16 44.52 -6.76
N ALA E 34 9.16 44.08 -7.50
CA ALA E 34 10.38 43.51 -6.96
C ALA E 34 11.54 44.41 -7.33
N TRP E 35 12.56 44.45 -6.47
CA TRP E 35 13.60 45.47 -6.52
C TRP E 35 14.97 44.82 -6.60
N ASN E 36 15.66 45.01 -7.73
CA ASN E 36 16.75 44.16 -8.16
C ASN E 36 18.10 44.88 -8.14
N TRP E 37 19.16 44.07 -8.09
CA TRP E 37 20.52 44.54 -8.28
C TRP E 37 21.15 43.78 -9.45
N ILE E 38 21.76 44.52 -10.37
CA ILE E 38 22.38 43.95 -11.57
C ILE E 38 23.74 44.62 -11.74
N ARG E 39 24.73 43.86 -12.19
CA ARG E 39 26.06 44.41 -12.40
C ARG E 39 26.57 44.06 -13.79
N GLN E 40 27.40 44.96 -14.33
CA GLN E 40 27.99 44.81 -15.65
C GLN E 40 29.50 44.89 -15.54
N PHE E 41 30.18 43.81 -15.91
CA PHE E 41 31.62 43.75 -15.84
C PHE E 41 32.25 44.55 -16.97
N PRO E 42 33.51 44.97 -16.81
CA PRO E 42 34.25 45.49 -17.96
C PRO E 42 34.48 44.36 -18.96
N GLY E 43 34.37 44.68 -20.25
CA GLY E 43 34.15 43.61 -21.19
C GLY E 43 32.70 43.20 -21.07
N LYS E 44 31.82 44.11 -21.49
CA LYS E 44 30.45 44.22 -21.03
C LYS E 44 29.72 42.89 -21.00
N LYS E 45 29.37 42.45 -19.80
CA LYS E 45 28.52 41.28 -19.59
C LYS E 45 27.67 41.55 -18.38
N LEU E 46 26.40 41.19 -18.45
CA LEU E 46 25.42 41.51 -17.44
C LEU E 46 25.16 40.30 -16.56
N GLU E 47 25.01 40.53 -15.27
CA GLU E 47 24.70 39.48 -14.32
C GLU E 47 23.64 39.95 -13.35
N TRP E 48 22.54 39.21 -13.26
CA TRP E 48 21.52 39.49 -12.26
C TRP E 48 21.96 38.91 -10.92
N MET E 49 21.81 39.70 -9.85
CA MET E 49 22.29 39.31 -8.54
C MET E 49 21.17 38.86 -7.60
N GLY E 50 20.09 39.62 -7.52
CA GLY E 50 18.97 39.23 -6.69
C GLY E 50 17.97 40.35 -6.59
N TYR E 51 16.89 40.07 -5.86
CA TYR E 51 15.88 41.08 -5.60
C TYR E 51 15.34 40.95 -4.18
N ILE E 52 14.64 41.98 -3.74
CA ILE E 52 13.80 41.93 -2.55
C ILE E 52 12.38 42.23 -2.99
N ASN E 53 11.44 41.41 -2.57
CA ASN E 53 10.06 41.53 -2.99
C ASN E 53 9.36 42.67 -2.25
N PHE E 54 8.18 43.05 -2.74
CA PHE E 54 7.41 44.11 -2.10
C PHE E 54 7.01 43.76 -0.68
N ASP E 55 7.00 42.48 -0.31
CA ASP E 55 6.65 42.09 1.04
C ASP E 55 7.85 41.64 1.89
N GLY E 56 9.07 41.81 1.39
CA GLY E 56 10.25 41.56 2.20
C GLY E 56 11.00 40.28 1.89
N GLY E 57 10.43 39.37 1.10
CA GLY E 57 11.17 38.18 0.73
C GLY E 57 12.27 38.48 -0.28
N THR E 58 13.29 37.62 -0.29
CA THR E 58 14.44 37.81 -1.15
C THR E 58 14.72 36.55 -1.94
N THR E 59 15.42 36.73 -3.06
CA THR E 59 15.90 35.63 -3.89
C THR E 59 17.22 36.05 -4.50
N TYR E 60 18.22 35.19 -4.41
CA TYR E 60 19.57 35.53 -4.84
C TYR E 60 20.05 34.61 -5.94
N ASN E 61 21.00 35.12 -6.72
CA ASN E 61 21.67 34.30 -7.73
C ASN E 61 22.50 33.23 -7.03
N PRO E 62 22.38 31.97 -7.42
CA PRO E 62 23.17 30.92 -6.76
C PRO E 62 24.67 31.08 -6.91
N SER E 63 25.14 31.79 -7.92
CA SER E 63 26.57 31.97 -8.09
C SER E 63 27.18 32.87 -7.02
N LEU E 64 26.36 33.56 -6.25
CA LEU E 64 26.81 34.34 -5.10
C LEU E 64 26.24 33.67 -3.86
N ARG E 65 26.93 32.66 -3.35
CA ARG E 65 26.45 31.87 -2.23
C ARG E 65 26.89 32.53 -0.93
N GLY E 66 25.92 32.94 -0.11
CA GLY E 66 26.20 33.49 1.19
C GLY E 66 26.89 34.84 1.19
N ARG E 67 27.37 35.32 0.05
CA ARG E 67 28.11 36.58 0.00
C ARG E 67 27.22 37.80 -0.17
N ILE E 68 25.93 37.62 -0.46
CA ILE E 68 25.07 38.74 -0.82
C ILE E 68 23.89 38.79 0.14
N SER E 69 23.54 40.00 0.56
CA SER E 69 22.33 40.25 1.31
C SER E 69 21.67 41.50 0.76
N ILE E 70 20.35 41.49 0.67
CA ILE E 70 19.57 42.65 0.26
C ILE E 70 18.56 42.94 1.35
N THR E 71 18.54 44.19 1.82
CA THR E 71 17.66 44.61 2.89
C THR E 71 16.95 45.88 2.45
N ARG E 72 16.01 46.35 3.27
CA ARG E 72 15.25 47.54 2.93
C ARG E 72 14.95 48.35 4.18
N ASP E 73 14.55 49.60 3.95
CA ASP E 73 14.18 50.55 5.00
C ASP E 73 12.97 51.32 4.47
N THR E 74 11.78 50.84 4.82
CA THR E 74 10.57 51.34 4.18
C THR E 74 10.22 52.76 4.58
N SER E 75 10.74 53.24 5.71
CA SER E 75 10.40 54.61 6.14
C SER E 75 10.93 55.64 5.16
N LYS E 76 12.14 55.44 4.65
CA LYS E 76 12.75 56.37 3.71
C LYS E 76 12.79 55.83 2.28
N ASN E 77 12.15 54.69 2.01
CA ASN E 77 11.99 54.15 0.66
C ASN E 77 13.34 53.80 0.02
N GLN E 78 14.09 52.95 0.70
CA GLN E 78 15.42 52.56 0.25
C GLN E 78 15.61 51.06 0.39
N PHE E 79 16.42 50.49 -0.50
CA PHE E 79 16.87 49.11 -0.34
C PHE E 79 18.37 49.06 -0.62
N PHE E 80 19.03 48.08 -0.02
CA PHE E 80 20.48 48.07 0.12
C PHE E 80 21.09 46.77 -0.40
N LEU E 81 22.33 46.87 -0.86
CA LEU E 81 23.12 45.73 -1.29
C LEU E 81 24.35 45.60 -0.41
N GLN E 82 24.62 44.40 0.07
CA GLN E 82 25.86 44.11 0.78
C GLN E 82 26.50 42.88 0.16
N LEU E 83 27.71 43.06 -0.36
CA LEU E 83 28.48 41.98 -0.96
C LEU E 83 29.77 41.85 -0.16
N ARG E 84 29.95 40.72 0.53
CA ARG E 84 31.00 40.58 1.51
C ARG E 84 32.13 39.70 0.99
N SER E 85 33.32 39.91 1.55
CA SER E 85 34.55 39.23 1.14
C SER E 85 34.83 39.46 -0.34
N VAL E 86 35.00 40.74 -0.69
CA VAL E 86 35.12 41.11 -2.09
C VAL E 86 36.52 40.84 -2.62
N THR E 87 36.61 40.67 -3.93
CA THR E 87 37.84 40.40 -4.65
C THR E 87 37.90 41.34 -5.86
N PRO E 88 39.08 41.49 -6.47
CA PRO E 88 39.17 42.39 -7.63
C PRO E 88 38.34 41.94 -8.82
N GLU E 89 37.82 40.72 -8.79
CA GLU E 89 36.92 40.26 -9.83
C GLU E 89 35.51 40.79 -9.66
N ASP E 90 35.21 41.46 -8.56
CA ASP E 90 33.93 42.12 -8.36
C ASP E 90 33.93 43.56 -8.79
N THR E 91 34.85 43.95 -9.67
CA THR E 91 34.87 45.29 -10.24
C THR E 91 33.83 45.36 -11.35
N ALA E 92 32.90 46.29 -11.24
CA ALA E 92 31.80 46.35 -12.19
C ALA E 92 31.04 47.65 -11.97
N THR E 93 30.09 47.89 -12.86
CA THR E 93 29.07 48.92 -12.69
C THR E 93 27.84 48.26 -12.12
N TYR E 94 27.26 48.86 -11.08
CA TYR E 94 26.13 48.28 -10.37
C TYR E 94 24.89 49.11 -10.61
N TYR E 95 23.80 48.43 -10.97
CA TYR E 95 22.52 49.07 -11.25
C TYR E 95 21.45 48.52 -10.33
N CYS E 96 20.51 49.37 -9.94
CA CYS E 96 19.25 48.91 -9.38
C CYS E 96 18.17 48.99 -10.45
N ALA E 97 17.25 48.03 -10.42
CA ALA E 97 16.23 47.94 -11.45
C ALA E 97 14.94 47.40 -10.85
N THR E 98 13.85 47.62 -11.56
CA THR E 98 12.52 47.25 -11.10
C THR E 98 11.95 46.16 -11.99
N PHE E 99 11.19 45.26 -11.39
CA PHE E 99 10.60 44.12 -12.08
C PHE E 99 9.11 44.08 -11.74
N TYR E 100 8.26 44.10 -12.75
CA TYR E 100 6.83 44.11 -12.46
C TYR E 100 6.32 42.71 -12.10
N GLY E 101 6.38 41.77 -13.01
CA GLY E 101 5.93 40.45 -12.62
C GLY E 101 4.68 40.00 -13.34
N ALA E 102 3.71 40.89 -13.49
CA ALA E 102 2.64 40.62 -14.44
C ALA E 102 3.17 40.66 -15.87
N LYS E 103 4.22 41.45 -16.09
CA LYS E 103 4.86 41.57 -17.39
C LYS E 103 6.12 40.74 -17.49
N GLY E 104 6.99 40.81 -16.48
CA GLY E 104 8.15 39.96 -16.39
C GLY E 104 9.48 40.58 -16.72
N THR E 105 9.52 41.82 -17.18
CA THR E 105 10.75 42.44 -17.64
C THR E 105 11.26 43.47 -16.64
N LEU E 106 12.50 43.89 -16.85
CA LEU E 106 13.13 44.93 -16.05
C LEU E 106 12.85 46.28 -16.70
N ASP E 107 11.90 47.02 -16.14
CA ASP E 107 11.36 48.20 -16.80
C ASP E 107 12.13 49.47 -16.49
N TYR E 108 12.42 49.73 -15.22
CA TYR E 108 13.09 50.96 -14.82
C TYR E 108 14.45 50.60 -14.24
N TRP E 109 15.47 51.34 -14.65
CA TRP E 109 16.83 51.12 -14.21
C TRP E 109 17.34 52.37 -13.52
N GLY E 110 18.37 52.19 -12.71
CA GLY E 110 19.09 53.31 -12.15
C GLY E 110 20.13 53.84 -13.11
N GLN E 111 20.92 54.78 -12.63
CA GLN E 111 21.97 55.35 -13.45
C GLN E 111 23.20 54.47 -13.53
N GLY E 112 23.50 53.74 -12.46
CA GLY E 112 24.68 52.92 -12.40
C GLY E 112 25.81 53.60 -11.65
N THR E 113 26.53 52.85 -10.83
CA THR E 113 27.67 53.37 -10.09
C THR E 113 28.85 52.41 -10.22
N SER E 114 30.03 52.96 -10.45
CA SER E 114 31.24 52.16 -10.63
C SER E 114 31.88 51.85 -9.28
N VAL E 115 32.30 50.60 -9.12
CA VAL E 115 32.98 50.14 -7.92
C VAL E 115 34.26 49.45 -8.33
N THR E 116 35.38 49.88 -7.76
CA THR E 116 36.68 49.27 -8.03
C THR E 116 37.18 48.60 -6.76
N VAL E 117 37.71 47.40 -6.91
CA VAL E 117 38.26 46.64 -5.79
C VAL E 117 39.76 46.53 -6.00
N SER E 118 40.52 47.34 -5.29
CA SER E 118 41.97 47.38 -5.46
C SER E 118 42.62 47.74 -4.12
N SER E 119 43.92 48.02 -4.17
CA SER E 119 44.69 48.31 -2.97
C SER E 119 45.87 49.23 -3.26
N GLY F 44 -13.93 -36.42 47.14
CA GLY F 44 -13.84 -35.10 46.55
C GLY F 44 -15.09 -34.70 45.78
N ALA F 45 -14.90 -34.36 44.50
CA ALA F 45 -15.98 -33.92 43.63
C ALA F 45 -16.22 -34.97 42.56
N VAL F 46 -17.49 -35.36 42.39
CA VAL F 46 -17.87 -36.41 41.46
C VAL F 46 -18.71 -35.78 40.36
N LEU F 47 -18.21 -35.83 39.13
CA LEU F 47 -18.91 -35.28 37.98
C LEU F 47 -19.61 -36.44 37.26
N SER F 48 -20.91 -36.34 37.12
CA SER F 48 -21.71 -37.38 36.49
C SER F 48 -22.52 -36.79 35.34
N PHE F 49 -22.50 -37.47 34.20
CA PHE F 49 -23.25 -37.04 33.02
C PHE F 49 -24.16 -38.18 32.59
N HIS F 50 -25.43 -37.87 32.37
CA HIS F 50 -26.44 -38.89 32.10
C HIS F 50 -27.20 -38.55 30.82
N ASN F 51 -27.17 -39.47 29.86
CA ASN F 51 -27.98 -39.40 28.65
C ASN F 51 -27.74 -38.09 27.90
N ILE F 52 -26.47 -37.75 27.71
CA ILE F 52 -26.11 -36.53 27.02
C ILE F 52 -26.37 -36.68 25.52
N CYS F 53 -26.98 -35.68 24.92
CA CYS F 53 -27.13 -35.60 23.47
C CYS F 53 -26.78 -34.19 23.03
N TYR F 54 -25.87 -34.06 22.07
CA TYR F 54 -25.48 -32.75 21.56
C TYR F 54 -25.70 -32.72 20.06
N ARG F 55 -26.51 -31.77 19.61
CA ARG F 55 -26.77 -31.54 18.19
C ARG F 55 -26.42 -30.10 17.85
N VAL F 56 -25.76 -29.91 16.71
CA VAL F 56 -25.41 -28.57 16.26
C VAL F 56 -26.05 -28.29 14.91
N GLU F 70 -29.30 -29.51 11.65
CA GLU F 70 -28.90 -29.74 13.03
C GLU F 70 -28.32 -31.14 13.20
N LYS F 71 -27.09 -31.32 12.71
CA LYS F 71 -26.40 -32.59 12.85
C LYS F 71 -26.12 -32.89 14.31
N GLU F 72 -26.14 -34.18 14.65
CA GLU F 72 -25.80 -34.66 15.99
C GLU F 72 -24.37 -35.16 15.97
N ILE F 73 -23.54 -34.60 16.85
CA ILE F 73 -22.15 -35.03 16.95
C ILE F 73 -21.87 -35.81 18.22
N LEU F 74 -22.78 -35.81 19.18
CA LEU F 74 -22.64 -36.58 20.42
C LEU F 74 -23.95 -37.30 20.69
N SER F 75 -23.97 -38.60 20.43
CA SER F 75 -25.16 -39.42 20.64
C SER F 75 -25.30 -39.75 22.13
N ASN F 76 -26.17 -40.68 22.46
CA ASN F 76 -26.41 -41.02 23.86
C ASN F 76 -25.11 -41.45 24.53
N ILE F 77 -24.66 -40.65 25.49
CA ILE F 77 -23.42 -40.89 26.22
C ILE F 77 -23.67 -40.61 27.69
N ASN F 78 -23.19 -41.51 28.55
CA ASN F 78 -23.34 -41.31 29.98
C ASN F 78 -22.22 -42.02 30.71
N GLY F 79 -21.88 -41.49 31.89
CA GLY F 79 -20.78 -42.02 32.66
C GLY F 79 -20.61 -41.22 33.93
N ILE F 80 -19.58 -41.58 34.69
CA ILE F 80 -19.25 -40.91 35.94
C ILE F 80 -17.73 -40.77 36.01
N MET F 81 -17.26 -39.60 36.45
CA MET F 81 -15.84 -39.32 36.57
C MET F 81 -15.54 -38.94 38.01
N LYS F 82 -14.83 -39.81 38.71
CA LYS F 82 -14.49 -39.62 40.12
C LYS F 82 -13.12 -38.97 40.26
N PRO F 83 -12.69 -38.65 41.50
CA PRO F 83 -11.32 -38.17 41.70
C PRO F 83 -10.26 -39.09 41.08
N GLY F 84 -9.11 -38.53 40.74
CA GLY F 84 -8.09 -39.27 40.02
C GLY F 84 -8.13 -39.02 38.53
N LEU F 85 -7.15 -39.63 37.84
CA LEU F 85 -6.98 -39.40 36.41
C LEU F 85 -8.10 -40.06 35.63
N ASN F 86 -8.89 -39.25 34.93
CA ASN F 86 -9.95 -39.73 34.04
C ASN F 86 -9.62 -39.30 32.63
N ALA F 87 -9.55 -40.26 31.72
CA ALA F 87 -9.08 -40.00 30.36
C ALA F 87 -10.18 -40.30 29.36
N ILE F 88 -10.12 -39.59 28.24
CA ILE F 88 -11.06 -39.75 27.14
C ILE F 88 -10.24 -39.98 25.88
N LEU F 89 -10.56 -41.05 25.15
CA LEU F 89 -9.78 -41.47 23.99
C LEU F 89 -10.68 -41.62 22.78
N GLY F 90 -10.05 -41.76 21.62
CA GLY F 90 -10.79 -41.96 20.40
C GLY F 90 -10.12 -41.32 19.20
N PRO F 91 -10.77 -41.38 18.05
CA PRO F 91 -10.25 -40.72 16.85
C PRO F 91 -10.33 -39.21 16.98
N THR F 92 -9.64 -38.52 16.07
CA THR F 92 -9.55 -37.06 16.15
C THR F 92 -10.93 -36.42 16.08
N GLY F 93 -11.76 -36.86 15.16
CA GLY F 93 -13.12 -36.36 15.06
C GLY F 93 -14.14 -37.15 15.83
N GLY F 94 -13.71 -38.11 16.65
CA GLY F 94 -14.65 -39.01 17.31
C GLY F 94 -15.59 -38.31 18.27
N GLY F 95 -15.06 -37.39 19.08
CA GLY F 95 -15.90 -36.70 20.03
C GLY F 95 -15.32 -36.60 21.44
N LYS F 96 -14.04 -36.93 21.59
CA LYS F 96 -13.39 -36.74 22.89
C LYS F 96 -13.32 -35.27 23.26
N SER F 97 -12.96 -34.42 22.29
CA SER F 97 -12.89 -32.99 22.54
C SER F 97 -14.27 -32.38 22.77
N SER F 98 -15.26 -32.83 21.99
CA SER F 98 -16.62 -32.31 22.17
C SER F 98 -17.17 -32.67 23.54
N LEU F 99 -16.93 -33.90 23.99
CA LEU F 99 -17.38 -34.28 25.33
C LEU F 99 -16.66 -33.46 26.39
N LEU F 100 -15.36 -33.20 26.20
CA LEU F 100 -14.63 -32.41 27.17
C LEU F 100 -15.18 -31.00 27.27
N ASP F 101 -15.50 -30.39 26.13
CA ASP F 101 -16.10 -29.05 26.14
C ASP F 101 -17.48 -29.06 26.79
N VAL F 102 -18.29 -30.08 26.50
CA VAL F 102 -19.63 -30.15 27.08
C VAL F 102 -19.55 -30.27 28.60
N LEU F 103 -18.66 -31.13 29.09
CA LEU F 103 -18.55 -31.31 30.54
C LEU F 103 -17.99 -30.08 31.23
N ALA F 104 -17.22 -29.26 30.51
CA ALA F 104 -16.61 -28.07 31.09
C ALA F 104 -17.49 -26.83 30.96
N ALA F 105 -18.64 -26.95 30.30
CA ALA F 105 -19.56 -25.85 30.04
C ALA F 105 -18.98 -24.83 29.06
N ARG F 106 -18.04 -25.26 28.23
CA ARG F 106 -17.45 -24.41 27.20
C ARG F 106 -18.21 -24.46 25.89
N LYS F 107 -19.48 -24.86 25.92
CA LYS F 107 -20.29 -24.97 24.72
C LYS F 107 -21.65 -24.35 24.97
N ASP F 108 -22.29 -23.89 23.89
CA ASP F 108 -23.59 -23.25 24.01
C ASP F 108 -24.62 -24.25 24.49
N PRO F 109 -25.43 -23.91 25.51
CA PRO F 109 -26.39 -24.88 26.05
C PRO F 109 -27.54 -25.20 25.11
N SER F 110 -27.57 -24.67 23.89
CA SER F 110 -28.64 -24.99 22.97
C SER F 110 -28.60 -26.47 22.57
N GLY F 111 -27.44 -26.94 22.13
CA GLY F 111 -27.34 -28.31 21.64
C GLY F 111 -27.41 -29.35 22.72
N LEU F 112 -27.11 -28.97 23.97
CA LEU F 112 -27.10 -29.94 25.07
C LEU F 112 -28.50 -30.46 25.34
N SER F 113 -28.60 -31.78 25.54
CA SER F 113 -29.89 -32.43 25.80
C SER F 113 -29.78 -33.47 26.90
N GLY F 114 -28.90 -33.26 27.87
CA GLY F 114 -28.71 -34.24 28.92
C GLY F 114 -28.69 -33.63 30.30
N ASP F 115 -28.14 -34.37 31.27
CA ASP F 115 -28.03 -33.91 32.64
C ASP F 115 -26.58 -34.04 33.10
N VAL F 116 -26.06 -32.97 33.69
CA VAL F 116 -24.72 -32.97 34.26
C VAL F 116 -24.85 -32.57 35.73
N LEU F 117 -24.26 -33.36 36.62
CA LEU F 117 -24.33 -33.08 38.04
C LEU F 117 -22.96 -33.24 38.66
N ILE F 118 -22.68 -32.39 39.65
CA ILE F 118 -21.46 -32.46 40.43
C ILE F 118 -21.85 -32.76 41.86
N ASN F 119 -21.37 -33.89 42.39
CA ASN F 119 -21.76 -34.37 43.72
C ASN F 119 -23.28 -34.48 43.84
N GLY F 120 -23.95 -34.81 42.73
CA GLY F 120 -25.38 -35.03 42.76
C GLY F 120 -26.23 -33.79 42.66
N ALA F 121 -25.66 -32.64 42.33
CA ALA F 121 -26.42 -31.40 42.19
C ALA F 121 -26.11 -30.76 40.84
N PRO F 122 -27.07 -30.03 40.27
CA PRO F 122 -26.82 -29.41 38.96
C PRO F 122 -25.72 -28.36 39.04
N ARG F 123 -25.08 -28.13 37.90
CA ARG F 123 -23.96 -27.20 37.85
C ARG F 123 -24.42 -25.79 38.15
N PRO F 124 -23.86 -25.11 39.14
CA PRO F 124 -24.26 -23.73 39.44
C PRO F 124 -23.80 -22.77 38.36
N ALA F 125 -24.25 -21.52 38.51
CA ALA F 125 -23.95 -20.49 37.51
C ALA F 125 -22.47 -20.19 37.44
N ASN F 126 -21.79 -20.13 38.58
CA ASN F 126 -20.38 -19.77 38.63
C ASN F 126 -19.47 -20.98 38.47
N PHE F 127 -19.92 -22.03 37.78
CA PHE F 127 -19.11 -23.23 37.64
C PHE F 127 -17.82 -22.95 36.88
N LYS F 128 -17.91 -22.21 35.77
CA LYS F 128 -16.72 -21.93 34.98
C LYS F 128 -15.68 -21.16 35.78
N CYS F 129 -16.12 -20.37 36.75
CA CYS F 129 -15.18 -19.62 37.57
C CYS F 129 -14.49 -20.50 38.60
N ASN F 130 -15.14 -21.57 39.04
CA ASN F 130 -14.61 -22.43 40.08
C ASN F 130 -13.92 -23.69 39.56
N SER F 131 -13.81 -23.85 38.24
CA SER F 131 -13.15 -25.01 37.67
C SER F 131 -12.11 -24.57 36.66
N GLY F 132 -10.88 -25.05 36.83
CA GLY F 132 -9.81 -24.72 35.91
C GLY F 132 -9.97 -25.45 34.60
N TYR F 133 -9.45 -24.84 33.54
CA TYR F 133 -9.48 -25.42 32.20
C TYR F 133 -8.19 -25.05 31.49
N VAL F 134 -7.43 -26.05 31.06
CA VAL F 134 -6.13 -25.85 30.44
C VAL F 134 -6.29 -26.09 28.95
N VAL F 135 -5.98 -25.08 28.15
CA VAL F 135 -6.21 -25.13 26.71
C VAL F 135 -5.08 -25.91 26.05
N GLN F 136 -5.36 -26.48 24.88
CA GLN F 136 -4.36 -27.23 24.15
C GLN F 136 -3.21 -26.33 23.72
N ASP F 137 -3.50 -25.35 22.87
CA ASP F 137 -2.52 -24.34 22.49
C ASP F 137 -2.33 -23.37 23.64
N ASP F 138 -1.12 -23.27 24.17
CA ASP F 138 -0.87 -22.43 25.33
C ASP F 138 -1.14 -20.97 24.99
N VAL F 139 -1.70 -20.25 25.96
CA VAL F 139 -2.02 -18.84 25.82
C VAL F 139 -1.25 -17.98 26.82
N VAL F 140 -0.21 -18.53 27.44
CA VAL F 140 0.60 -17.74 28.34
C VAL F 140 1.32 -16.64 27.56
N MET F 141 1.45 -15.47 28.18
CA MET F 141 2.13 -14.35 27.54
C MET F 141 3.62 -14.64 27.53
N GLY F 142 4.20 -14.71 26.33
CA GLY F 142 5.61 -15.04 26.23
C GLY F 142 6.52 -13.98 26.81
N THR F 143 6.18 -12.71 26.60
CA THR F 143 7.05 -11.62 27.03
C THR F 143 7.09 -11.47 28.54
N LEU F 144 6.23 -12.18 29.27
CA LEU F 144 6.25 -12.11 30.72
C LEU F 144 7.02 -13.29 31.30
N THR F 145 7.29 -13.23 32.59
CA THR F 145 7.91 -14.34 33.29
C THR F 145 6.85 -15.24 33.91
N VAL F 146 7.29 -16.37 34.45
CA VAL F 146 6.37 -17.30 35.09
C VAL F 146 5.64 -16.63 36.24
N ARG F 147 6.40 -15.95 37.11
CA ARG F 147 5.77 -15.28 38.25
C ARG F 147 4.86 -14.16 37.79
N GLU F 148 5.20 -13.49 36.69
CA GLU F 148 4.37 -12.39 36.20
C GLU F 148 3.03 -12.91 35.68
N ASN F 149 3.04 -14.00 34.92
CA ASN F 149 1.78 -14.60 34.46
C ASN F 149 0.93 -15.03 35.64
N LEU F 150 1.55 -15.67 36.63
CA LEU F 150 0.79 -16.11 37.79
C LEU F 150 0.25 -14.92 38.57
N GLN F 151 1.01 -13.83 38.65
CA GLN F 151 0.54 -12.65 39.35
C GLN F 151 -0.65 -12.02 38.66
N PHE F 152 -0.61 -11.94 37.33
CA PHE F 152 -1.76 -11.43 36.58
C PHE F 152 -3.00 -12.28 36.83
N SER F 153 -2.85 -13.60 36.72
CA SER F 153 -3.97 -14.50 36.95
C SER F 153 -4.50 -14.38 38.38
N ALA F 154 -3.60 -14.33 39.36
CA ALA F 154 -4.02 -14.22 40.75
C ALA F 154 -4.71 -12.89 41.02
N ALA F 155 -4.23 -11.81 40.38
CA ALA F 155 -4.80 -10.50 40.60
C ALA F 155 -6.22 -10.42 40.07
N LEU F 156 -6.50 -11.08 38.95
CA LEU F 156 -7.83 -10.96 38.37
C LEU F 156 -8.80 -12.05 38.81
N ARG F 157 -8.33 -13.17 39.33
CA ARG F 157 -9.22 -14.28 39.67
C ARG F 157 -9.49 -14.39 41.16
N LEU F 158 -8.47 -14.23 42.00
CA LEU F 158 -8.70 -14.23 43.43
C LEU F 158 -9.43 -12.96 43.85
N ALA F 159 -10.17 -13.06 44.95
CA ALA F 159 -10.89 -11.91 45.46
C ALA F 159 -9.92 -10.84 45.93
N THR F 160 -10.32 -9.58 45.76
CA THR F 160 -9.47 -8.46 46.10
C THR F 160 -9.32 -8.24 47.60
N THR F 161 -10.13 -8.90 48.42
CA THR F 161 -10.00 -8.76 49.86
C THR F 161 -8.66 -9.29 50.35
N MET F 162 -8.18 -10.38 49.74
CA MET F 162 -6.88 -10.93 50.10
C MET F 162 -5.78 -9.89 49.89
N THR F 163 -4.84 -9.85 50.82
CA THR F 163 -3.71 -8.95 50.70
C THR F 163 -2.75 -9.44 49.61
N ASN F 164 -1.86 -8.55 49.19
CA ASN F 164 -0.85 -8.93 48.22
C ASN F 164 0.09 -9.98 48.77
N HIS F 165 0.29 -9.99 50.10
CA HIS F 165 1.15 -10.99 50.71
C HIS F 165 0.54 -12.38 50.60
N GLU F 166 -0.77 -12.50 50.85
CA GLU F 166 -1.43 -13.80 50.75
C GLU F 166 -1.38 -14.32 49.32
N LYS F 167 -1.61 -13.45 48.34
CA LYS F 167 -1.53 -13.87 46.95
C LYS F 167 -0.12 -14.32 46.60
N ASN F 168 0.90 -13.59 47.08
CA ASN F 168 2.27 -13.99 46.81
C ASN F 168 2.59 -15.34 47.44
N GLU F 169 2.09 -15.59 48.65
CA GLU F 169 2.30 -16.89 49.28
C GLU F 169 1.64 -18.00 48.48
N ARG F 170 0.42 -17.77 48.01
CA ARG F 170 -0.26 -18.78 47.20
C ARG F 170 0.50 -19.06 45.91
N ILE F 171 1.02 -18.01 45.27
CA ILE F 171 1.82 -18.21 44.06
C ILE F 171 3.08 -18.99 44.38
N ASN F 172 3.70 -18.72 45.53
CA ASN F 172 4.87 -19.49 45.93
C ASN F 172 4.54 -20.96 46.09
N ARG F 173 3.39 -21.25 46.71
CA ARG F 173 2.96 -22.63 46.86
C ARG F 173 2.77 -23.30 45.51
N VAL F 174 2.09 -22.61 44.59
CA VAL F 174 1.84 -23.19 43.27
C VAL F 174 3.15 -23.42 42.53
N ILE F 175 4.08 -22.48 42.64
CA ILE F 175 5.38 -22.65 41.97
C ILE F 175 6.11 -23.85 42.53
N GLN F 176 6.10 -24.02 43.85
CA GLN F 176 6.75 -25.19 44.44
C GLN F 176 6.10 -26.48 43.97
N GLU F 177 4.76 -26.52 43.93
CA GLU F 177 4.07 -27.75 43.58
C GLU F 177 4.41 -28.20 42.16
N LEU F 178 4.49 -27.27 41.23
CA LEU F 178 4.77 -27.62 39.84
C LEU F 178 6.25 -27.66 39.52
N GLY F 179 7.12 -27.38 40.49
CA GLY F 179 8.54 -27.44 40.26
C GLY F 179 9.02 -26.45 39.23
N LEU F 180 8.57 -25.20 39.34
CA LEU F 180 8.98 -24.13 38.44
C LEU F 180 9.91 -23.13 39.12
N ASP F 181 10.42 -23.47 40.31
CA ASP F 181 11.23 -22.51 41.06
C ASP F 181 12.52 -22.15 40.33
N LYS F 182 13.04 -23.07 39.50
CA LYS F 182 14.24 -22.76 38.74
C LYS F 182 13.99 -21.64 37.74
N VAL F 183 12.84 -21.66 37.07
CA VAL F 183 12.52 -20.69 36.03
C VAL F 183 11.48 -19.67 36.50
N ALA F 184 11.36 -19.46 37.81
CA ALA F 184 10.32 -18.58 38.33
C ALA F 184 10.45 -17.15 37.81
N ASP F 185 11.62 -16.74 37.34
CA ASP F 185 11.84 -15.38 36.85
C ASP F 185 12.48 -15.38 35.48
N SER F 186 11.94 -16.17 34.55
CA SER F 186 12.44 -16.23 33.19
C SER F 186 11.30 -15.99 32.20
N LYS F 187 11.62 -15.30 31.11
CA LYS F 187 10.63 -15.06 30.08
C LYS F 187 10.18 -16.38 29.45
N VAL F 188 8.87 -16.59 29.39
CA VAL F 188 8.35 -17.86 28.92
C VAL F 188 8.12 -17.81 27.42
N GLY F 189 9.19 -17.88 26.64
CA GLY F 189 9.04 -18.12 25.22
C GLY F 189 8.78 -16.83 24.47
N THR F 190 9.73 -16.31 23.71
CA THR F 190 9.52 -15.02 23.07
C THR F 190 9.52 -15.07 21.55
N GLN F 191 10.27 -16.00 20.94
CA GLN F 191 10.45 -16.12 19.49
C GLN F 191 11.30 -14.98 18.95
N PHE F 192 11.64 -14.02 19.80
CA PHE F 192 12.76 -13.13 19.60
C PHE F 192 13.81 -13.26 20.69
N ILE F 193 13.43 -13.79 21.85
CA ILE F 193 14.35 -14.18 22.90
C ILE F 193 14.05 -15.62 23.26
N ARG F 194 15.10 -16.41 23.49
CA ARG F 194 14.91 -17.80 23.85
C ARG F 194 14.14 -17.91 25.16
N GLY F 195 13.23 -18.89 25.22
CA GLY F 195 12.43 -19.06 26.41
C GLY F 195 12.60 -20.41 27.06
N VAL F 196 11.80 -20.69 28.09
CA VAL F 196 11.86 -21.95 28.81
C VAL F 196 11.35 -23.07 27.93
N SER F 197 11.55 -24.31 28.37
CA SER F 197 11.19 -25.48 27.58
C SER F 197 9.67 -25.65 27.51
N GLY F 198 9.23 -26.46 26.54
CA GLY F 198 7.80 -26.66 26.35
C GLY F 198 7.12 -27.25 27.56
N GLY F 199 7.81 -28.14 28.27
CA GLY F 199 7.24 -28.69 29.50
C GLY F 199 6.99 -27.62 30.54
N GLU F 200 7.91 -26.67 30.66
CA GLU F 200 7.72 -25.57 31.59
C GLU F 200 6.60 -24.64 31.16
N ARG F 201 6.43 -24.44 29.85
CA ARG F 201 5.30 -23.67 29.37
C ARG F 201 3.98 -24.34 29.72
N LYS F 202 3.89 -25.65 29.51
CA LYS F 202 2.67 -26.37 29.88
C LYS F 202 2.43 -26.30 31.38
N ARG F 203 3.49 -26.43 32.17
CA ARG F 203 3.34 -26.33 33.62
C ARG F 203 2.86 -24.94 34.02
N THR F 204 3.31 -23.90 33.30
CA THR F 204 2.82 -22.56 33.56
C THR F 204 1.33 -22.45 33.26
N SER F 205 0.89 -23.03 32.14
CA SER F 205 -0.53 -23.03 31.82
C SER F 205 -1.34 -23.72 32.92
N ILE F 206 -0.83 -24.85 33.42
CA ILE F 206 -1.52 -25.54 34.51
C ILE F 206 -1.53 -24.69 35.77
N GLY F 207 -0.44 -23.96 36.01
CA GLY F 207 -0.37 -23.15 37.23
C GLY F 207 -1.36 -22.01 37.24
N MET F 208 -1.61 -21.39 36.08
CA MET F 208 -2.55 -20.28 36.03
C MET F 208 -3.95 -20.73 36.40
N GLU F 209 -4.32 -21.94 36.03
CA GLU F 209 -5.63 -22.46 36.39
C GLU F 209 -5.68 -23.02 37.81
N LEU F 210 -4.53 -23.26 38.43
CA LEU F 210 -4.48 -23.77 39.80
C LEU F 210 -4.47 -22.68 40.86
N ILE F 211 -4.39 -21.41 40.45
CA ILE F 211 -4.28 -20.33 41.43
C ILE F 211 -5.51 -20.29 42.33
N THR F 212 -6.69 -20.49 41.75
CA THR F 212 -7.93 -20.38 42.49
C THR F 212 -8.29 -21.65 43.25
N ASP F 213 -7.41 -22.65 43.23
CA ASP F 213 -7.62 -23.93 43.90
C ASP F 213 -8.92 -24.57 43.44
N PRO F 214 -9.00 -25.04 42.20
CA PRO F 214 -10.23 -25.66 41.72
C PRO F 214 -10.37 -27.09 42.21
N SER F 215 -11.62 -27.56 42.27
CA SER F 215 -11.88 -28.95 42.61
C SER F 215 -11.83 -29.84 41.37
N ILE F 216 -12.17 -29.30 40.21
CA ILE F 216 -12.18 -30.05 38.95
C ILE F 216 -11.27 -29.33 37.98
N LEU F 217 -10.41 -30.09 37.30
CA LEU F 217 -9.41 -29.53 36.40
C LEU F 217 -9.52 -30.23 35.06
N PHE F 218 -9.84 -29.48 34.02
CA PHE F 218 -9.96 -30.01 32.67
C PHE F 218 -8.69 -29.69 31.89
N LEU F 219 -8.27 -30.62 31.05
CA LEU F 219 -7.13 -30.41 30.17
C LEU F 219 -7.47 -30.92 28.78
N ASP F 220 -7.04 -30.19 27.77
CA ASP F 220 -7.30 -30.56 26.38
C ASP F 220 -5.97 -30.93 25.73
N GLU F 221 -5.77 -32.21 25.45
CA GLU F 221 -4.56 -32.73 24.83
C GLU F 221 -3.29 -32.25 25.54
N PRO F 222 -3.12 -32.56 26.83
CA PRO F 222 -1.98 -32.01 27.57
C PRO F 222 -0.63 -32.54 27.13
N THR F 223 -0.56 -33.43 26.14
CA THR F 223 0.70 -34.00 25.71
C THR F 223 1.00 -33.76 24.23
N THR F 224 0.03 -33.29 23.46
CA THR F 224 0.25 -33.07 22.04
C THR F 224 1.31 -31.99 21.84
N GLY F 225 2.29 -32.27 20.98
CA GLY F 225 3.36 -31.34 20.71
C GLY F 225 4.54 -31.42 21.64
N LEU F 226 4.52 -32.30 22.63
CA LEU F 226 5.62 -32.48 23.56
C LEU F 226 6.42 -33.73 23.22
N ASP F 227 7.62 -33.81 23.80
CA ASP F 227 8.45 -34.99 23.68
C ASP F 227 8.00 -36.07 24.66
N SER F 228 8.47 -37.29 24.42
CA SER F 228 8.03 -38.43 25.22
C SER F 228 8.44 -38.27 26.67
N SER F 229 9.69 -37.90 26.93
CA SER F 229 10.13 -37.69 28.30
C SER F 229 9.38 -36.54 28.95
N THR F 230 9.18 -35.45 28.19
CA THR F 230 8.40 -34.33 28.71
C THR F 230 6.96 -34.74 28.97
N ALA F 231 6.37 -35.53 28.08
CA ALA F 231 5.01 -36.01 28.27
C ALA F 231 4.91 -36.84 29.54
N ASN F 232 5.88 -37.71 29.78
CA ASN F 232 5.87 -38.52 30.99
C ASN F 232 6.00 -37.67 32.24
N ALA F 233 6.85 -36.65 32.20
CA ALA F 233 6.97 -35.75 33.34
C ALA F 233 5.66 -35.02 33.61
N VAL F 234 5.01 -34.55 32.54
CA VAL F 234 3.73 -33.84 32.69
C VAL F 234 2.70 -34.75 33.33
N LEU F 235 2.57 -35.97 32.83
CA LEU F 235 1.54 -36.87 33.34
C LEU F 235 1.88 -37.39 34.73
N LEU F 236 3.16 -37.52 35.06
CA LEU F 236 3.51 -37.87 36.44
C LEU F 236 3.14 -36.75 37.40
N LEU F 237 3.34 -35.49 36.99
CA LEU F 237 2.89 -34.37 37.80
C LEU F 237 1.37 -34.40 37.96
N LEU F 238 0.64 -34.69 36.89
CA LEU F 238 -0.81 -34.80 36.98
C LEU F 238 -1.21 -35.91 37.93
N LYS F 239 -0.52 -37.06 37.87
CA LYS F 239 -0.82 -38.16 38.76
C LYS F 239 -0.59 -37.78 40.22
N ARG F 240 0.51 -37.06 40.49
CA ARG F 240 0.76 -36.60 41.85
C ARG F 240 -0.34 -35.66 42.33
N MET F 241 -0.79 -34.75 41.45
CA MET F 241 -1.84 -33.82 41.84
C MET F 241 -3.17 -34.53 42.05
N SER F 242 -3.41 -35.63 41.33
CA SER F 242 -4.70 -36.31 41.43
C SER F 242 -4.85 -37.03 42.76
N LYS F 243 -3.76 -37.53 43.32
CA LYS F 243 -3.85 -38.27 44.58
C LYS F 243 -4.26 -37.40 45.75
N GLN F 244 -4.11 -36.08 45.63
CA GLN F 244 -4.46 -35.16 46.70
C GLN F 244 -5.97 -34.95 46.84
N GLY F 245 -6.78 -35.70 46.09
CA GLY F 245 -8.21 -35.47 46.10
C GLY F 245 -8.72 -34.51 45.06
N ARG F 246 -8.00 -34.36 43.96
CA ARG F 246 -8.37 -33.43 42.90
C ARG F 246 -8.84 -34.20 41.67
N THR F 247 -10.02 -33.87 41.17
CA THR F 247 -10.58 -34.53 40.01
C THR F 247 -9.98 -33.96 38.74
N ILE F 248 -9.33 -34.80 37.95
CA ILE F 248 -8.65 -34.37 36.74
C ILE F 248 -9.27 -35.10 35.56
N ILE F 249 -9.71 -34.33 34.57
CA ILE F 249 -10.35 -34.87 33.38
C ILE F 249 -9.59 -34.35 32.18
N PHE F 250 -9.20 -35.25 31.27
CA PHE F 250 -8.42 -34.82 30.13
C PHE F 250 -8.62 -35.78 28.98
N SER F 251 -8.40 -35.26 27.78
CA SER F 251 -8.42 -36.05 26.55
C SER F 251 -7.00 -36.13 26.01
N ILE F 252 -6.64 -37.30 25.47
CA ILE F 252 -5.29 -37.56 25.00
C ILE F 252 -5.35 -38.05 23.55
N HIS F 253 -4.18 -38.12 22.94
CA HIS F 253 -4.04 -38.54 21.56
C HIS F 253 -2.89 -39.53 21.47
N GLN F 254 -3.19 -40.75 20.99
CA GLN F 254 -2.25 -41.86 20.87
C GLN F 254 -1.26 -41.94 22.04
N PRO F 255 -1.72 -42.32 23.23
CA PRO F 255 -0.81 -42.45 24.36
C PRO F 255 0.06 -43.70 24.25
N ARG F 256 1.03 -43.78 25.15
CA ARG F 256 1.91 -44.95 25.29
C ARG F 256 1.47 -45.75 26.50
N TYR F 257 2.05 -46.95 26.64
CA TYR F 257 1.69 -47.79 27.77
C TYR F 257 2.15 -47.18 29.09
N SER F 258 3.33 -46.55 29.09
CA SER F 258 3.79 -45.86 30.29
C SER F 258 2.79 -44.80 30.70
N ILE F 259 2.24 -44.07 29.73
CA ILE F 259 1.17 -43.13 30.00
C ILE F 259 -0.10 -43.88 30.40
N PHE F 260 -0.44 -44.93 29.66
CA PHE F 260 -1.73 -45.59 29.81
C PHE F 260 -1.89 -46.22 31.19
N LYS F 261 -0.80 -46.69 31.80
CA LYS F 261 -0.93 -47.40 33.07
C LYS F 261 -1.35 -46.49 34.22
N LEU F 262 -1.25 -45.18 34.05
CA LEU F 262 -1.48 -44.24 35.14
C LEU F 262 -2.95 -43.86 35.32
N PHE F 263 -3.83 -44.29 34.43
CA PHE F 263 -5.21 -43.81 34.47
C PHE F 263 -6.00 -44.53 35.57
N ASP F 264 -7.08 -43.88 36.00
CA ASP F 264 -8.05 -44.47 36.90
C ASP F 264 -9.39 -44.76 36.25
N SER F 265 -9.69 -44.10 35.15
CA SER F 265 -10.90 -44.37 34.39
C SER F 265 -10.62 -44.14 32.91
N LEU F 266 -11.47 -44.70 32.07
CA LEU F 266 -11.31 -44.59 30.63
C LEU F 266 -12.69 -44.47 29.98
N THR F 267 -12.81 -43.54 29.04
CA THR F 267 -14.04 -43.33 28.29
C THR F 267 -13.68 -43.24 26.82
N LEU F 268 -14.00 -44.28 26.07
CA LEU F 268 -13.64 -44.38 24.66
C LEU F 268 -14.82 -43.92 23.82
N LEU F 269 -14.56 -43.01 22.89
CA LEU F 269 -15.60 -42.47 22.03
C LEU F 269 -15.18 -42.60 20.58
N ALA F 270 -16.14 -42.88 19.71
CA ALA F 270 -15.89 -42.93 18.28
C ALA F 270 -17.19 -42.62 17.54
N SER F 271 -17.11 -41.70 16.59
CA SER F 271 -18.26 -41.26 15.81
C SER F 271 -19.42 -40.84 16.70
N GLY F 272 -19.12 -40.10 17.76
CA GLY F 272 -20.15 -39.58 18.62
C GLY F 272 -20.81 -40.60 19.53
N ARG F 273 -20.26 -41.80 19.62
CA ARG F 273 -20.88 -42.86 20.40
C ARG F 273 -19.89 -43.41 21.41
N LEU F 274 -20.43 -43.96 22.49
CA LEU F 274 -19.64 -44.46 23.62
C LEU F 274 -19.26 -45.91 23.36
N MET F 275 -18.00 -46.15 22.99
CA MET F 275 -17.53 -47.51 22.77
C MET F 275 -17.27 -48.24 24.08
N PHE F 276 -16.80 -47.52 25.10
CA PHE F 276 -16.50 -48.14 26.38
C PHE F 276 -16.34 -47.07 27.45
N HIS F 277 -16.91 -47.33 28.62
CA HIS F 277 -16.68 -46.49 29.80
C HIS F 277 -16.55 -47.38 31.01
N GLY F 278 -15.40 -47.30 31.67
CA GLY F 278 -15.12 -48.06 32.86
C GLY F 278 -13.70 -47.86 33.31
N PRO F 279 -13.24 -48.65 34.29
CA PRO F 279 -11.85 -48.54 34.70
C PRO F 279 -10.90 -48.82 33.55
N ALA F 280 -9.76 -48.15 33.57
CA ALA F 280 -8.83 -48.22 32.44
C ALA F 280 -8.25 -49.61 32.26
N GLN F 281 -7.92 -50.28 33.38
CA GLN F 281 -7.27 -51.58 33.30
C GLN F 281 -8.17 -52.64 32.68
N GLU F 282 -9.49 -52.46 32.75
CA GLU F 282 -10.43 -53.47 32.30
C GLU F 282 -10.82 -53.32 30.83
N ALA F 283 -10.30 -52.32 30.13
CA ALA F 283 -10.61 -52.15 28.72
C ALA F 283 -10.11 -53.34 27.91
N LEU F 284 -8.89 -53.80 28.20
CA LEU F 284 -8.34 -54.95 27.49
C LEU F 284 -9.18 -56.19 27.72
N GLY F 285 -9.60 -56.42 28.96
CA GLY F 285 -10.47 -57.56 29.24
C GLY F 285 -11.79 -57.48 28.51
N TYR F 286 -12.40 -56.29 28.48
CA TYR F 286 -13.66 -56.12 27.77
C TYR F 286 -13.51 -56.45 26.29
N PHE F 287 -12.44 -55.96 25.67
CA PHE F 287 -12.26 -56.20 24.23
C PHE F 287 -11.88 -57.64 23.95
N GLU F 288 -11.15 -58.29 24.85
CA GLU F 288 -10.89 -59.72 24.69
C GLU F 288 -12.17 -60.52 24.76
N SER F 289 -13.03 -60.22 25.73
CA SER F 289 -14.32 -60.90 25.83
C SER F 289 -15.18 -60.59 24.61
N ALA F 290 -14.97 -59.46 23.96
CA ALA F 290 -15.66 -59.17 22.71
C ALA F 290 -15.23 -60.10 21.58
N GLY F 291 -14.04 -60.68 21.69
CA GLY F 291 -13.56 -61.63 20.69
C GLY F 291 -12.34 -61.17 19.93
N TYR F 292 -11.58 -60.23 20.50
CA TYR F 292 -10.38 -59.70 19.86
C TYR F 292 -9.17 -60.10 20.69
N HIS F 293 -8.17 -60.66 20.04
CA HIS F 293 -6.95 -61.08 20.71
C HIS F 293 -5.92 -59.95 20.70
N CYS F 294 -5.17 -59.86 21.79
CA CYS F 294 -4.10 -58.87 21.92
C CYS F 294 -2.76 -59.56 21.67
N GLU F 295 -2.02 -59.06 20.69
CA GLU F 295 -0.69 -59.57 20.43
C GLU F 295 0.30 -58.96 21.40
N ALA F 296 1.42 -59.67 21.62
CA ALA F 296 2.46 -59.14 22.47
C ALA F 296 3.15 -57.95 21.81
N TYR F 297 3.90 -57.20 22.62
CA TYR F 297 4.63 -56.02 22.15
C TYR F 297 3.70 -55.02 21.46
N ASN F 298 2.46 -54.95 21.93
CA ASN F 298 1.46 -54.07 21.33
C ASN F 298 0.92 -53.14 22.40
N ASN F 299 0.88 -51.86 22.09
CA ASN F 299 0.33 -50.87 23.02
C ASN F 299 -1.19 -51.03 23.08
N PRO F 300 -1.78 -51.16 24.26
CA PRO F 300 -3.25 -51.34 24.33
C PRO F 300 -4.04 -50.21 23.68
N ALA F 301 -3.57 -48.96 23.81
CA ALA F 301 -4.28 -47.85 23.18
C ALA F 301 -4.27 -47.99 21.66
N ASP F 302 -3.12 -48.35 21.10
CA ASP F 302 -3.05 -48.66 19.67
C ASP F 302 -3.95 -49.83 19.33
N PHE F 303 -4.08 -50.80 20.24
CA PHE F 303 -4.98 -51.92 20.01
C PHE F 303 -6.43 -51.48 19.93
N PHE F 304 -6.85 -50.59 20.84
CA PHE F 304 -8.24 -50.11 20.83
C PHE F 304 -8.51 -49.31 19.57
N LEU F 305 -7.56 -48.46 19.16
CA LEU F 305 -7.75 -47.68 17.94
C LEU F 305 -7.77 -48.58 16.72
N ASP F 306 -6.93 -49.61 16.70
CA ASP F 306 -6.95 -50.57 15.59
C ASP F 306 -8.29 -51.29 15.53
N ILE F 307 -8.85 -51.65 16.68
CA ILE F 307 -10.18 -52.27 16.70
C ILE F 307 -11.21 -51.32 16.08
N ILE F 308 -11.17 -50.05 16.50
CA ILE F 308 -12.15 -49.08 16.00
C ILE F 308 -11.99 -48.90 14.49
N ASN F 309 -10.76 -48.77 14.01
CA ASN F 309 -10.55 -48.55 12.58
C ASN F 309 -10.86 -49.79 11.76
N GLY F 310 -10.55 -50.98 12.25
CA GLY F 310 -10.81 -52.20 11.52
C GLY F 310 -9.62 -52.70 10.73
N LEU F 338 -20.26 -51.21 11.73
CA LEU F 338 -19.29 -51.73 12.68
C LEU F 338 -19.38 -51.00 14.01
N ILE F 339 -19.43 -49.67 13.94
CA ILE F 339 -19.47 -48.86 15.16
C ILE F 339 -20.75 -49.13 15.95
N GLU F 340 -21.89 -49.22 15.25
CA GLU F 340 -23.13 -49.56 15.92
C GLU F 340 -23.05 -50.90 16.62
N LYS F 341 -22.32 -51.85 16.04
CA LYS F 341 -22.16 -53.15 16.66
C LYS F 341 -21.44 -53.04 17.99
N LEU F 342 -20.31 -52.35 18.02
CA LEU F 342 -19.55 -52.19 19.26
C LEU F 342 -20.33 -51.37 20.28
N ALA F 343 -21.13 -50.40 19.82
CA ALA F 343 -21.97 -49.64 20.73
C ALA F 343 -22.99 -50.53 21.41
N GLU F 344 -23.66 -51.39 20.63
CA GLU F 344 -24.63 -52.33 21.22
C GLU F 344 -23.93 -53.30 22.16
N ILE F 345 -22.73 -53.75 21.79
CA ILE F 345 -21.98 -54.66 22.65
C ILE F 345 -21.70 -54.02 24.00
N TYR F 346 -21.27 -52.75 23.99
CA TYR F 346 -21.00 -52.07 25.25
C TYR F 346 -22.27 -51.91 26.07
N VAL F 347 -23.39 -51.58 25.42
CA VAL F 347 -24.65 -51.46 26.14
C VAL F 347 -25.00 -52.80 26.79
N ASN F 348 -24.73 -53.90 26.10
CA ASN F 348 -25.00 -55.24 26.61
C ASN F 348 -23.94 -55.72 27.60
N SER F 349 -23.12 -54.82 28.15
CA SER F 349 -22.09 -55.21 29.09
C SER F 349 -22.49 -54.91 30.53
N SER F 350 -21.69 -55.43 31.47
CA SER F 350 -21.97 -55.23 32.89
C SER F 350 -21.59 -53.84 33.35
N PHE F 351 -20.52 -53.27 32.79
CA PHE F 351 -20.12 -51.91 33.15
C PHE F 351 -21.22 -50.91 32.83
N TYR F 352 -21.88 -51.08 31.68
CA TYR F 352 -23.02 -50.24 31.32
C TYR F 352 -24.10 -50.31 32.38
N LYS F 353 -24.40 -51.51 32.87
CA LYS F 353 -25.44 -51.67 33.87
C LYS F 353 -25.06 -50.99 35.18
N GLU F 354 -23.80 -51.15 35.62
CA GLU F 354 -23.37 -50.50 36.85
C GLU F 354 -23.43 -48.99 36.74
N THR F 355 -22.95 -48.45 35.62
CA THR F 355 -22.99 -47.00 35.43
C THR F 355 -24.42 -46.48 35.41
N LYS F 356 -25.31 -47.16 34.69
CA LYS F 356 -26.71 -46.72 34.64
C LYS F 356 -27.37 -46.82 36.01
N ALA F 357 -27.05 -47.86 36.76
CA ALA F 357 -27.61 -48.01 38.10
C ALA F 357 -27.18 -46.86 38.99
N GLU F 358 -25.89 -46.50 38.95
CA GLU F 358 -25.41 -45.38 39.74
C GLU F 358 -26.07 -44.07 39.32
N LEU F 359 -26.20 -43.85 38.01
CA LEU F 359 -26.81 -42.62 37.53
C LEU F 359 -28.26 -42.51 37.99
N HIS F 360 -29.02 -43.59 37.88
CA HIS F 360 -30.40 -43.57 38.37
C HIS F 360 -30.45 -43.40 39.88
N GLN F 361 -29.46 -43.90 40.60
CA GLN F 361 -29.40 -43.67 42.04
C GLN F 361 -29.21 -42.19 42.34
N LEU F 362 -28.32 -41.53 41.61
CA LEU F 362 -28.02 -40.12 41.88
C LEU F 362 -29.24 -39.24 41.59
N SER F 363 -29.94 -39.51 40.51
CA SER F 363 -31.09 -38.69 40.12
C SER F 363 -32.37 -39.18 40.80
N TYR F 379 -19.21 -9.21 39.17
CA TYR F 379 -17.84 -9.69 39.00
C TYR F 379 -17.07 -9.67 40.31
N THR F 380 -16.03 -10.51 40.39
CA THR F 380 -15.23 -10.57 41.59
C THR F 380 -14.52 -9.25 41.87
N THR F 381 -14.00 -8.62 40.82
CA THR F 381 -13.21 -7.40 40.97
C THR F 381 -13.93 -6.23 40.30
N SER F 382 -13.40 -5.04 40.55
CA SER F 382 -13.99 -3.80 40.05
C SER F 382 -13.55 -3.53 38.61
N PHE F 383 -14.26 -2.59 37.98
CA PHE F 383 -13.92 -2.21 36.61
C PHE F 383 -12.53 -1.60 36.53
N CYS F 384 -12.20 -0.70 37.45
CA CYS F 384 -10.91 -0.02 37.39
C CYS F 384 -9.77 -0.99 37.62
N HIS F 385 -9.95 -1.96 38.52
CA HIS F 385 -8.92 -2.94 38.77
C HIS F 385 -8.60 -3.75 37.51
N GLN F 386 -9.65 -4.21 36.82
CA GLN F 386 -9.46 -4.97 35.60
C GLN F 386 -8.81 -4.12 34.52
N LEU F 387 -9.25 -2.87 34.38
CA LEU F 387 -8.66 -1.99 33.39
C LEU F 387 -7.17 -1.77 33.65
N ARG F 388 -6.81 -1.53 34.91
CA ARG F 388 -5.41 -1.31 35.25
C ARG F 388 -4.56 -2.51 34.89
N TRP F 389 -5.01 -3.72 35.27
CA TRP F 389 -4.17 -4.89 35.06
C TRP F 389 -4.10 -5.29 33.60
N VAL F 390 -5.20 -5.13 32.87
CA VAL F 390 -5.17 -5.41 31.43
C VAL F 390 -4.18 -4.47 30.73
N SER F 391 -4.23 -3.18 31.07
CA SER F 391 -3.31 -2.24 30.44
C SER F 391 -1.87 -2.52 30.82
N LYS F 392 -1.63 -2.89 32.08
CA LYS F 392 -0.27 -3.20 32.52
C LYS F 392 0.31 -4.38 31.74
N ARG F 393 -0.45 -5.46 31.61
CA ARG F 393 0.07 -6.62 30.88
C ARG F 393 0.26 -6.30 29.41
N SER F 394 -0.67 -5.56 28.81
CA SER F 394 -0.53 -5.23 27.40
C SER F 394 0.70 -4.35 27.16
N PHE F 395 0.96 -3.41 28.06
CA PHE F 395 2.12 -2.54 27.90
C PHE F 395 3.42 -3.32 28.06
N LYS F 396 3.49 -4.20 29.05
CA LYS F 396 4.68 -5.04 29.20
C LYS F 396 4.92 -5.87 27.96
N ASN F 397 3.85 -6.42 27.37
CA ASN F 397 4.00 -7.17 26.14
C ASN F 397 4.48 -6.30 24.99
N LEU F 398 4.04 -5.05 24.94
CA LEU F 398 4.51 -4.15 23.89
C LEU F 398 6.00 -3.85 24.03
N LEU F 399 6.46 -3.62 25.27
CA LEU F 399 7.88 -3.33 25.47
C LEU F 399 8.73 -4.57 25.23
N GLY F 400 8.28 -5.73 25.68
CA GLY F 400 9.10 -6.93 25.62
C GLY F 400 9.23 -7.55 24.25
N ASN F 401 8.40 -7.14 23.30
CA ASN F 401 8.44 -7.67 21.93
C ASN F 401 8.44 -6.49 20.96
N PRO F 402 9.54 -5.73 20.94
CA PRO F 402 9.51 -4.40 20.30
C PRO F 402 9.90 -4.38 18.82
N GLN F 403 10.01 -5.52 18.15
CA GLN F 403 10.49 -5.53 16.78
C GLN F 403 9.59 -4.69 15.87
N ALA F 404 8.28 -4.92 15.93
CA ALA F 404 7.37 -4.21 15.04
C ALA F 404 7.32 -2.72 15.34
N SER F 405 7.27 -2.36 16.63
CA SER F 405 7.21 -0.95 17.00
C SER F 405 8.49 -0.22 16.60
N ILE F 406 9.64 -0.85 16.82
CA ILE F 406 10.90 -0.24 16.42
C ILE F 406 10.95 -0.07 14.90
N ALA F 407 10.47 -1.07 14.16
CA ALA F 407 10.46 -0.95 12.71
C ALA F 407 9.60 0.23 12.26
N GLN F 408 8.43 0.39 12.87
CA GLN F 408 7.56 1.50 12.50
C GLN F 408 8.21 2.85 12.82
N ILE F 409 8.87 2.96 13.97
CA ILE F 409 9.49 4.23 14.35
C ILE F 409 10.66 4.55 13.42
N ILE F 410 11.46 3.53 13.08
CA ILE F 410 12.60 3.77 12.19
C ILE F 410 12.12 4.21 10.82
N VAL F 411 11.07 3.57 10.30
CA VAL F 411 10.53 3.98 9.01
C VAL F 411 10.03 5.41 9.08
N THR F 412 9.38 5.78 10.19
CA THR F 412 8.88 7.14 10.34
C THR F 412 10.02 8.16 10.31
N VAL F 413 11.09 7.89 11.04
CA VAL F 413 12.20 8.84 11.11
C VAL F 413 12.90 8.96 9.77
N VAL F 414 13.11 7.84 9.07
CA VAL F 414 13.76 7.89 7.77
C VAL F 414 12.91 8.65 6.77
N LEU F 415 11.60 8.39 6.76
CA LEU F 415 10.70 9.14 5.89
C LEU F 415 10.74 10.62 6.22
N GLY F 416 10.76 10.97 7.51
CA GLY F 416 10.79 12.36 7.89
C GLY F 416 12.04 13.08 7.40
N LEU F 417 13.20 12.45 7.60
CA LEU F 417 14.45 13.08 7.18
C LEU F 417 14.54 13.20 5.66
N VAL F 418 14.11 12.16 4.94
CA VAL F 418 14.16 12.21 3.48
C VAL F 418 13.21 13.27 2.94
N ILE F 419 12.02 13.38 3.52
CA ILE F 419 11.07 14.39 3.09
C ILE F 419 11.59 15.78 3.42
N GLY F 420 12.22 15.95 4.57
CA GLY F 420 12.81 17.23 4.90
C GLY F 420 13.91 17.63 3.95
N ALA F 421 14.68 16.66 3.46
CA ALA F 421 15.75 16.97 2.52
C ALA F 421 15.20 17.27 1.13
N ILE F 422 14.19 16.52 0.68
CA ILE F 422 13.64 16.70 -0.65
C ILE F 422 12.94 18.05 -0.77
N TYR F 423 12.19 18.44 0.26
CA TYR F 423 11.38 19.65 0.22
C TYR F 423 12.04 20.82 0.93
N PHE F 424 13.34 20.74 1.21
CA PHE F 424 14.01 21.74 2.03
C PHE F 424 13.84 23.13 1.46
N GLY F 425 13.36 24.05 2.30
CA GLY F 425 13.23 25.44 1.92
C GLY F 425 12.16 25.75 0.90
N LEU F 426 10.89 25.62 1.29
CA LEU F 426 9.79 25.96 0.39
C LEU F 426 9.84 27.43 0.03
N LYS F 427 9.44 27.74 -1.19
CA LYS F 427 9.53 29.10 -1.72
C LYS F 427 8.16 29.63 -2.12
N ASN F 428 8.06 30.96 -2.15
CA ASN F 428 6.81 31.62 -2.50
C ASN F 428 6.84 32.07 -3.95
N ASP F 429 6.89 31.09 -4.85
CA ASP F 429 6.95 31.36 -6.27
C ASP F 429 6.01 30.37 -6.97
N SER F 430 6.16 30.26 -8.28
CA SER F 430 5.22 29.49 -9.08
C SER F 430 5.15 28.04 -8.64
N THR F 431 6.23 27.52 -8.07
CA THR F 431 6.28 26.14 -7.64
C THR F 431 5.91 25.95 -6.17
N GLY F 432 5.62 27.02 -5.45
CA GLY F 432 5.32 26.90 -4.03
C GLY F 432 4.02 26.19 -3.74
N ILE F 433 2.99 26.44 -4.55
CA ILE F 433 1.70 25.80 -4.34
C ILE F 433 1.81 24.29 -4.56
N GLN F 434 2.47 23.88 -5.63
CA GLN F 434 2.59 22.46 -5.94
C GLN F 434 3.32 21.72 -4.83
N ASN F 435 4.42 22.29 -4.33
CA ASN F 435 5.21 21.61 -3.31
C ASN F 435 4.47 21.54 -1.99
N ARG F 436 3.81 22.63 -1.58
CA ARG F 436 3.06 22.60 -0.33
C ARG F 436 1.92 21.59 -0.38
N ALA F 437 1.14 21.61 -1.47
CA ALA F 437 0.04 20.67 -1.60
C ALA F 437 0.54 19.23 -1.65
N GLY F 438 1.64 18.98 -2.36
CA GLY F 438 2.15 17.63 -2.45
C GLY F 438 2.62 17.06 -1.13
N VAL F 439 3.34 17.86 -0.35
CA VAL F 439 3.87 17.34 0.91
C VAL F 439 2.74 17.12 1.91
N LEU F 440 1.75 18.02 1.96
CA LEU F 440 0.65 17.82 2.90
C LEU F 440 -0.21 16.63 2.51
N PHE F 441 -0.41 16.43 1.20
CA PHE F 441 -1.14 15.26 0.73
C PHE F 441 -0.43 13.97 1.11
N PHE F 442 0.90 13.93 0.94
CA PHE F 442 1.62 12.72 1.32
C PHE F 442 1.50 12.44 2.80
N LEU F 443 1.64 13.46 3.65
CA LEU F 443 1.59 13.22 5.09
C LEU F 443 0.24 12.66 5.51
N THR F 444 -0.85 13.21 4.98
CA THR F 444 -2.17 12.73 5.36
C THR F 444 -2.42 11.29 4.89
N THR F 445 -2.14 11.00 3.63
CA THR F 445 -2.42 9.66 3.15
C THR F 445 -1.45 8.64 3.74
N ASN F 446 -0.28 9.07 4.17
CA ASN F 446 0.62 8.16 4.86
C ASN F 446 0.07 7.80 6.24
N GLN F 447 -0.51 8.76 6.95
CA GLN F 447 -1.16 8.44 8.21
C GLN F 447 -2.30 7.46 8.02
N CYS F 448 -2.97 7.49 6.88
CA CYS F 448 -4.03 6.51 6.65
C CYS F 448 -3.47 5.13 6.29
N PHE F 449 -2.54 5.05 5.34
CA PHE F 449 -2.06 3.74 4.91
C PHE F 449 -1.24 3.04 5.97
N SER F 450 -0.56 3.77 6.83
CA SER F 450 0.23 3.12 7.86
C SER F 450 -0.60 2.67 9.05
N SER F 451 -1.92 2.82 8.99
CA SER F 451 -2.80 2.39 10.06
C SER F 451 -3.49 1.07 9.78
N VAL F 452 -3.24 0.45 8.63
CA VAL F 452 -3.85 -0.84 8.34
C VAL F 452 -3.27 -1.96 9.17
N SER F 453 -2.15 -1.74 9.85
CA SER F 453 -1.59 -2.73 10.76
C SER F 453 -2.34 -2.79 12.08
N ALA F 454 -3.36 -1.97 12.27
CA ALA F 454 -4.19 -2.03 13.47
C ALA F 454 -5.24 -3.12 13.40
N VAL F 455 -5.37 -3.81 12.26
CA VAL F 455 -6.26 -4.95 12.20
C VAL F 455 -5.77 -6.09 13.07
N GLU F 456 -4.50 -6.06 13.47
CA GLU F 456 -3.91 -7.13 14.27
C GLU F 456 -4.03 -6.90 15.77
N LEU F 457 -4.69 -5.82 16.20
CA LEU F 457 -4.77 -5.57 17.63
C LEU F 457 -5.61 -6.61 18.34
N PHE F 458 -6.78 -6.93 17.79
CA PHE F 458 -7.66 -7.90 18.41
C PHE F 458 -7.65 -9.26 17.74
N VAL F 459 -7.13 -9.37 16.53
CA VAL F 459 -7.13 -10.65 15.83
C VAL F 459 -6.08 -11.59 16.42
N VAL F 460 -4.91 -11.06 16.75
CA VAL F 460 -3.82 -11.91 17.22
C VAL F 460 -4.16 -12.57 18.55
N GLU F 461 -4.87 -11.85 19.42
CA GLU F 461 -5.16 -12.33 20.77
C GLU F 461 -6.60 -12.81 20.92
N LYS F 462 -7.24 -13.25 19.83
CA LYS F 462 -8.65 -13.61 19.92
C LYS F 462 -8.87 -14.81 20.83
N LYS F 463 -8.07 -15.86 20.65
CA LYS F 463 -8.26 -17.06 21.46
C LYS F 463 -8.00 -16.79 22.93
N LEU F 464 -6.96 -16.01 23.23
CA LEU F 464 -6.70 -15.63 24.61
C LEU F 464 -7.85 -14.83 25.18
N PHE F 465 -8.42 -13.93 24.39
CA PHE F 465 -9.54 -13.13 24.87
C PHE F 465 -10.74 -14.00 25.20
N ILE F 466 -11.07 -14.93 24.32
CA ILE F 466 -12.24 -15.78 24.55
C ILE F 466 -12.03 -16.68 25.75
N HIS F 467 -10.84 -17.27 25.87
CA HIS F 467 -10.56 -18.13 27.02
C HIS F 467 -10.65 -17.35 28.32
N GLU F 468 -10.07 -16.17 28.38
CA GLU F 468 -10.09 -15.42 29.63
C GLU F 468 -11.44 -14.79 29.93
N TYR F 469 -12.23 -14.49 28.90
CA TYR F 469 -13.57 -13.98 29.14
C TYR F 469 -14.47 -15.06 29.71
N ILE F 470 -14.38 -16.28 29.17
CA ILE F 470 -15.21 -17.37 29.68
C ILE F 470 -14.86 -17.67 31.13
N SER F 471 -13.58 -17.65 31.48
CA SER F 471 -13.14 -17.92 32.83
C SER F 471 -13.46 -16.81 33.81
N GLY F 472 -14.00 -15.69 33.34
CA GLY F 472 -14.38 -14.62 34.24
C GLY F 472 -13.27 -13.72 34.68
N TYR F 473 -12.21 -13.57 33.88
CA TYR F 473 -11.14 -12.66 34.24
C TYR F 473 -11.62 -11.22 34.28
N TYR F 474 -12.40 -10.80 33.29
CA TYR F 474 -12.75 -9.40 33.14
C TYR F 474 -13.98 -9.28 32.25
N ARG F 475 -14.56 -8.09 32.25
CA ARG F 475 -15.62 -7.76 31.32
C ARG F 475 -15.04 -7.36 29.96
N VAL F 476 -15.89 -7.38 28.95
CA VAL F 476 -15.44 -6.97 27.63
C VAL F 476 -15.11 -5.49 27.61
N SER F 477 -15.79 -4.69 28.42
CA SER F 477 -15.54 -3.25 28.45
C SER F 477 -14.12 -2.94 28.91
N SER F 478 -13.71 -3.54 30.03
CA SER F 478 -12.39 -3.25 30.58
C SER F 478 -11.28 -3.79 29.69
N TYR F 479 -11.49 -4.95 29.09
CA TYR F 479 -10.51 -5.48 28.15
C TYR F 479 -10.36 -4.55 26.95
N PHE F 480 -11.47 -4.11 26.38
CA PHE F 480 -11.44 -3.24 25.22
C PHE F 480 -10.74 -1.93 25.54
N LEU F 481 -11.09 -1.31 26.66
CA LEU F 481 -10.49 -0.03 27.01
C LEU F 481 -9.02 -0.17 27.36
N GLY F 482 -8.64 -1.25 28.04
CA GLY F 482 -7.24 -1.44 28.36
C GLY F 482 -6.39 -1.65 27.12
N LYS F 483 -6.91 -2.41 26.16
CA LYS F 483 -6.20 -2.59 24.90
C LYS F 483 -6.05 -1.27 24.14
N LEU F 484 -7.12 -0.47 24.11
CA LEU F 484 -7.01 0.84 23.46
C LEU F 484 -6.00 1.73 24.16
N LEU F 485 -6.02 1.73 25.50
CA LEU F 485 -5.19 2.65 26.26
C LEU F 485 -3.71 2.28 26.18
N SER F 486 -3.40 1.00 25.97
CA SER F 486 -2.01 0.57 26.00
C SER F 486 -1.37 0.48 24.62
N ASP F 487 -2.05 -0.09 23.63
CA ASP F 487 -1.45 -0.33 22.33
C ASP F 487 -1.81 0.75 21.31
N LEU F 488 -3.08 1.12 21.22
CA LEU F 488 -3.49 2.08 20.20
C LEU F 488 -3.01 3.48 20.54
N LEU F 489 -3.19 3.91 21.78
CA LEU F 489 -3.02 5.32 22.12
C LEU F 489 -1.60 5.83 21.88
N PRO F 490 -0.53 5.22 22.43
CA PRO F 490 0.80 5.80 22.22
C PRO F 490 1.40 5.53 20.85
N MET F 491 1.16 4.35 20.30
CA MET F 491 1.80 3.98 19.04
C MET F 491 1.26 4.78 17.85
N ARG F 492 0.00 5.19 17.90
CA ARG F 492 -0.54 6.05 16.87
C ARG F 492 -0.32 7.52 17.16
N MET F 493 0.26 7.85 18.31
CA MET F 493 0.55 9.23 18.65
C MET F 493 1.99 9.60 18.33
N LEU F 494 2.93 8.66 18.46
CA LEU F 494 4.34 8.98 18.24
C LEU F 494 4.64 9.45 16.82
N PRO F 495 4.22 8.76 15.74
CA PRO F 495 4.60 9.21 14.41
C PRO F 495 4.17 10.62 14.07
N SER F 496 3.03 11.08 14.59
CA SER F 496 2.59 12.43 14.29
C SER F 496 3.54 13.46 14.88
N ILE F 497 3.92 13.28 16.15
CA ILE F 497 4.86 14.19 16.79
C ILE F 497 6.20 14.17 16.09
N ILE F 498 6.69 12.98 15.76
CA ILE F 498 8.00 12.88 15.11
C ILE F 498 7.98 13.56 13.75
N PHE F 499 6.93 13.31 12.96
CA PHE F 499 6.83 13.89 11.63
C PHE F 499 6.82 15.40 11.68
N THR F 500 5.96 15.99 12.52
CA THR F 500 5.90 17.45 12.54
C THR F 500 7.20 18.05 13.05
N CYS F 501 7.74 17.48 14.14
CA CYS F 501 8.96 18.05 14.71
C CYS F 501 10.10 18.01 13.72
N ILE F 502 10.22 16.93 12.93
CA ILE F 502 11.31 16.84 11.98
C ILE F 502 11.09 17.78 10.80
N VAL F 503 9.93 17.70 10.16
CA VAL F 503 9.77 18.35 8.86
C VAL F 503 9.35 19.81 8.94
N TYR F 504 8.76 20.26 10.05
CA TYR F 504 8.13 21.57 10.05
C TYR F 504 9.11 22.69 9.77
N PHE F 505 10.30 22.63 10.37
CA PHE F 505 11.26 23.72 10.24
C PHE F 505 12.31 23.47 9.16
N MET F 506 12.50 22.22 8.73
CA MET F 506 13.27 21.99 7.52
C MET F 506 12.53 22.53 6.30
N LEU F 507 11.23 22.25 6.21
CA LEU F 507 10.44 22.75 5.10
C LEU F 507 10.25 24.25 5.17
N GLY F 508 10.01 24.78 6.35
CA GLY F 508 9.73 26.20 6.49
C GLY F 508 8.26 26.48 6.35
N LEU F 509 7.43 25.66 6.98
CA LEU F 509 6.00 25.92 7.03
C LEU F 509 5.74 27.12 7.95
N LYS F 510 4.48 27.48 8.08
CA LYS F 510 4.12 28.76 8.71
C LYS F 510 4.71 28.87 10.11
N PRO F 511 5.48 29.91 10.40
CA PRO F 511 6.34 29.92 11.59
C PRO F 511 5.68 30.34 12.89
N LYS F 512 4.36 30.26 13.00
CA LYS F 512 3.69 30.53 14.27
C LYS F 512 3.55 29.25 15.08
N ALA F 513 3.33 29.43 16.39
CA ALA F 513 3.19 28.28 17.28
C ALA F 513 1.83 27.60 17.11
N ASP F 514 0.78 28.40 16.90
CA ASP F 514 -0.55 27.84 16.69
C ASP F 514 -0.57 26.94 15.47
N ALA F 515 0.06 27.37 14.38
CA ALA F 515 0.09 26.55 13.17
C ALA F 515 0.81 25.24 13.41
N PHE F 516 1.93 25.28 14.13
CA PHE F 516 2.68 24.07 14.45
C PHE F 516 1.83 23.08 15.22
N PHE F 517 1.12 23.55 16.24
CA PHE F 517 0.35 22.62 17.06
C PHE F 517 -0.93 22.17 16.37
N VAL F 518 -1.54 23.00 15.54
CA VAL F 518 -2.69 22.55 14.77
C VAL F 518 -2.28 21.44 13.81
N MET F 519 -1.11 21.57 13.19
CA MET F 519 -0.64 20.51 12.30
C MET F 519 -0.43 19.20 13.06
N MET F 520 0.22 19.27 14.21
CA MET F 520 0.45 18.06 15.00
C MET F 520 -0.86 17.40 15.42
N PHE F 521 -1.80 18.20 15.91
CA PHE F 521 -3.08 17.68 16.36
C PHE F 521 -3.88 17.08 15.21
N THR F 522 -3.86 17.72 14.04
CA THR F 522 -4.59 17.20 12.89
C THR F 522 -4.05 15.84 12.45
N LEU F 523 -2.72 15.70 12.40
CA LEU F 523 -2.15 14.41 12.02
C LEU F 523 -2.51 13.33 13.04
N MET F 524 -2.55 13.68 14.32
CA MET F 524 -2.98 12.72 15.33
C MET F 524 -4.42 12.27 15.10
N MET F 525 -5.31 13.21 14.80
CA MET F 525 -6.71 12.85 14.61
C MET F 525 -6.91 11.97 13.38
N VAL F 526 -6.15 12.23 12.31
CA VAL F 526 -6.24 11.36 11.14
C VAL F 526 -5.78 9.95 11.48
N ALA F 527 -4.68 9.82 12.22
CA ALA F 527 -4.20 8.50 12.60
C ALA F 527 -5.22 7.75 13.45
N TYR F 528 -5.84 8.44 14.40
CA TYR F 528 -6.84 7.77 15.25
C TYR F 528 -8.08 7.37 14.48
N SER F 529 -8.54 8.21 13.55
CA SER F 529 -9.72 7.85 12.78
C SER F 529 -9.47 6.64 11.90
N ALA F 530 -8.32 6.61 11.22
CA ALA F 530 -8.01 5.47 10.36
C ALA F 530 -7.85 4.20 11.17
N SER F 531 -7.19 4.29 12.33
CA SER F 531 -7.05 3.11 13.19
C SER F 531 -8.38 2.62 13.71
N SER F 532 -9.28 3.54 14.08
CA SER F 532 -10.59 3.12 14.56
C SER F 532 -11.39 2.42 13.46
N MET F 533 -11.28 2.91 12.22
CA MET F 533 -11.96 2.22 11.13
C MET F 533 -11.40 0.82 10.94
N ALA F 534 -10.09 0.67 11.05
CA ALA F 534 -9.49 -0.66 10.94
C ALA F 534 -9.98 -1.58 12.05
N LEU F 535 -10.09 -1.07 13.27
CA LEU F 535 -10.62 -1.88 14.36
C LEU F 535 -12.05 -2.29 14.11
N ALA F 536 -12.89 -1.36 13.66
CA ALA F 536 -14.29 -1.67 13.43
C ALA F 536 -14.46 -2.74 12.37
N ILE F 537 -13.61 -2.71 11.34
CA ILE F 537 -13.71 -3.71 10.29
C ILE F 537 -13.17 -5.06 10.75
N ALA F 538 -12.11 -5.06 11.57
CA ALA F 538 -11.40 -6.30 11.85
C ALA F 538 -11.77 -6.95 13.18
N ALA F 539 -12.50 -6.27 14.07
CA ALA F 539 -12.73 -6.82 15.40
C ALA F 539 -13.62 -8.06 15.33
N GLY F 540 -13.25 -9.06 16.13
CA GLY F 540 -14.03 -10.27 16.21
C GLY F 540 -13.85 -11.25 15.07
N GLN F 541 -12.69 -11.26 14.44
CA GLN F 541 -12.41 -12.17 13.33
C GLN F 541 -11.12 -12.92 13.60
N SER F 542 -10.94 -14.03 12.89
CA SER F 542 -9.80 -14.91 13.11
C SER F 542 -8.67 -14.68 12.13
N VAL F 543 -8.97 -14.26 10.90
CA VAL F 543 -7.96 -14.06 9.88
C VAL F 543 -8.08 -12.65 9.33
N VAL F 544 -6.96 -12.08 8.91
CA VAL F 544 -6.89 -10.66 8.54
C VAL F 544 -6.86 -10.42 7.04
N SER F 545 -6.90 -11.46 6.22
CA SER F 545 -6.72 -11.27 4.78
C SER F 545 -7.83 -10.42 4.18
N VAL F 546 -9.09 -10.81 4.42
CA VAL F 546 -10.21 -10.07 3.84
C VAL F 546 -10.31 -8.69 4.47
N ALA F 547 -10.04 -8.58 5.76
CA ALA F 547 -10.05 -7.28 6.41
C ALA F 547 -9.00 -6.35 5.82
N THR F 548 -7.80 -6.86 5.59
CA THR F 548 -6.74 -6.03 5.01
C THR F 548 -7.10 -5.59 3.60
N LEU F 549 -7.67 -6.50 2.81
CA LEU F 549 -8.07 -6.13 1.46
C LEU F 549 -9.13 -5.04 1.47
N LEU F 550 -10.13 -5.16 2.34
CA LEU F 550 -11.17 -4.14 2.42
C LEU F 550 -10.61 -2.80 2.90
N MET F 551 -9.72 -2.84 3.90
CA MET F 551 -9.11 -1.61 4.39
C MET F 551 -8.35 -0.89 3.28
N THR F 552 -7.55 -1.64 2.52
CA THR F 552 -6.74 -1.03 1.48
C THR F 552 -7.59 -0.43 0.38
N ILE F 553 -8.63 -1.15 -0.04
CA ILE F 553 -9.48 -0.62 -1.11
C ILE F 553 -10.21 0.63 -0.64
N CYS F 554 -10.72 0.63 0.60
CA CYS F 554 -11.40 1.80 1.12
C CYS F 554 -10.47 3.00 1.20
N PHE F 555 -9.23 2.78 1.65
CA PHE F 555 -8.29 3.89 1.75
C PHE F 555 -7.88 4.41 0.40
N VAL F 556 -7.79 3.55 -0.62
CA VAL F 556 -7.48 4.03 -1.96
C VAL F 556 -8.62 4.90 -2.49
N PHE F 557 -9.86 4.50 -2.23
CA PHE F 557 -10.99 5.33 -2.67
C PHE F 557 -11.07 6.63 -1.88
N MET F 558 -10.75 6.60 -0.59
CA MET F 558 -10.73 7.84 0.19
C MET F 558 -9.64 8.78 -0.28
N MET F 559 -8.50 8.23 -0.71
CA MET F 559 -7.39 9.05 -1.16
C MET F 559 -7.75 9.81 -2.43
N ILE F 560 -8.53 9.19 -3.31
CA ILE F 560 -8.96 9.85 -4.53
C ILE F 560 -9.88 11.02 -4.23
N PHE F 561 -10.64 10.97 -3.14
CA PHE F 561 -11.57 12.02 -2.76
C PHE F 561 -10.96 13.03 -1.79
N SER F 562 -9.64 13.05 -1.62
CA SER F 562 -9.03 13.96 -0.65
C SER F 562 -9.05 15.40 -1.13
N GLY F 563 -8.81 15.62 -2.41
CA GLY F 563 -8.85 16.97 -2.94
C GLY F 563 -7.64 17.40 -3.73
N LEU F 564 -6.71 16.48 -3.98
CA LEU F 564 -5.58 16.79 -4.85
C LEU F 564 -5.68 16.15 -6.22
N LEU F 565 -6.19 14.93 -6.31
CA LEU F 565 -6.18 14.23 -7.58
C LEU F 565 -7.39 14.54 -8.46
N VAL F 566 -8.47 15.08 -7.92
CA VAL F 566 -9.67 15.22 -8.75
C VAL F 566 -10.41 16.55 -8.66
N ASN F 567 -10.09 17.41 -7.69
CA ASN F 567 -10.83 18.68 -7.60
C ASN F 567 -12.32 18.51 -7.35
N LEU F 568 -12.68 18.24 -6.11
CA LEU F 568 -14.03 17.94 -5.66
C LEU F 568 -15.16 18.82 -6.18
N THR F 569 -14.89 20.06 -6.60
CA THR F 569 -16.00 20.89 -7.09
C THR F 569 -16.46 20.49 -8.49
N THR F 570 -15.75 19.61 -9.18
CA THR F 570 -16.06 19.24 -10.55
C THR F 570 -16.82 17.92 -10.67
N ILE F 571 -17.04 17.23 -9.58
CA ILE F 571 -17.66 15.90 -9.63
C ILE F 571 -19.18 16.05 -9.74
N ALA F 572 -19.80 15.12 -10.46
CA ALA F 572 -21.23 15.15 -10.67
C ALA F 572 -21.99 14.95 -9.35
N SER F 573 -23.19 15.53 -9.29
CA SER F 573 -23.91 15.60 -8.02
C SER F 573 -24.30 14.22 -7.49
N TRP F 574 -24.65 13.29 -8.37
CA TRP F 574 -25.05 11.98 -7.89
C TRP F 574 -23.90 11.18 -7.31
N LEU F 575 -22.66 11.64 -7.50
CA LEU F 575 -21.49 11.02 -6.91
C LEU F 575 -20.81 11.89 -5.87
N SER F 576 -21.06 13.20 -5.88
CA SER F 576 -20.24 14.12 -5.10
C SER F 576 -20.38 13.90 -3.61
N TRP F 577 -21.53 13.40 -3.15
CA TRP F 577 -21.77 13.21 -1.73
C TRP F 577 -20.83 12.19 -1.11
N LEU F 578 -20.16 11.36 -1.91
CA LEU F 578 -19.23 10.37 -1.38
C LEU F 578 -18.01 10.98 -0.72
N GLN F 579 -17.76 12.27 -0.93
CA GLN F 579 -16.60 12.91 -0.34
C GLN F 579 -16.72 13.09 1.16
N TYR F 580 -17.91 12.93 1.72
CA TYR F 580 -18.11 13.08 3.16
C TYR F 580 -17.70 11.85 3.94
N PHE F 581 -17.35 10.77 3.27
CA PHE F 581 -16.88 9.56 3.92
C PHE F 581 -15.37 9.43 3.90
N SER F 582 -14.66 10.48 3.53
CA SER F 582 -13.22 10.41 3.29
C SER F 582 -12.47 10.94 4.51
N ILE F 583 -11.80 10.03 5.22
CA ILE F 583 -10.94 10.45 6.33
C ILE F 583 -9.78 11.32 5.87
N PRO F 584 -9.02 10.96 4.83
CA PRO F 584 -7.93 11.85 4.41
C PRO F 584 -8.39 13.22 3.98
N ARG F 585 -9.62 13.35 3.49
CA ARG F 585 -10.09 14.64 3.01
C ARG F 585 -10.19 15.66 4.13
N TYR F 586 -10.69 15.26 5.30
CA TYR F 586 -10.79 16.18 6.42
C TYR F 586 -9.41 16.62 6.91
N GLY F 587 -8.47 15.69 7.03
CA GLY F 587 -7.14 16.05 7.44
C GLY F 587 -6.42 16.93 6.43
N PHE F 588 -6.53 16.60 5.15
CA PHE F 588 -5.90 17.39 4.11
C PHE F 588 -6.50 18.78 4.03
N THR F 589 -7.81 18.89 4.18
CA THR F 589 -8.45 20.20 4.19
C THR F 589 -7.97 21.05 5.36
N ALA F 590 -7.86 20.45 6.54
CA ALA F 590 -7.39 21.20 7.70
C ALA F 590 -5.95 21.65 7.53
N LEU F 591 -5.08 20.78 7.02
CA LEU F 591 -3.68 21.15 6.83
C LEU F 591 -3.53 22.26 5.80
N GLN F 592 -4.28 22.19 4.71
CA GLN F 592 -4.22 23.23 3.69
C GLN F 592 -4.75 24.55 4.22
N HIS F 593 -5.85 24.51 4.97
CA HIS F 593 -6.37 25.72 5.60
C HIS F 593 -5.34 26.33 6.52
N ASN F 594 -4.67 25.49 7.30
CA ASN F 594 -3.67 25.95 8.25
C ASN F 594 -2.48 26.60 7.55
N GLU F 595 -2.06 26.06 6.40
CA GLU F 595 -0.84 26.50 5.75
C GLU F 595 -1.04 27.66 4.77
N PHE F 596 -2.05 27.58 3.91
CA PHE F 596 -2.12 28.47 2.76
C PHE F 596 -2.66 29.85 3.06
N LEU F 597 -3.33 30.05 4.19
CA LEU F 597 -3.98 31.32 4.46
C LEU F 597 -2.96 32.43 4.64
N GLY F 598 -3.08 33.49 3.85
CA GLY F 598 -2.22 34.66 3.98
C GLY F 598 -0.92 34.64 3.20
N GLN F 599 -0.79 33.78 2.21
CA GLN F 599 0.46 33.64 1.46
C GLN F 599 0.33 34.18 0.05
N ASN F 600 1.47 34.59 -0.52
CA ASN F 600 1.56 35.08 -1.88
C ASN F 600 2.48 34.18 -2.69
N PHE F 601 2.20 34.07 -3.99
CA PHE F 601 2.96 33.13 -4.81
C PHE F 601 3.34 33.68 -6.17
N CYS F 602 3.13 34.97 -6.44
CA CYS F 602 3.50 35.59 -7.72
C CYS F 602 4.45 36.73 -7.43
N PRO F 603 5.75 36.47 -7.40
CA PRO F 603 6.70 37.53 -7.03
C PRO F 603 6.64 38.71 -7.97
N GLY F 604 6.73 39.91 -7.38
CA GLY F 604 6.58 41.15 -8.11
C GLY F 604 5.16 41.57 -8.37
N LEU F 605 4.21 40.65 -8.30
CA LEU F 605 2.81 40.94 -8.61
C LEU F 605 2.02 40.90 -7.31
N ASN F 606 1.44 42.03 -6.95
CA ASN F 606 0.68 42.13 -5.71
C ASN F 606 -0.80 41.98 -6.05
N ALA F 607 -1.33 40.79 -5.78
CA ALA F 607 -2.70 40.46 -6.12
C ALA F 607 -3.63 40.49 -4.91
N THR F 608 -3.12 40.85 -3.73
CA THR F 608 -3.96 40.99 -2.54
C THR F 608 -5.06 42.02 -2.78
N GLY F 609 -4.71 43.16 -3.35
CA GLY F 609 -5.72 44.15 -3.69
C GLY F 609 -6.63 43.64 -4.80
N ASN F 610 -6.09 43.49 -6.00
CA ASN F 610 -6.83 42.92 -7.11
C ASN F 610 -5.89 42.03 -7.91
N ASN F 611 -6.45 41.04 -8.59
CA ASN F 611 -5.65 40.23 -9.49
C ASN F 611 -5.71 40.82 -10.90
N PRO F 612 -4.59 41.24 -11.48
CA PRO F 612 -4.65 41.86 -12.81
C PRO F 612 -5.17 40.94 -13.89
N CYS F 613 -4.62 39.72 -14.01
CA CYS F 613 -5.11 38.77 -14.99
C CYS F 613 -5.90 37.66 -14.31
N ASN F 614 -6.95 37.23 -14.99
CA ASN F 614 -8.03 36.45 -14.46
C ASN F 614 -7.64 35.01 -14.09
N TYR F 615 -6.53 34.49 -14.60
CA TYR F 615 -6.22 33.07 -14.51
C TYR F 615 -4.95 32.77 -13.73
N ALA F 616 -4.51 33.66 -12.83
CA ALA F 616 -3.14 33.57 -12.34
C ALA F 616 -2.98 32.68 -11.10
N THR F 617 -3.90 32.73 -10.14
CA THR F 617 -3.77 32.00 -8.86
C THR F 617 -2.54 32.45 -8.07
N CYS F 618 -2.63 33.68 -7.57
CA CYS F 618 -1.49 34.32 -6.93
C CYS F 618 -1.54 34.36 -5.40
N THR F 619 -2.61 33.91 -4.77
CA THR F 619 -2.68 33.95 -3.31
C THR F 619 -3.16 32.61 -2.79
N GLY F 620 -2.93 32.39 -1.49
CA GLY F 620 -3.41 31.17 -0.85
C GLY F 620 -4.91 31.10 -0.78
N GLU F 621 -5.58 32.24 -0.62
CA GLU F 621 -7.04 32.27 -0.60
C GLU F 621 -7.62 31.83 -1.93
N GLU F 622 -7.05 32.29 -3.04
CA GLU F 622 -7.54 31.86 -4.36
C GLU F 622 -7.39 30.36 -4.53
N TYR F 623 -6.25 29.80 -4.11
CA TYR F 623 -6.06 28.37 -4.22
C TYR F 623 -7.04 27.61 -3.34
N LEU F 624 -7.28 28.08 -2.12
CA LEU F 624 -8.20 27.39 -1.23
C LEU F 624 -9.62 27.39 -1.77
N VAL F 625 -10.07 28.53 -2.30
CA VAL F 625 -11.44 28.61 -2.82
C VAL F 625 -11.58 27.76 -4.08
N LYS F 626 -10.56 27.72 -4.93
CA LYS F 626 -10.62 26.87 -6.11
C LYS F 626 -10.74 25.39 -5.77
N GLN F 627 -10.27 24.97 -4.61
CA GLN F 627 -10.41 23.59 -4.19
C GLN F 627 -11.71 23.32 -3.45
N GLY F 628 -12.52 24.35 -3.20
CA GLY F 628 -13.77 24.18 -2.50
C GLY F 628 -13.71 24.33 -1.01
N ILE F 629 -12.71 24.99 -0.47
CA ILE F 629 -12.45 25.04 0.96
C ILE F 629 -12.94 26.38 1.51
N ASP F 630 -13.63 26.31 2.65
CA ASP F 630 -14.19 27.49 3.30
C ASP F 630 -13.10 28.30 4.01
N LEU F 631 -13.19 29.63 3.92
CA LEU F 631 -12.14 30.50 4.43
C LEU F 631 -12.36 30.94 5.88
N SER F 632 -13.51 30.66 6.47
CA SER F 632 -13.79 31.07 7.84
C SER F 632 -13.12 30.12 8.83
N PRO F 633 -12.96 30.55 10.09
CA PRO F 633 -12.39 29.64 11.09
C PRO F 633 -13.19 28.37 11.31
N TRP F 634 -14.51 28.40 11.13
CA TRP F 634 -15.29 27.17 11.17
C TRP F 634 -14.89 26.24 10.05
N GLY F 635 -14.46 26.78 8.91
CA GLY F 635 -13.97 25.96 7.82
C GLY F 635 -12.73 25.17 8.17
N LEU F 636 -12.05 25.53 9.25
CA LEU F 636 -10.95 24.73 9.76
C LEU F 636 -11.41 23.69 10.76
N TRP F 637 -12.25 24.08 11.73
CA TRP F 637 -12.55 23.22 12.86
C TRP F 637 -13.65 22.21 12.61
N LYS F 638 -14.47 22.40 11.58
CA LYS F 638 -15.45 21.36 11.29
C LYS F 638 -14.79 20.07 10.83
N ASN F 639 -13.57 20.16 10.30
CA ASN F 639 -12.84 18.97 9.94
C ASN F 639 -12.50 18.14 11.17
N HIS F 640 -12.12 18.80 12.26
CA HIS F 640 -11.82 18.07 13.49
C HIS F 640 -13.08 17.55 14.16
N VAL F 641 -14.20 18.27 14.03
CA VAL F 641 -15.46 17.75 14.52
C VAL F 641 -15.83 16.46 13.77
N ALA F 642 -15.66 16.46 12.45
CA ALA F 642 -15.96 15.26 11.67
C ALA F 642 -15.07 14.09 12.05
N LEU F 643 -13.77 14.35 12.25
CA LEU F 643 -12.87 13.27 12.62
C LEU F 643 -13.19 12.71 14.00
N ALA F 644 -13.56 13.58 14.94
CA ALA F 644 -13.93 13.10 16.28
C ALA F 644 -15.18 12.24 16.24
N CYS F 645 -16.19 12.65 15.47
CA CYS F 645 -17.40 11.85 15.35
C CYS F 645 -17.10 10.49 14.72
N MET F 646 -16.24 10.46 13.71
CA MET F 646 -15.85 9.20 13.12
C MET F 646 -15.17 8.29 14.12
N ILE F 647 -14.28 8.85 14.96
CA ILE F 647 -13.60 8.05 15.97
C ILE F 647 -14.62 7.40 16.90
N VAL F 648 -15.58 8.19 17.38
CA VAL F 648 -16.56 7.66 18.33
C VAL F 648 -17.39 6.56 17.68
N ILE F 649 -17.86 6.79 16.46
CA ILE F 649 -18.73 5.81 15.80
C ILE F 649 -17.98 4.51 15.56
N PHE F 650 -16.76 4.59 15.06
CA PHE F 650 -16.02 3.38 14.74
C PHE F 650 -15.63 2.61 15.99
N LEU F 651 -15.27 3.30 17.07
CA LEU F 651 -14.95 2.60 18.30
C LEU F 651 -16.19 1.94 18.90
N THR F 652 -17.35 2.57 18.77
CA THR F 652 -18.58 1.94 19.25
C THR F 652 -18.90 0.68 18.44
N ILE F 653 -18.71 0.73 17.13
CA ILE F 653 -18.95 -0.45 16.31
C ILE F 653 -18.00 -1.58 16.71
N ALA F 654 -16.73 -1.26 16.94
CA ALA F 654 -15.78 -2.28 17.35
C ALA F 654 -16.16 -2.89 18.70
N TYR F 655 -16.59 -2.06 19.64
CA TYR F 655 -17.02 -2.58 20.93
C TYR F 655 -18.22 -3.49 20.79
N LEU F 656 -19.21 -3.10 19.99
CA LEU F 656 -20.39 -3.93 19.83
C LEU F 656 -20.05 -5.25 19.16
N LYS F 657 -19.15 -5.24 18.19
CA LYS F 657 -18.75 -6.50 17.56
C LYS F 657 -18.00 -7.40 18.52
N LEU F 658 -17.30 -6.83 19.50
CA LEU F 658 -16.70 -7.68 20.53
C LEU F 658 -17.75 -8.18 21.52
N LEU F 659 -18.79 -7.38 21.77
CA LEU F 659 -19.77 -7.75 22.77
C LEU F 659 -20.67 -8.90 22.30
N PHE F 660 -21.13 -8.82 21.06
CA PHE F 660 -22.03 -9.84 20.51
C PHE F 660 -21.28 -10.93 19.77
N LEU F 661 -19.97 -11.02 19.96
CA LEU F 661 -19.22 -12.14 19.42
C LEU F 661 -19.60 -13.42 20.14
N LYS F 662 -19.80 -14.49 19.38
CA LYS F 662 -20.09 -15.78 19.99
C LYS F 662 -18.83 -16.29 20.67
N LYS F 663 -18.87 -16.36 22.00
CA LYS F 663 -17.70 -16.68 22.80
C LYS F 663 -17.96 -18.03 23.45
N TYR F 664 -17.69 -19.10 22.71
CA TYR F 664 -18.00 -20.46 23.13
C TYR F 664 -17.15 -21.46 22.37
C1 NAG G . -3.41 32.04 -31.98
C2 NAG G . -4.47 31.66 -32.99
C3 NAG G . -3.84 31.44 -34.36
C4 NAG G . -2.87 32.55 -34.73
C5 NAG G . -1.97 32.95 -33.56
C6 NAG G . -1.18 34.21 -33.78
C7 NAG G . -6.31 30.05 -33.02
C8 NAG G . -6.85 28.77 -32.46
N2 NAG G . -5.14 30.45 -32.54
O3 NAG G . -4.86 31.35 -35.34
O4 NAG G . -2.04 32.08 -35.79
O5 NAG G . -2.78 33.18 -32.40
O6 NAG G . -1.27 35.10 -32.68
O7 NAG G . -6.91 30.68 -33.87
C1 NAG G . -1.86 33.04 -36.85
C2 NAG G . -0.59 32.63 -37.59
C3 NAG G . -0.35 33.55 -38.78
C4 NAG G . -1.59 33.68 -39.64
C5 NAG G . -2.79 34.04 -38.79
C6 NAG G . -4.09 34.06 -39.56
C7 NAG G . 1.05 31.52 -36.15
C8 NAG G . 2.22 31.72 -35.24
N2 NAG G . 0.53 32.64 -36.69
O3 NAG G . 0.73 33.03 -39.55
O4 NAG G . -1.38 34.70 -40.62
O5 NAG G . -2.95 33.06 -37.76
O6 NAG G . -4.84 32.87 -39.37
O7 NAG G . 0.58 30.42 -36.38
C1 NAG H . -1.07 45.56 -1.43
C2 NAG H . -0.14 46.05 -0.37
C3 NAG H . -0.92 46.71 0.78
C4 NAG H . -1.98 47.68 0.26
C5 NAG H . -2.76 47.07 -0.90
C6 NAG H . -3.69 48.05 -1.59
C7 NAG H . 1.79 45.08 0.82
C8 NAG H . 2.46 43.82 1.26
N2 NAG H . 0.65 44.94 0.14
O3 NAG H . -0.01 47.39 1.62
O4 NAG H . -2.88 47.93 1.32
O5 NAG H . -1.84 46.60 -1.90
O6 NAG H . -3.72 47.84 -3.00
O7 NAG H . 2.26 46.18 1.07
C1 NAG H . -3.13 49.34 1.51
C2 NAG H . -4.38 49.45 2.37
C3 NAG H . -4.68 50.92 2.69
C4 NAG H . -3.45 51.60 3.27
C5 NAG H . -2.25 51.38 2.35
C6 NAG H . -0.96 51.93 2.91
C7 NAG H . -5.92 47.59 1.94
C8 NAG H . -7.11 47.13 1.16
N2 NAG H . -5.52 48.85 1.71
O3 NAG H . -5.75 50.99 3.63
O4 NAG H . -3.68 53.00 3.40
O5 NAG H . -2.05 49.98 2.16
O6 NAG H . -0.26 50.92 3.63
O7 NAG H . -5.35 46.87 2.75
C01 V0U I . -1.44 7.66 -5.73
C03 V0U I . -1.92 5.41 -5.58
C04 V0U I . -2.34 4.21 -6.15
C05 V0U I . -2.43 3.02 -5.34
C06 V0U I . -2.12 3.06 -4.04
C08 V0U I . -1.60 5.45 -4.23
C09 V0U I . -2.33 1.71 -3.54
C10 V0U I . -2.75 0.94 -4.57
C12 V0U I . -3.03 -0.54 -4.37
C13 V0U I . -4.54 -0.80 -4.00
C14 V0U I . -5.46 -0.95 -5.27
C15 V0U I . -5.07 -2.21 -6.09
C16 V0U I . -6.95 -1.00 -4.84
C18 V0U I . -1.52 -0.38 -2.32
C19 V0U I . -2.14 1.10 -2.13
C20 V0U I . -1.49 -1.10 -0.98
C23 V0U I . -0.98 -3.10 -2.35
C26 V0U I . -2.34 -5.39 -0.17
C27 V0U I . -3.50 -5.74 0.53
C28 V0U I . -4.72 -5.71 -0.12
C29 V0U I . -4.81 -5.32 -1.45
C07 V0U I . -1.69 4.29 -3.43
C24 V0U I . -1.17 -4.62 -2.27
C25 V0U I . -2.43 -5.01 -1.51
C30 V0U I . -3.66 -4.98 -2.14
C31 V0U I . -1.90 -2.57 -3.43
N11 V0U I . -2.81 1.74 -5.67
N17 V0U I . -2.17 -1.14 -3.36
N22 V0U I . -1.20 -2.54 -1.02
O02 V0U I . -1.84 6.53 -6.37
O21 V0U I . -1.68 -0.52 0.04
O32 V0U I . -2.40 -3.26 -4.27
C1 CLR J . 19.27 8.79 -19.41
C2 CLR J . 19.04 9.84 -20.50
C3 CLR J . 19.46 9.32 -21.88
C4 CLR J . 18.64 8.05 -22.18
C5 CLR J . 18.69 6.99 -21.10
C6 CLR J . 18.97 5.73 -21.44
C7 CLR J . 19.16 4.61 -20.42
C8 CLR J . 18.57 5.00 -19.04
C9 CLR J . 19.01 6.44 -18.68
C10 CLR J . 18.47 7.49 -19.66
C11 CLR J . 18.72 6.77 -17.21
C12 CLR J . 19.25 5.72 -16.23
C13 CLR J . 18.66 4.32 -16.58
C14 CLR J . 19.14 4.05 -18.03
C15 CLR J . 18.86 2.54 -18.27
C16 CLR J . 19.08 1.90 -16.84
C17 CLR J . 19.34 3.13 -15.85
C18 CLR J . 17.13 4.23 -16.46
C19 CLR J . 16.96 7.76 -19.40
C20 CLR J . 18.78 2.76 -14.48
C21 CLR J . 19.06 3.76 -13.34
C22 CLR J . 19.51 1.43 -14.13
C23 CLR J . 19.27 1.00 -12.67
C24 CLR J . 19.28 -0.56 -12.74
C25 CLR J . 19.81 -1.13 -11.40
C26 CLR J . 21.25 -0.61 -11.22
C27 CLR J . 18.89 -0.84 -10.19
O1 CLR J . 19.35 10.30 -22.91
C1 CLR K . 18.36 -5.66 -3.49
C2 CLR K . 18.95 -7.08 -3.40
C3 CLR K . 18.61 -7.96 -4.62
C4 CLR K . 18.95 -7.19 -5.91
C5 CLR K . 18.36 -5.81 -6.00
C6 CLR K . 17.48 -5.52 -6.96
C7 CLR K . 16.86 -4.12 -7.11
C8 CLR K . 17.65 -3.09 -6.28
C9 CLR K . 17.85 -3.63 -4.84
C10 CLR K . 18.71 -4.92 -4.79
C11 CLR K . 18.35 -2.53 -3.88
C12 CLR K . 17.47 -1.27 -3.91
C13 CLR K . 17.43 -0.69 -5.34
C14 CLR K . 16.81 -1.84 -6.21
C15 CLR K . 16.43 -1.17 -7.57
C16 CLR K . 16.06 0.31 -7.14
C17 CLR K . 16.35 0.41 -5.58
C18 CLR K . 18.79 -0.25 -5.90
C19 CLR K . 20.22 -4.57 -4.83
C20 CLR K . 16.73 1.86 -5.25
C21 CLR K . 16.98 2.18 -3.76
C22 CLR K . 15.51 2.69 -5.74
C23 CLR K . 15.36 4.05 -5.02
C24 CLR K . 14.87 5.01 -6.16
C25 CLR K . 14.17 6.24 -5.55
C26 CLR K . 15.12 6.84 -4.49
C27 CLR K . 13.69 7.25 -6.61
O1 CLR K . 19.24 -9.24 -4.59
C1 CLR L . 18.32 -16.88 -22.31
C2 CLR L . 19.12 -18.16 -22.06
C3 CLR L . 20.50 -17.87 -21.44
C4 CLR L . 20.31 -17.00 -20.18
C5 CLR L . 19.43 -15.76 -20.35
C6 CLR L . 19.68 -14.66 -19.62
C7 CLR L . 18.74 -13.44 -19.60
C8 CLR L . 17.34 -13.74 -20.21
C9 CLR L . 17.46 -14.71 -21.42
C10 CLR L . 18.09 -16.05 -21.02
C11 CLR L . 16.13 -14.85 -22.17
C12 CLR L . 15.52 -13.51 -22.57
C13 CLR L . 15.33 -12.58 -21.34
C14 CLR L . 16.76 -12.43 -20.71
C15 CLR L . 16.60 -11.29 -19.67
C16 CLR L . 15.67 -10.27 -20.46
C17 CLR L . 15.05 -11.08 -21.70
C18 CLR L . 14.33 -13.08 -20.30
C19 CLR L . 17.15 -16.81 -20.05
C20 CLR L . 13.60 -10.67 -21.89
C21 CLR L . 12.85 -11.29 -23.10
C22 CLR L . 13.67 -9.13 -22.12
C23 CLR L . 12.60 -8.56 -23.06
C24 CLR L . 12.41 -7.07 -22.56
C25 CLR L . 11.66 -6.22 -23.60
C26 CLR L . 10.42 -7.05 -24.06
C27 CLR L . 11.25 -4.82 -23.09
O1 CLR L . 21.26 -19.05 -21.18
C01 V0U M . 0.03 9.28 -1.76
C03 V0U M . 0.92 7.72 -0.32
C04 V0U M . 1.40 7.37 0.93
C05 V0U M . 1.63 5.96 1.24
C06 V0U M . 1.38 5.02 0.32
C08 V0U M . 0.65 6.74 -1.27
C09 V0U M . 1.71 3.76 0.96
C10 V0U M . 2.15 4.03 2.20
C12 V0U M . 2.56 2.90 3.14
C13 V0U M . 4.09 2.58 3.02
C14 V0U M . 4.98 3.50 3.94
C15 V0U M . 4.70 3.19 5.45
C16 V0U M . 6.47 3.30 3.61
C18 V0U M . 1.13 1.37 1.67
C19 V0U M . 1.63 2.31 0.44
C20 V0U M . 1.26 -0.11 1.28
C23 V0U M . 0.83 -0.51 3.69
C26 V0U M . 2.64 -3.41 3.78
C27 V0U M . 3.87 -3.98 3.51
C28 V0U M . 5.04 -3.33 3.89
C29 V0U M . 4.97 -2.11 4.55
C07 V0U M . 0.88 5.38 -0.97
C24 V0U M . 1.21 -1.57 4.74
C25 V0U M . 2.57 -2.18 4.44
C30 V0U M . 3.74 -1.54 4.83
C31 V0U M . 1.64 0.75 4.01
N11 V0U M . 2.10 5.37 2.39
N17 V0U M . 1.80 1.67 2.92
N22 V0U M . 1.09 -1.07 2.37
O02 V0U M . 0.71 9.05 -0.60
O21 V0U M . 1.46 -0.45 0.17
O32 V0U M . 2.15 0.94 5.07
C1 CLR N . -18.33 -3.32 7.01
C2 CLR N . -18.69 -4.44 7.99
C3 CLR N . -18.01 -4.28 9.36
C4 CLR N . -18.37 -2.88 9.91
C5 CLR N . -18.04 -1.74 8.96
C6 CLR N . -17.33 -0.69 9.39
C7 CLR N . -16.87 0.42 8.44
C8 CLR N . -17.78 0.51 7.19
C9 CLR N . -17.97 -0.90 6.58
C10 CLR N . -18.64 -1.90 7.55
C11 CLR N . -18.65 -0.83 5.21
C12 CLR N . -17.94 0.13 4.23
C13 CLR N . -17.89 1.55 4.85
C14 CLR N . -17.09 1.38 6.18
C15 CLR N . -16.71 2.82 6.63
C16 CLR N . -16.58 3.61 5.26
C17 CLR N . -16.96 2.56 4.11
C18 CLR N . -19.27 2.17 5.12
C19 CLR N . -20.18 -1.65 7.60
C20 CLR N . -17.54 3.34 2.94
C21 CLR N . -17.88 2.52 1.67
C22 CLR N . -16.40 4.36 2.59
C23 CLR N . -16.13 4.52 1.09
C24 CLR N . -16.69 5.96 0.77
C25 CLR N . -15.73 6.75 -0.14
C26 CLR N . -14.32 6.16 0.05
C27 CLR N . -16.17 6.82 -1.62
O1 CLR N . -18.31 -5.31 10.27
C1 CLR O . -21.23 17.88 7.62
C2 CLR O . -21.15 19.41 7.59
C3 CLR O . -21.50 20.02 8.96
C4 CLR O . -20.49 19.45 9.98
C5 CLR O . -20.45 17.93 10.04
C6 CLR O . -20.60 17.30 11.22
C7 CLR O . -20.74 15.79 11.32
C8 CLR O . -20.13 15.09 10.08
C9 CLR O . -20.68 15.76 8.79
C10 CLR O . -20.28 17.25 8.67
C11 CLR O . -20.31 14.95 7.54
C12 CLR O . -20.69 13.46 7.66
C13 CLR O . -20.01 12.83 8.90
C14 CLR O . -20.57 13.66 10.10
C15 CLR O . -20.18 12.85 11.37
C16 CLR O . -20.28 11.36 10.86
C17 CLR O . -20.56 11.43 9.30
C18 CLR O . -18.49 12.82 8.88
C19 CLR O . -18.81 17.37 8.19
C20 CLR O . -19.90 10.23 8.63
C21 CLR O . -20.18 10.04 7.12
C22 CLR O . -20.49 9.00 9.38
C23 CLR O . -20.37 7.71 8.56
C24 CLR O . -19.71 6.69 9.54
C25 CLR O . -20.40 5.31 9.38
C26 CLR O . -21.93 5.55 9.45
C27 CLR O . -19.94 4.49 8.16
O1 CLR O . -21.55 21.43 8.96
C1 CLR P . -17.67 2.30 28.09
C2 CLR P . -18.47 1.26 28.85
C3 CLR P . -19.92 1.18 28.32
C4 CLR P . -19.83 0.78 26.84
C5 CLR P . -18.92 1.65 25.96
C6 CLR P . -19.32 1.96 24.71
C7 CLR P . -18.49 2.84 23.76
C8 CLR P . -17.11 3.23 24.34
C9 CLR P . -17.19 3.38 25.89
C10 CLR P . -17.57 2.05 26.56
C11 CLR P . -15.94 4.04 26.48
C12 CLR P . -15.59 5.37 25.80
C13 CLR P . -15.37 5.15 24.28
C14 CLR P . -16.70 4.55 23.73
C15 CLR P . -16.54 4.60 22.18
C16 CLR P . -15.75 5.95 21.97
C17 CLR P . -15.31 6.45 23.43
C18 CLR P . -14.18 4.25 23.92
C19 CLR P . -16.49 0.99 26.26
C20 CLR P . -13.95 7.16 23.34
C21 CLR P . -13.50 7.89 24.63
C22 CLR P . -14.11 8.23 22.22
C23 CLR P . -13.26 9.50 22.42
C24 CLR P . -12.71 9.80 20.97
C25 CLR P . -12.62 11.31 20.67
C26 CLR P . -13.74 12.04 21.46
C27 CLR P . -11.21 11.93 20.79
O1 CLR P . -20.77 0.33 29.07
#